data_3KCE
# 
_entry.id   3KCE 
# 
_audit_conform.dict_name       mmcif_pdbx.dic 
_audit_conform.dict_version    5.380 
_audit_conform.dict_location   http://mmcif.pdb.org/dictionaries/ascii/mmcif_pdbx.dic 
# 
loop_
_database_2.database_id 
_database_2.database_code 
_database_2.pdbx_database_accession 
_database_2.pdbx_DOI 
PDB   3KCE         pdb_00003kce 10.2210/pdb3kce/pdb 
RCSB  RCSB055815   ?            ?                   
WWPDB D_1000055815 ?            ?                   
# 
loop_
_pdbx_database_related.db_name 
_pdbx_database_related.db_id 
_pdbx_database_related.details 
_pdbx_database_related.content_type 
PDB 3KAB . unspecified 
PDB 3KAC . unspecified 
PDB 3KAD . unspecified 
PDB 3KAF . unspecified 
PDB 3KAG . unspecified 
PDB 3KAH . unspecified 
PDB 3KAI . unspecified 
# 
_pdbx_database_status.status_code                     REL 
_pdbx_database_status.entry_id                        3KCE 
_pdbx_database_status.recvd_initial_deposition_date   2009-10-21 
_pdbx_database_status.deposit_site                    RCSB 
_pdbx_database_status.process_site                    PDBJ 
_pdbx_database_status.status_code_sf                  REL 
_pdbx_database_status.status_code_mr                  ? 
_pdbx_database_status.SG_entry                        ? 
_pdbx_database_status.pdb_format_compatible           Y 
_pdbx_database_status.status_code_cs                  ? 
_pdbx_database_status.status_code_nmr_data            ? 
_pdbx_database_status.methods_development_category    ? 
# 
loop_
_audit_author.name 
_audit_author.pdbx_ordinal 
'Baker, L.M.'    1 
'Dokurno, P.'    2 
'Robinson, D.A.' 3 
'Surgenor, A.E.' 4 
'Murray, J.B.'   5 
'Potter, A.J.'   6 
'Moore, J.D.'    7 
# 
_citation.id                        primary 
_citation.title                     'Structure-guided design of alpha-amino acid-derived Pin1 inhibitors' 
_citation.journal_abbrev            Bioorg.Med.Chem.Lett. 
_citation.journal_volume            20 
_citation.page_first                586 
_citation.page_last                 590 
_citation.year                      2010 
_citation.journal_id_ASTM           BMCLE8 
_citation.country                   UK 
_citation.journal_id_ISSN           0960-894X 
_citation.journal_id_CSD            1127 
_citation.book_publisher            ? 
_citation.pdbx_database_id_PubMed   19969456 
_citation.pdbx_database_id_DOI      10.1016/j.bmcl.2009.11.090 
# 
loop_
_citation_author.citation_id 
_citation_author.name 
_citation_author.ordinal 
_citation_author.identifier_ORCID 
primary 'Potter, A.J.'     1  ? 
primary 'Ray, S.'          2  ? 
primary 'Gueritz, L.'      3  ? 
primary 'Nunns, C.L.'      4  ? 
primary 'Bryant, C.J.'     5  ? 
primary 'Scrace, S.F.'     6  ? 
primary 'Matassova, N.'    7  ? 
primary 'Baker, L.M.'      8  ? 
primary 'Dokurno, P.'      9  ? 
primary 'Robinson, D.A.'   10 ? 
primary 'Surgenor, A.E.'   11 ? 
primary 'Davis, B.'        12 ? 
primary 'Murray, J.B.'     13 ? 
primary 'Richardson, C.M.' 14 ? 
primary 'Moore, J.D.'      15 ? 
# 
_cell.entry_id           3KCE 
_cell.length_a           68.354 
_cell.length_b           68.354 
_cell.length_c           79.849 
_cell.angle_alpha        90.00 
_cell.angle_beta         90.00 
_cell.angle_gamma        120.00 
_cell.Z_PDB              6 
_cell.pdbx_unique_axis   ? 
_cell.length_a_esd       ? 
_cell.length_b_esd       ? 
_cell.length_c_esd       ? 
_cell.angle_alpha_esd    ? 
_cell.angle_beta_esd     ? 
_cell.angle_gamma_esd    ? 
# 
_symmetry.entry_id                         3KCE 
_symmetry.space_group_name_H-M             'P 31 2 1' 
_symmetry.pdbx_full_space_group_name_H-M   ? 
_symmetry.cell_setting                     ? 
_symmetry.Int_Tables_number                152 
_symmetry.space_group_name_Hall            ? 
# 
loop_
_entity.id 
_entity.type 
_entity.src_method 
_entity.pdbx_description 
_entity.formula_weight 
_entity.pdbx_number_of_molecules 
_entity.pdbx_ec 
_entity.pdbx_mutation 
_entity.pdbx_fragment 
_entity.details 
1 polymer     man 'Peptidyl-prolyl cis-trans isomerase NIMA-interacting 1' 18524.525 1   5.2.1.8 R14A ? ? 
2 non-polymer syn 'DODECAETHYLENE GLYCOL'                                  546.646   1   ?       ?    ? ? 
3 non-polymer syn '5-methyl-1H-indole-2-carboxylic acid'                   175.184   1   ?       ?    ? ? 
4 water       nat water                                                    18.015    118 ?       ?    ? ? 
# 
_entity_name_com.entity_id   1 
_entity_name_com.name        'Rotamase Pin1, PPIase Pin1' 
# 
_entity_poly.entity_id                      1 
_entity_poly.type                           'polypeptide(L)' 
_entity_poly.nstd_linkage                   no 
_entity_poly.nstd_monomer                   no 
_entity_poly.pdbx_seq_one_letter_code       
;GSHGMADEEKLPPGWEKAMSRSSGRVYYFNHITNASQWERPSGNSSSGGKNGQGEPARVRCSHLLVKHSQSRRPSSWRQE
KITRTKEEALELINGYIQKIKSGEEDFESLASQFSDCSSAKARGDLGAFSRGQMQKPFEDASFALRTGEMSGPVFTDSGI
HIILRTE
;
_entity_poly.pdbx_seq_one_letter_code_can   
;GSHGMADEEKLPPGWEKAMSRSSGRVYYFNHITNASQWERPSGNSSSGGKNGQGEPARVRCSHLLVKHSQSRRPSSWRQE
KITRTKEEALELINGYIQKIKSGEEDFESLASQFSDCSSAKARGDLGAFSRGQMQKPFEDASFALRTGEMSGPVFTDSGI
HIILRTE
;
_entity_poly.pdbx_strand_id                 A 
_entity_poly.pdbx_target_identifier         ? 
# 
loop_
_entity_poly_seq.entity_id 
_entity_poly_seq.num 
_entity_poly_seq.mon_id 
_entity_poly_seq.hetero 
1 1   GLY n 
1 2   SER n 
1 3   HIS n 
1 4   GLY n 
1 5   MET n 
1 6   ALA n 
1 7   ASP n 
1 8   GLU n 
1 9   GLU n 
1 10  LYS n 
1 11  LEU n 
1 12  PRO n 
1 13  PRO n 
1 14  GLY n 
1 15  TRP n 
1 16  GLU n 
1 17  LYS n 
1 18  ALA n 
1 19  MET n 
1 20  SER n 
1 21  ARG n 
1 22  SER n 
1 23  SER n 
1 24  GLY n 
1 25  ARG n 
1 26  VAL n 
1 27  TYR n 
1 28  TYR n 
1 29  PHE n 
1 30  ASN n 
1 31  HIS n 
1 32  ILE n 
1 33  THR n 
1 34  ASN n 
1 35  ALA n 
1 36  SER n 
1 37  GLN n 
1 38  TRP n 
1 39  GLU n 
1 40  ARG n 
1 41  PRO n 
1 42  SER n 
1 43  GLY n 
1 44  ASN n 
1 45  SER n 
1 46  SER n 
1 47  SER n 
1 48  GLY n 
1 49  GLY n 
1 50  LYS n 
1 51  ASN n 
1 52  GLY n 
1 53  GLN n 
1 54  GLY n 
1 55  GLU n 
1 56  PRO n 
1 57  ALA n 
1 58  ARG n 
1 59  VAL n 
1 60  ARG n 
1 61  CYS n 
1 62  SER n 
1 63  HIS n 
1 64  LEU n 
1 65  LEU n 
1 66  VAL n 
1 67  LYS n 
1 68  HIS n 
1 69  SER n 
1 70  GLN n 
1 71  SER n 
1 72  ARG n 
1 73  ARG n 
1 74  PRO n 
1 75  SER n 
1 76  SER n 
1 77  TRP n 
1 78  ARG n 
1 79  GLN n 
1 80  GLU n 
1 81  LYS n 
1 82  ILE n 
1 83  THR n 
1 84  ARG n 
1 85  THR n 
1 86  LYS n 
1 87  GLU n 
1 88  GLU n 
1 89  ALA n 
1 90  LEU n 
1 91  GLU n 
1 92  LEU n 
1 93  ILE n 
1 94  ASN n 
1 95  GLY n 
1 96  TYR n 
1 97  ILE n 
1 98  GLN n 
1 99  LYS n 
1 100 ILE n 
1 101 LYS n 
1 102 SER n 
1 103 GLY n 
1 104 GLU n 
1 105 GLU n 
1 106 ASP n 
1 107 PHE n 
1 108 GLU n 
1 109 SER n 
1 110 LEU n 
1 111 ALA n 
1 112 SER n 
1 113 GLN n 
1 114 PHE n 
1 115 SER n 
1 116 ASP n 
1 117 CYS n 
1 118 SER n 
1 119 SER n 
1 120 ALA n 
1 121 LYS n 
1 122 ALA n 
1 123 ARG n 
1 124 GLY n 
1 125 ASP n 
1 126 LEU n 
1 127 GLY n 
1 128 ALA n 
1 129 PHE n 
1 130 SER n 
1 131 ARG n 
1 132 GLY n 
1 133 GLN n 
1 134 MET n 
1 135 GLN n 
1 136 LYS n 
1 137 PRO n 
1 138 PHE n 
1 139 GLU n 
1 140 ASP n 
1 141 ALA n 
1 142 SER n 
1 143 PHE n 
1 144 ALA n 
1 145 LEU n 
1 146 ARG n 
1 147 THR n 
1 148 GLY n 
1 149 GLU n 
1 150 MET n 
1 151 SER n 
1 152 GLY n 
1 153 PRO n 
1 154 VAL n 
1 155 PHE n 
1 156 THR n 
1 157 ASP n 
1 158 SER n 
1 159 GLY n 
1 160 ILE n 
1 161 HIS n 
1 162 ILE n 
1 163 ILE n 
1 164 LEU n 
1 165 ARG n 
1 166 THR n 
1 167 GLU n 
# 
_entity_src_gen.entity_id                          1 
_entity_src_gen.pdbx_src_id                        1 
_entity_src_gen.pdbx_alt_source_flag               sample 
_entity_src_gen.pdbx_seq_type                      ? 
_entity_src_gen.pdbx_beg_seq_num                   ? 
_entity_src_gen.pdbx_end_seq_num                   ? 
_entity_src_gen.gene_src_common_name               human 
_entity_src_gen.gene_src_genus                     ? 
_entity_src_gen.pdbx_gene_src_gene                 PIN1 
_entity_src_gen.gene_src_species                   ? 
_entity_src_gen.gene_src_strain                    ? 
_entity_src_gen.gene_src_tissue                    ? 
_entity_src_gen.gene_src_tissue_fraction           ? 
_entity_src_gen.gene_src_details                   ? 
_entity_src_gen.pdbx_gene_src_fragment             ? 
_entity_src_gen.pdbx_gene_src_scientific_name      'Homo sapiens' 
_entity_src_gen.pdbx_gene_src_ncbi_taxonomy_id     9606 
_entity_src_gen.pdbx_gene_src_variant              ? 
_entity_src_gen.pdbx_gene_src_cell_line            ? 
_entity_src_gen.pdbx_gene_src_atcc                 ? 
_entity_src_gen.pdbx_gene_src_organ                ? 
_entity_src_gen.pdbx_gene_src_organelle            ? 
_entity_src_gen.pdbx_gene_src_cell                 ? 
_entity_src_gen.pdbx_gene_src_cellular_location    ? 
_entity_src_gen.host_org_common_name               ? 
_entity_src_gen.pdbx_host_org_scientific_name      'Escherichia coli' 
_entity_src_gen.pdbx_host_org_ncbi_taxonomy_id     469008 
_entity_src_gen.host_org_genus                     ? 
_entity_src_gen.pdbx_host_org_gene                 ? 
_entity_src_gen.pdbx_host_org_organ                ? 
_entity_src_gen.host_org_species                   ? 
_entity_src_gen.pdbx_host_org_tissue               ? 
_entity_src_gen.pdbx_host_org_tissue_fraction      ? 
_entity_src_gen.pdbx_host_org_strain               'BL21 (DE3)' 
_entity_src_gen.pdbx_host_org_variant              ? 
_entity_src_gen.pdbx_host_org_cell_line            ? 
_entity_src_gen.pdbx_host_org_atcc                 ? 
_entity_src_gen.pdbx_host_org_culture_collection   ? 
_entity_src_gen.pdbx_host_org_cell                 ? 
_entity_src_gen.pdbx_host_org_organelle            ? 
_entity_src_gen.pdbx_host_org_cellular_location    ? 
_entity_src_gen.pdbx_host_org_vector_type          plasmid 
_entity_src_gen.pdbx_host_org_vector               ? 
_entity_src_gen.host_org_details                   ? 
_entity_src_gen.expression_system_id               ? 
_entity_src_gen.plasmid_name                       PET28A 
_entity_src_gen.plasmid_details                    ? 
_entity_src_gen.pdbx_description                   ? 
# 
_struct_ref.id                         1 
_struct_ref.db_name                    UNP 
_struct_ref.db_code                    PIN1_HUMAN 
_struct_ref.pdbx_db_accession          Q13526 
_struct_ref.entity_id                  1 
_struct_ref.pdbx_seq_one_letter_code   
;MADEEKLPPGWEKRMSRSSGRVYYFNHITNASQWERPSGNSSSGGKNGQGEPARVRCSHLLVKHSQSRRPSSWRQEKITR
TKEEALELINGYIQKIKSGEEDFESLASQFSDCSSAKARGDLGAFSRGQMQKPFEDASFALRTGEMSGPVFTDSGIHIIL
RTE
;
_struct_ref.pdbx_align_begin           1 
_struct_ref.pdbx_db_isoform            ? 
# 
_struct_ref_seq.align_id                      1 
_struct_ref_seq.ref_id                        1 
_struct_ref_seq.pdbx_PDB_id_code              3KCE 
_struct_ref_seq.pdbx_strand_id                A 
_struct_ref_seq.seq_align_beg                 5 
_struct_ref_seq.pdbx_seq_align_beg_ins_code   ? 
_struct_ref_seq.seq_align_end                 167 
_struct_ref_seq.pdbx_seq_align_end_ins_code   ? 
_struct_ref_seq.pdbx_db_accession             Q13526 
_struct_ref_seq.db_align_beg                  1 
_struct_ref_seq.pdbx_db_align_beg_ins_code    ? 
_struct_ref_seq.db_align_end                  163 
_struct_ref_seq.pdbx_db_align_end_ins_code    ? 
_struct_ref_seq.pdbx_auth_seq_align_beg       1 
_struct_ref_seq.pdbx_auth_seq_align_end       163 
# 
loop_
_struct_ref_seq_dif.align_id 
_struct_ref_seq_dif.pdbx_pdb_id_code 
_struct_ref_seq_dif.mon_id 
_struct_ref_seq_dif.pdbx_pdb_strand_id 
_struct_ref_seq_dif.seq_num 
_struct_ref_seq_dif.pdbx_pdb_ins_code 
_struct_ref_seq_dif.pdbx_seq_db_name 
_struct_ref_seq_dif.pdbx_seq_db_accession_code 
_struct_ref_seq_dif.db_mon_id 
_struct_ref_seq_dif.pdbx_seq_db_seq_num 
_struct_ref_seq_dif.details 
_struct_ref_seq_dif.pdbx_auth_seq_num 
_struct_ref_seq_dif.pdbx_ordinal 
1 3KCE GLY A 1  ? UNP Q13526 ?   ?  'expression tag'      -3 1 
1 3KCE SER A 2  ? UNP Q13526 ?   ?  'expression tag'      -2 2 
1 3KCE HIS A 3  ? UNP Q13526 ?   ?  'expression tag'      -1 3 
1 3KCE GLY A 4  ? UNP Q13526 ?   ?  'expression tag'      0  4 
1 3KCE ALA A 18 ? UNP Q13526 ARG 14 'engineered mutation' 14 5 
# 
loop_
_chem_comp.id 
_chem_comp.type 
_chem_comp.mon_nstd_flag 
_chem_comp.name 
_chem_comp.pdbx_synonyms 
_chem_comp.formula 
_chem_comp.formula_weight 
12P non-polymer         . 'DODECAETHYLENE GLYCOL'                'POLYETHYLENE GLYCOL PEG400' 'C24 H50 O13'    546.646 
4BY non-polymer         . '5-methyl-1H-indole-2-carboxylic acid' ?                            'C10 H9 N O2'    175.184 
ALA 'L-peptide linking' y ALANINE                                ?                            'C3 H7 N O2'     89.093  
ARG 'L-peptide linking' y ARGININE                               ?                            'C6 H15 N4 O2 1' 175.209 
ASN 'L-peptide linking' y ASPARAGINE                             ?                            'C4 H8 N2 O3'    132.118 
ASP 'L-peptide linking' y 'ASPARTIC ACID'                        ?                            'C4 H7 N O4'     133.103 
CYS 'L-peptide linking' y CYSTEINE                               ?                            'C3 H7 N O2 S'   121.158 
GLN 'L-peptide linking' y GLUTAMINE                              ?                            'C5 H10 N2 O3'   146.144 
GLU 'L-peptide linking' y 'GLUTAMIC ACID'                        ?                            'C5 H9 N O4'     147.129 
GLY 'peptide linking'   y GLYCINE                                ?                            'C2 H5 N O2'     75.067  
HIS 'L-peptide linking' y HISTIDINE                              ?                            'C6 H10 N3 O2 1' 156.162 
HOH non-polymer         . WATER                                  ?                            'H2 O'           18.015  
ILE 'L-peptide linking' y ISOLEUCINE                             ?                            'C6 H13 N O2'    131.173 
LEU 'L-peptide linking' y LEUCINE                                ?                            'C6 H13 N O2'    131.173 
LYS 'L-peptide linking' y LYSINE                                 ?                            'C6 H15 N2 O2 1' 147.195 
MET 'L-peptide linking' y METHIONINE                             ?                            'C5 H11 N O2 S'  149.211 
PHE 'L-peptide linking' y PHENYLALANINE                          ?                            'C9 H11 N O2'    165.189 
PRO 'L-peptide linking' y PROLINE                                ?                            'C5 H9 N O2'     115.130 
SER 'L-peptide linking' y SERINE                                 ?                            'C3 H7 N O3'     105.093 
THR 'L-peptide linking' y THREONINE                              ?                            'C4 H9 N O3'     119.119 
TRP 'L-peptide linking' y TRYPTOPHAN                             ?                            'C11 H12 N2 O2'  204.225 
TYR 'L-peptide linking' y TYROSINE                               ?                            'C9 H11 N O3'    181.189 
VAL 'L-peptide linking' y VALINE                                 ?                            'C5 H11 N O2'    117.146 
# 
_exptl.entry_id          3KCE 
_exptl.method            'X-RAY DIFFRACTION' 
_exptl.crystals_number   1 
# 
_exptl_crystal.id                    1 
_exptl_crystal.density_meas          ? 
_exptl_crystal.density_Matthews      2.91 
_exptl_crystal.density_percent_sol   57.69 
_exptl_crystal.description           ? 
_exptl_crystal.F_000                 ? 
_exptl_crystal.preparation           ? 
# 
_exptl_crystal_grow.crystal_id      1 
_exptl_crystal_grow.method          'VAPOR DIFFUSION, HANGING DROP' 
_exptl_crystal_grow.temp            277 
_exptl_crystal_grow.temp_details    ? 
_exptl_crystal_grow.pH              7.5 
_exptl_crystal_grow.pdbx_details    
'2.2M Ammonium sulphate, 0.1M HEPES buffer, 1% PEG 400, 5mM DTT, pH 7.5, VAPOR DIFFUSION, HANGING DROP, temperature 277K' 
_exptl_crystal_grow.pdbx_pH_range   . 
# 
_diffrn.id                     1 
_diffrn.ambient_temp           100 
_diffrn.ambient_temp_details   ? 
_diffrn.crystal_id             1 
# 
_diffrn_detector.diffrn_id              1 
_diffrn_detector.detector               'IMAGE PLATE' 
_diffrn_detector.type                   'RIGAKU RAXIS IV++' 
_diffrn_detector.pdbx_collection_date   2009-10-19 
_diffrn_detector.details                mirrors 
# 
_diffrn_radiation.diffrn_id                        1 
_diffrn_radiation.wavelength_id                    1 
_diffrn_radiation.pdbx_monochromatic_or_laue_m_l   M 
_diffrn_radiation.monochromator                    mirrors 
_diffrn_radiation.pdbx_diffrn_protocol             'SINGLE WAVELENGTH' 
_diffrn_radiation.pdbx_scattering_type             x-ray 
# 
_diffrn_radiation_wavelength.id           1 
_diffrn_radiation_wavelength.wavelength   1.5418 
_diffrn_radiation_wavelength.wt           1.0 
# 
_diffrn_source.diffrn_id                   1 
_diffrn_source.source                      'ROTATING ANODE' 
_diffrn_source.type                        'RIGAKU RUH3R' 
_diffrn_source.pdbx_synchrotron_site       ? 
_diffrn_source.pdbx_synchrotron_beamline   ? 
_diffrn_source.pdbx_wavelength             ? 
_diffrn_source.pdbx_wavelength_list        1.5418 
# 
_reflns.entry_id                     3KCE 
_reflns.observed_criterion_sigma_I   1 
_reflns.observed_criterion_sigma_F   1 
_reflns.d_resolution_low             27.8 
_reflns.d_resolution_high            1.90 
_reflns.number_obs                   16739 
_reflns.number_all                   16739 
_reflns.percent_possible_obs         95.9 
_reflns.pdbx_Rmerge_I_obs            0.040 
_reflns.pdbx_Rsym_value              ? 
_reflns.pdbx_netI_over_sigmaI        8.3 
_reflns.B_iso_Wilson_estimate        ? 
_reflns.pdbx_redundancy              3.1 
_reflns.R_free_details               ? 
_reflns.limit_h_max                  ? 
_reflns.limit_h_min                  ? 
_reflns.limit_k_max                  ? 
_reflns.limit_k_min                  ? 
_reflns.limit_l_max                  ? 
_reflns.limit_l_min                  ? 
_reflns.observed_criterion_F_max     ? 
_reflns.observed_criterion_F_min     ? 
_reflns.pdbx_chi_squared             ? 
_reflns.pdbx_scaling_rejects         ? 
_reflns.pdbx_diffrn_id               1 
_reflns.pdbx_ordinal                 1 
# 
_reflns_shell.d_res_high             1.90 
_reflns_shell.d_res_low              1.97 
_reflns_shell.percent_possible_all   97.9 
_reflns_shell.Rmerge_I_obs           0.239 
_reflns_shell.pdbx_Rsym_value        ? 
_reflns_shell.meanI_over_sigI_obs    2.5 
_reflns_shell.pdbx_redundancy        2.7 
_reflns_shell.percent_possible_obs   ? 
_reflns_shell.number_unique_all      1436 
_reflns_shell.number_measured_all    ? 
_reflns_shell.number_measured_obs    ? 
_reflns_shell.number_unique_obs      ? 
_reflns_shell.pdbx_chi_squared       ? 
_reflns_shell.pdbx_diffrn_id         ? 
_reflns_shell.pdbx_ordinal           1 
# 
_refine.entry_id                                 3KCE 
_refine.ls_number_reflns_obs                     15882 
_refine.ls_number_reflns_all                     15882 
_refine.pdbx_ls_sigma_I                          ? 
_refine.pdbx_ls_sigma_F                          ? 
_refine.pdbx_data_cutoff_high_absF               ? 
_refine.pdbx_data_cutoff_low_absF                ? 
_refine.pdbx_data_cutoff_high_rms_absF           ? 
_refine.ls_d_res_low                             25.00 
_refine.ls_d_res_high                            1.90 
_refine.ls_percent_reflns_obs                    95.91 
_refine.ls_R_factor_obs                          0.21672 
_refine.ls_R_factor_all                          0.21672 
_refine.ls_R_factor_R_work                       0.21475 
_refine.ls_R_factor_R_free                       0.25376 
_refine.ls_R_factor_R_free_error                 ? 
_refine.ls_R_factor_R_free_error_details         ? 
_refine.ls_percent_reflns_R_free                 5.1 
_refine.ls_number_reflns_R_free                  852 
_refine.ls_number_parameters                     ? 
_refine.ls_number_restraints                     ? 
_refine.occupancy_min                            ? 
_refine.occupancy_max                            ? 
_refine.correlation_coeff_Fo_to_Fc               0.954 
_refine.correlation_coeff_Fo_to_Fc_free          0.941 
_refine.B_iso_mean                               31.905 
_refine.aniso_B[1][1]                            1.46 
_refine.aniso_B[2][2]                            1.46 
_refine.aniso_B[3][3]                            -2.19 
_refine.aniso_B[1][2]                            0.73 
_refine.aniso_B[1][3]                            0.00 
_refine.aniso_B[2][3]                            0.00 
_refine.solvent_model_details                    MASK 
_refine.solvent_model_param_ksol                 ? 
_refine.solvent_model_param_bsol                 ? 
_refine.pdbx_solvent_vdw_probe_radii             1.20 
_refine.pdbx_solvent_ion_probe_radii             0.80 
_refine.pdbx_solvent_shrinkage_radii             0.80 
_refine.pdbx_ls_cross_valid_method               THROUGHOUT 
_refine.details                                  'HYDROGENS HAVE BEEN ADDED IN THE RIDING POSITIONS' 
_refine.pdbx_starting_model                      'PDB ENTRY 1PIN' 
_refine.pdbx_method_to_determine_struct          'MOLECULAR REPLACEMENT' 
_refine.pdbx_isotropic_thermal_model             ? 
_refine.pdbx_stereochemistry_target_values       'MAXIMUM LIKELIHOOD' 
_refine.pdbx_stereochem_target_val_spec_case     ? 
_refine.pdbx_R_Free_selection_details            RANDOM 
_refine.pdbx_overall_ESU_R                       0.148 
_refine.pdbx_overall_ESU_R_Free                  0.143 
_refine.overall_SU_ML                            0.101 
_refine.overall_SU_B                             3.418 
_refine.ls_redundancy_reflns_obs                 ? 
_refine.B_iso_min                                ? 
_refine.B_iso_max                                ? 
_refine.overall_SU_R_Cruickshank_DPI             ? 
_refine.overall_SU_R_free                        ? 
_refine.ls_wR_factor_R_free                      ? 
_refine.ls_wR_factor_R_work                      ? 
_refine.overall_FOM_free_R_set                   ? 
_refine.overall_FOM_work_R_set                   ? 
_refine.pdbx_refine_id                           'X-RAY DIFFRACTION' 
_refine.pdbx_overall_phase_error                 ? 
_refine.pdbx_diffrn_id                           1 
_refine.pdbx_TLS_residual_ADP_flag               ? 
_refine.pdbx_overall_SU_R_free_Cruickshank_DPI   ? 
_refine.pdbx_overall_SU_R_Blow_DPI               ? 
_refine.pdbx_overall_SU_R_free_Blow_DPI          ? 
# 
_refine_hist.pdbx_refine_id                   'X-RAY DIFFRACTION' 
_refine_hist.cycle_id                         LAST 
_refine_hist.pdbx_number_atoms_protein        1154 
_refine_hist.pdbx_number_atoms_nucleic_acid   0 
_refine_hist.pdbx_number_atoms_ligand         37 
_refine_hist.number_atoms_solvent             118 
_refine_hist.number_atoms_total               1309 
_refine_hist.d_res_high                       1.90 
_refine_hist.d_res_low                        25.00 
# 
loop_
_refine_ls_restr.type 
_refine_ls_restr.dev_ideal 
_refine_ls_restr.dev_ideal_target 
_refine_ls_restr.weight 
_refine_ls_restr.number 
_refine_ls_restr.pdbx_refine_id 
_refine_ls_restr.pdbx_restraint_function 
r_bond_refined_d         0.015  0.022  ? 1216 'X-RAY DIFFRACTION' ? 
r_angle_refined_deg      1.466  1.988  ? 1627 'X-RAY DIFFRACTION' ? 
r_dihedral_angle_1_deg   6.395  5.000  ? 144  'X-RAY DIFFRACTION' ? 
r_dihedral_angle_2_deg   32.180 22.807 ? 57   'X-RAY DIFFRACTION' ? 
r_dihedral_angle_3_deg   14.404 15.000 ? 207  'X-RAY DIFFRACTION' ? 
r_dihedral_angle_4_deg   18.205 15.000 ? 12   'X-RAY DIFFRACTION' ? 
r_chiral_restr           0.096  0.200  ? 163  'X-RAY DIFFRACTION' ? 
r_gen_planes_refined     0.006  0.020  ? 922  'X-RAY DIFFRACTION' ? 
r_nbd_refined            0.203  0.200  ? 567  'X-RAY DIFFRACTION' ? 
r_nbtor_refined          0.303  0.200  ? 806  'X-RAY DIFFRACTION' ? 
r_xyhbond_nbd_refined    0.136  0.200  ? 112  'X-RAY DIFFRACTION' ? 
r_symmetry_vdw_refined   0.202  0.200  ? 35   'X-RAY DIFFRACTION' ? 
r_symmetry_hbond_refined 0.267  0.200  ? 12   'X-RAY DIFFRACTION' ? 
r_mcbond_it              0.963  1.500  ? 756  'X-RAY DIFFRACTION' ? 
r_mcangle_it             1.563  2.000  ? 1160 'X-RAY DIFFRACTION' ? 
r_scbond_it              2.614  3.000  ? 540  'X-RAY DIFFRACTION' ? 
r_scangle_it             3.880  4.500  ? 467  'X-RAY DIFFRACTION' ? 
# 
_refine_ls_shell.pdbx_total_number_of_bins_used   20 
_refine_ls_shell.d_res_high                       1.900 
_refine_ls_shell.d_res_low                        1.949 
_refine_ls_shell.number_reflns_R_work             1187 
_refine_ls_shell.R_factor_R_work                  0.292 
_refine_ls_shell.percent_reflns_obs               97.64 
_refine_ls_shell.R_factor_R_free                  0.374 
_refine_ls_shell.R_factor_R_free_error            ? 
_refine_ls_shell.percent_reflns_R_free            ? 
_refine_ls_shell.number_reflns_R_free             54 
_refine_ls_shell.number_reflns_all                ? 
_refine_ls_shell.R_factor_all                     ? 
_refine_ls_shell.number_reflns_obs                1241 
_refine_ls_shell.redundancy_reflns_obs            ? 
_refine_ls_shell.pdbx_refine_id                   'X-RAY DIFFRACTION' 
# 
_struct.entry_id                  3KCE 
_struct.title                     'Structure-guided design of alpha-amino acid-derived Pin1 inhibitors' 
_struct.pdbx_model_details        ? 
_struct.pdbx_CASP_flag            ? 
_struct.pdbx_model_type_details   ? 
# 
_struct_keywords.entry_id        3KCE 
_struct_keywords.pdbx_keywords   ISOMERASE 
_struct_keywords.text            
;SBDD, PPIASE, ISOMERASE, ROTAMASE, SMALL MOLECULE, Proline directed kinase, cell cycle, Oncogenic transformation, Nucleus, Phosphoprotein
;
# 
loop_
_struct_asym.id 
_struct_asym.pdbx_blank_PDB_chainid_flag 
_struct_asym.pdbx_modified 
_struct_asym.entity_id 
_struct_asym.details 
A N N 1 ? 
B N N 2 ? 
C N N 3 ? 
D N N 4 ? 
# 
_struct_biol.id        1 
_struct_biol.details   ? 
# 
loop_
_struct_conf.conf_type_id 
_struct_conf.id 
_struct_conf.pdbx_PDB_helix_id 
_struct_conf.beg_label_comp_id 
_struct_conf.beg_label_asym_id 
_struct_conf.beg_label_seq_id 
_struct_conf.pdbx_beg_PDB_ins_code 
_struct_conf.end_label_comp_id 
_struct_conf.end_label_asym_id 
_struct_conf.end_label_seq_id 
_struct_conf.pdbx_end_PDB_ins_code 
_struct_conf.beg_auth_comp_id 
_struct_conf.beg_auth_asym_id 
_struct_conf.beg_auth_seq_id 
_struct_conf.end_auth_comp_id 
_struct_conf.end_auth_asym_id 
_struct_conf.end_auth_seq_id 
_struct_conf.pdbx_PDB_helix_class 
_struct_conf.details 
_struct_conf.pdbx_PDB_helix_length 
HELX_P HELX_P1 1 THR A 85  ? GLY A 103 ? THR A 81  GLY A 99  1 ? 19 
HELX_P HELX_P2 2 ASP A 106 ? SER A 115 ? ASP A 102 SER A 111 1 ? 10 
HELX_P HELX_P3 3 CYS A 117 ? ARG A 123 ? CYS A 113 ARG A 119 5 ? 7  
HELX_P HELX_P4 4 GLN A 135 ? LEU A 145 ? GLN A 131 LEU A 141 1 ? 11 
# 
_struct_conf_type.id          HELX_P 
_struct_conf_type.criteria    ? 
_struct_conf_type.reference   ? 
# 
loop_
_struct_sheet.id 
_struct_sheet.type 
_struct_sheet.number_strands 
_struct_sheet.details 
A ? 3 ? 
B ? 4 ? 
# 
loop_
_struct_sheet_order.sheet_id 
_struct_sheet_order.range_id_1 
_struct_sheet_order.range_id_2 
_struct_sheet_order.offset 
_struct_sheet_order.sense 
A 1 2 ? anti-parallel 
A 2 3 ? anti-parallel 
B 1 2 ? anti-parallel 
B 2 3 ? anti-parallel 
B 3 4 ? anti-parallel 
# 
loop_
_struct_sheet_range.sheet_id 
_struct_sheet_range.id 
_struct_sheet_range.beg_label_comp_id 
_struct_sheet_range.beg_label_asym_id 
_struct_sheet_range.beg_label_seq_id 
_struct_sheet_range.pdbx_beg_PDB_ins_code 
_struct_sheet_range.end_label_comp_id 
_struct_sheet_range.end_label_asym_id 
_struct_sheet_range.end_label_seq_id 
_struct_sheet_range.pdbx_end_PDB_ins_code 
_struct_sheet_range.beg_auth_comp_id 
_struct_sheet_range.beg_auth_asym_id 
_struct_sheet_range.beg_auth_seq_id 
_struct_sheet_range.end_auth_comp_id 
_struct_sheet_range.end_auth_asym_id 
_struct_sheet_range.end_auth_seq_id 
A 1 TRP A 15  ? MET A 19  ? TRP A 11  MET A 15  
A 2 VAL A 26  ? ASN A 30  ? VAL A 22  ASN A 26  
A 3 SER A 36  ? GLN A 37  ? SER A 32  GLN A 33  
B 1 ASP A 125 ? SER A 130 ? ASP A 121 SER A 126 
B 2 ARG A 58  ? VAL A 66  ? ARG A 54  VAL A 62  
B 3 GLY A 159 ? GLU A 167 ? GLY A 155 GLU A 163 
B 4 VAL A 154 ? THR A 156 ? VAL A 150 THR A 152 
# 
loop_
_pdbx_struct_sheet_hbond.sheet_id 
_pdbx_struct_sheet_hbond.range_id_1 
_pdbx_struct_sheet_hbond.range_id_2 
_pdbx_struct_sheet_hbond.range_1_label_atom_id 
_pdbx_struct_sheet_hbond.range_1_label_comp_id 
_pdbx_struct_sheet_hbond.range_1_label_asym_id 
_pdbx_struct_sheet_hbond.range_1_label_seq_id 
_pdbx_struct_sheet_hbond.range_1_PDB_ins_code 
_pdbx_struct_sheet_hbond.range_1_auth_atom_id 
_pdbx_struct_sheet_hbond.range_1_auth_comp_id 
_pdbx_struct_sheet_hbond.range_1_auth_asym_id 
_pdbx_struct_sheet_hbond.range_1_auth_seq_id 
_pdbx_struct_sheet_hbond.range_2_label_atom_id 
_pdbx_struct_sheet_hbond.range_2_label_comp_id 
_pdbx_struct_sheet_hbond.range_2_label_asym_id 
_pdbx_struct_sheet_hbond.range_2_label_seq_id 
_pdbx_struct_sheet_hbond.range_2_PDB_ins_code 
_pdbx_struct_sheet_hbond.range_2_auth_atom_id 
_pdbx_struct_sheet_hbond.range_2_auth_comp_id 
_pdbx_struct_sheet_hbond.range_2_auth_asym_id 
_pdbx_struct_sheet_hbond.range_2_auth_seq_id 
A 1 2 N GLU A 16  ? N GLU A 12  O PHE A 29  ? O PHE A 25  
A 2 3 N TYR A 28  ? N TYR A 24  O GLN A 37  ? O GLN A 33  
B 1 2 O LEU A 126 ? O LEU A 122 N CYS A 61  ? N CYS A 57  
B 2 3 N SER A 62  ? N SER A 58  O LEU A 164 ? O LEU A 160 
B 3 4 O HIS A 161 ? O HIS A 157 N VAL A 154 ? N VAL A 150 
# 
loop_
_struct_site.id 
_struct_site.pdbx_evidence_code 
_struct_site.pdbx_auth_asym_id 
_struct_site.pdbx_auth_comp_id 
_struct_site.pdbx_auth_seq_id 
_struct_site.pdbx_auth_ins_code 
_struct_site.pdbx_num_residues 
_struct_site.details 
AC1 Software A 12P 164 ? 15 'BINDING SITE FOR RESIDUE 12P A 164' 
AC2 Software A 4BY 165 ? 11 'BINDING SITE FOR RESIDUE 4BY A 165' 
# 
loop_
_struct_site_gen.id 
_struct_site_gen.site_id 
_struct_site_gen.pdbx_num_res 
_struct_site_gen.label_comp_id 
_struct_site_gen.label_asym_id 
_struct_site_gen.label_seq_id 
_struct_site_gen.pdbx_auth_ins_code 
_struct_site_gen.auth_comp_id 
_struct_site_gen.auth_asym_id 
_struct_site_gen.auth_seq_id 
_struct_site_gen.label_atom_id 
_struct_site_gen.label_alt_id 
_struct_site_gen.symmetry 
_struct_site_gen.details 
1  AC1 15 TYR A 27  ? TYR A 23  . ? 1_555 ? 
2  AC1 15 ALA A 35  ? ALA A 31  . ? 1_555 ? 
3  AC1 15 SER A 36  ? SER A 32  . ? 1_555 ? 
4  AC1 15 GLN A 37  ? GLN A 33  . ? 1_555 ? 
5  AC1 15 TRP A 38  ? TRP A 34  . ? 1_555 ? 
6  AC1 15 GLU A 39  ? GLU A 35  . ? 6_555 ? 
7  AC1 15 ILE A 97  ? ILE A 93  . ? 1_555 ? 
8  AC1 15 LYS A 101 ? LYS A 97  . ? 6_555 ? 
9  AC1 15 LYS A 101 ? LYS A 97  . ? 1_555 ? 
10 AC1 15 SER A 102 ? SER A 98  . ? 6_555 ? 
11 AC1 15 MET A 150 ? MET A 146 . ? 1_555 ? 
12 AC1 15 SER A 151 ? SER A 147 . ? 1_555 ? 
13 AC1 15 HOH D .   ? HOH A 226 . ? 1_555 ? 
14 AC1 15 HOH D .   ? HOH A 236 . ? 1_555 ? 
15 AC1 15 HOH D .   ? HOH A 259 . ? 6_555 ? 
16 AC2 11 HIS A 63  ? HIS A 59  . ? 1_555 ? 
17 AC2 11 LYS A 67  ? LYS A 63  . ? 1_555 ? 
18 AC2 11 CYS A 117 ? CYS A 113 . ? 1_555 ? 
19 AC2 11 GLN A 135 ? GLN A 131 . ? 1_555 ? 
20 AC2 11 PHE A 138 ? PHE A 134 . ? 1_555 ? 
21 AC2 11 SER A 158 ? SER A 154 . ? 1_555 ? 
22 AC2 11 HIS A 161 ? HIS A 157 . ? 1_555 ? 
23 AC2 11 HOH D .   ? HOH A 172 . ? 1_555 ? 
24 AC2 11 HOH D .   ? HOH A 177 . ? 1_555 ? 
25 AC2 11 HOH D .   ? HOH A 180 . ? 1_555 ? 
26 AC2 11 HOH D .   ? HOH A 195 . ? 1_555 ? 
# 
_atom_sites.entry_id                    3KCE 
_atom_sites.fract_transf_matrix[1][1]   -0.00231751 
_atom_sites.fract_transf_matrix[1][2]   -0.01300719 
_atom_sites.fract_transf_matrix[1][3]   -0.01052682 
_atom_sites.fract_transf_matrix[2][1]   -0.01564919 
_atom_sites.fract_transf_matrix[2][2]   -0.00482419 
_atom_sites.fract_transf_matrix[2][3]   -0.00414769 
_atom_sites.fract_transf_matrix[3][1]   0.00016046 
_atom_sites.fract_transf_matrix[3][2]   0.00786087 
_atom_sites.fract_transf_matrix[3][3]   -0.00974841 
_atom_sites.fract_transf_vector[1]      0.240345 
_atom_sites.fract_transf_vector[2]      0.605562 
_atom_sites.fract_transf_vector[3]      0.185328 
# 
loop_
_atom_type.symbol 
C 
N 
O 
S 
# 
loop_
_atom_site.group_PDB 
_atom_site.id 
_atom_site.type_symbol 
_atom_site.label_atom_id 
_atom_site.label_alt_id 
_atom_site.label_comp_id 
_atom_site.label_asym_id 
_atom_site.label_entity_id 
_atom_site.label_seq_id 
_atom_site.pdbx_PDB_ins_code 
_atom_site.Cartn_x 
_atom_site.Cartn_y 
_atom_site.Cartn_z 
_atom_site.occupancy 
_atom_site.B_iso_or_equiv 
_atom_site.pdbx_formal_charge 
_atom_site.auth_seq_id 
_atom_site.auth_comp_id 
_atom_site.auth_asym_id 
_atom_site.auth_atom_id 
_atom_site.pdbx_PDB_model_num 
ATOM   1    N N   . LYS A 1 10  ? 21.333  11.987  -2.175  1.00 49.63 ? 6   LYS A N   1 
ATOM   2    C CA  . LYS A 1 10  ? 21.289  11.969  -0.685  1.00 48.84 ? 6   LYS A CA  1 
ATOM   3    C C   . LYS A 1 10  ? 20.065  11.212  -0.147  1.00 48.62 ? 6   LYS A C   1 
ATOM   4    O O   . LYS A 1 10  ? 20.051  10.818  1.030   1.00 49.07 ? 6   LYS A O   1 
ATOM   5    C CB  . LYS A 1 10  ? 21.303  13.398  -0.122  1.00 49.14 ? 6   LYS A CB  1 
ATOM   6    N N   . LEU A 1 11  ? 19.045  11.013  -0.993  1.00 47.37 ? 7   LEU A N   1 
ATOM   7    C CA  . LEU A 1 11  ? 17.787  10.368  -0.554  1.00 45.85 ? 7   LEU A CA  1 
ATOM   8    C C   . LEU A 1 11  ? 17.710  8.932   -1.054  1.00 44.64 ? 7   LEU A C   1 
ATOM   9    O O   . LEU A 1 11  ? 18.167  8.655   -2.151  1.00 44.57 ? 7   LEU A O   1 
ATOM   10   C CB  . LEU A 1 11  ? 16.556  11.150  -1.057  1.00 45.55 ? 7   LEU A CB  1 
ATOM   11   C CG  . LEU A 1 11  ? 16.328  12.611  -0.641  1.00 46.26 ? 7   LEU A CG  1 
ATOM   12   C CD1 . LEU A 1 11  ? 15.096  13.210  -1.329  1.00 45.78 ? 7   LEU A CD1 1 
ATOM   13   C CD2 . LEU A 1 11  ? 16.199  12.729  0.862   1.00 47.00 ? 7   LEU A CD2 1 
ATOM   14   N N   . PRO A 1 12  ? 17.087  8.024   -0.271  1.00 43.52 ? 8   PRO A N   1 
ATOM   15   C CA  . PRO A 1 12  ? 16.940  6.610   -0.653  1.00 42.49 ? 8   PRO A CA  1 
ATOM   16   C C   . PRO A 1 12  ? 16.132  6.397   -1.948  1.00 41.35 ? 8   PRO A C   1 
ATOM   17   O O   . PRO A 1 12  ? 15.420  7.308   -2.394  1.00 41.04 ? 8   PRO A O   1 
ATOM   18   C CB  . PRO A 1 12  ? 16.191  6.001   0.542   1.00 42.71 ? 8   PRO A CB  1 
ATOM   19   C CG  . PRO A 1 12  ? 16.410  6.950   1.663   1.00 42.95 ? 8   PRO A CG  1 
ATOM   20   C CD  . PRO A 1 12  ? 16.459  8.299   1.036   1.00 43.28 ? 8   PRO A CD  1 
ATOM   21   N N   . PRO A 1 13  ? 16.234  5.195   -2.550  1.00 40.39 ? 9   PRO A N   1 
ATOM   22   C CA  . PRO A 1 13  ? 15.592  4.915   -3.847  1.00 39.23 ? 9   PRO A CA  1 
ATOM   23   C C   . PRO A 1 13  ? 14.120  5.332   -3.912  1.00 38.26 ? 9   PRO A C   1 
ATOM   24   O O   . PRO A 1 13  ? 13.335  4.990   -3.011  1.00 37.92 ? 9   PRO A O   1 
ATOM   25   C CB  . PRO A 1 13  ? 15.725  3.393   -3.975  1.00 39.47 ? 9   PRO A CB  1 
ATOM   26   C CG  . PRO A 1 13  ? 17.013  3.095   -3.240  1.00 39.70 ? 9   PRO A CG  1 
ATOM   27   C CD  . PRO A 1 13  ? 16.985  4.024   -2.049  1.00 40.16 ? 9   PRO A CD  1 
ATOM   28   N N   . GLY A 1 14  ? 13.764  6.072   -4.964  1.00 36.50 ? 10  GLY A N   1 
ATOM   29   C CA  . GLY A 1 14  ? 12.388  6.478   -5.183  1.00 35.19 ? 10  GLY A CA  1 
ATOM   30   C C   . GLY A 1 14  ? 11.984  7.810   -4.573  1.00 34.34 ? 10  GLY A C   1 
ATOM   31   O O   . GLY A 1 14  ? 10.989  8.388   -4.985  1.00 33.05 ? 10  GLY A O   1 
ATOM   32   N N   . TRP A 1 15  ? 12.767  8.290   -3.609  1.00 34.70 ? 11  TRP A N   1 
ATOM   33   C CA  . TRP A 1 15  ? 12.422  9.478   -2.795  1.00 35.10 ? 11  TRP A CA  1 
ATOM   34   C C   . TRP A 1 15  ? 12.796  10.783  -3.487  1.00 36.21 ? 11  TRP A C   1 
ATOM   35   O O   . TRP A 1 15  ? 13.931  10.949  -3.952  1.00 36.11 ? 11  TRP A O   1 
ATOM   36   C CB  . TRP A 1 15  ? 13.099  9.430   -1.413  1.00 33.50 ? 11  TRP A CB  1 
ATOM   37   C CG  . TRP A 1 15  ? 12.435  8.504   -0.444  1.00 32.27 ? 11  TRP A CG  1 
ATOM   38   C CD1 . TRP A 1 15  ? 12.854  7.257   -0.085  1.00 31.42 ? 11  TRP A CD1 1 
ATOM   39   C CD2 . TRP A 1 15  ? 11.204  8.732   0.263   1.00 33.31 ? 11  TRP A CD2 1 
ATOM   40   N NE1 . TRP A 1 15  ? 11.966  6.693   0.805   1.00 31.54 ? 11  TRP A NE1 1 
ATOM   41   C CE2 . TRP A 1 15  ? 10.948  7.577   1.043   1.00 31.55 ? 11  TRP A CE2 1 
ATOM   42   C CE3 . TRP A 1 15  ? 10.284  9.798   0.304   1.00 28.76 ? 11  TRP A CE3 1 
ATOM   43   C CZ2 . TRP A 1 15  ? 9.828   7.467   1.883   1.00 31.72 ? 11  TRP A CZ2 1 
ATOM   44   C CZ3 . TRP A 1 15  ? 9.180   9.688   1.128   1.00 30.16 ? 11  TRP A CZ3 1 
ATOM   45   C CH2 . TRP A 1 15  ? 8.954   8.524   1.903   1.00 31.93 ? 11  TRP A CH2 1 
ATOM   46   N N   . GLU A 1 16  ? 11.841  11.711  -3.541  1.00 37.24 ? 12  GLU A N   1 
ATOM   47   C CA  . GLU A 1 16  ? 12.094  13.041  -4.095  1.00 38.34 ? 12  GLU A CA  1 
ATOM   48   C C   . GLU A 1 16  ? 11.504  14.114  -3.177  1.00 38.52 ? 12  GLU A C   1 
ATOM   49   O O   . GLU A 1 16  ? 10.550  13.851  -2.439  1.00 37.48 ? 12  GLU A O   1 
ATOM   50   C CB  . GLU A 1 16  ? 11.493  13.178  -5.504  1.00 38.83 ? 12  GLU A CB  1 
ATOM   51   C CG  . GLU A 1 16  ? 11.828  12.047  -6.514  1.00 43.70 ? 12  GLU A CG  1 
ATOM   52   C CD  . GLU A 1 16  ? 13.317  11.931  -6.932  1.00 51.15 ? 12  GLU A CD  1 
ATOM   53   O OE1 . GLU A 1 16  ? 14.161  12.814  -6.607  1.00 54.31 ? 12  GLU A OE1 1 
ATOM   54   O OE2 . GLU A 1 16  ? 13.645  10.921  -7.606  1.00 54.39 ? 12  GLU A OE2 1 
ATOM   55   N N   . LYS A 1 17  ? 12.089  15.311  -3.232  1.00 38.94 ? 13  LYS A N   1 
ATOM   56   C CA  . LYS A 1 17  ? 11.630  16.471  -2.474  1.00 40.26 ? 13  LYS A CA  1 
ATOM   57   C C   . LYS A 1 17  ? 10.603  17.230  -3.299  1.00 39.78 ? 13  LYS A C   1 
ATOM   58   O O   . LYS A 1 17  ? 10.679  17.258  -4.538  1.00 40.22 ? 13  LYS A O   1 
ATOM   59   C CB  . LYS A 1 17  ? 12.826  17.349  -2.083  1.00 40.56 ? 13  LYS A CB  1 
ATOM   60   C CG  . LYS A 1 17  ? 12.500  18.584  -1.257  1.00 42.44 ? 13  LYS A CG  1 
ATOM   61   C CD  . LYS A 1 17  ? 13.767  19.401  -0.907  1.00 42.44 ? 13  LYS A CD  1 
ATOM   62   C CE  . LYS A 1 17  ? 14.509  18.829  0.309   1.00 45.93 ? 13  LYS A CE  1 
ATOM   63   N NZ  . LYS A 1 17  ? 14.948  19.892  1.280   1.00 46.49 ? 13  LYS A NZ  1 
ATOM   64   N N   . ALA A 1 18  ? 9.622   17.818  -2.624  1.00 39.03 ? 14  ALA A N   1 
ATOM   65   C CA  . ALA A 1 18  ? 8.534   18.522  -3.297  1.00 38.98 ? 14  ALA A CA  1 
ATOM   66   C C   . ALA A 1 18  ? 8.013   19.689  -2.453  1.00 38.98 ? 14  ALA A C   1 
ATOM   67   O O   . ALA A 1 18  ? 8.417   19.865  -1.305  1.00 37.01 ? 14  ALA A O   1 
ATOM   68   C CB  . ALA A 1 18  ? 7.404   17.560  -3.621  1.00 38.70 ? 14  ALA A CB  1 
ATOM   69   N N   . MET A 1 19  ? 7.107   20.465  -3.038  1.00 39.81 ? 15  MET A N   1 
ATOM   70   C CA  . MET A 1 19  ? 6.485   21.590  -2.338  1.00 40.61 ? 15  MET A CA  1 
ATOM   71   C C   . MET A 1 19  ? 5.007   21.351  -2.088  1.00 40.92 ? 15  MET A C   1 
ATOM   72   O O   . MET A 1 19  ? 4.256   21.006  -3.011  1.00 40.44 ? 15  MET A O   1 
ATOM   73   C CB  . MET A 1 19  ? 6.678   22.893  -3.128  1.00 41.47 ? 15  MET A CB  1 
ATOM   74   C CG  . MET A 1 19  ? 6.405   24.169  -2.329  1.00 44.02 ? 15  MET A CG  1 
ATOM   75   S SD  . MET A 1 19  ? 7.718   24.542  -1.144  1.00 55.11 ? 15  MET A SD  1 
ATOM   76   C CE  . MET A 1 19  ? 9.235   24.218  -2.058  1.00 52.93 ? 15  MET A CE  1 
ATOM   77   N N   . SER A 1 20  ? 4.591   21.541  -0.840  1.00 40.84 ? 16  SER A N   1 
ATOM   78   C CA  . SER A 1 20  ? 3.182   21.398  -0.472  1.00 41.97 ? 16  SER A CA  1 
ATOM   79   C C   . SER A 1 20  ? 2.314   22.521  -1.072  1.00 42.33 ? 16  SER A C   1 
ATOM   80   O O   . SER A 1 20  ? 2.614   23.694  -0.904  1.00 41.82 ? 16  SER A O   1 
ATOM   81   C CB  . SER A 1 20  ? 3.037   21.407  1.047   1.00 41.43 ? 16  SER A CB  1 
ATOM   82   O OG  . SER A 1 20  ? 1.669   21.413  1.409   1.00 42.73 ? 16  SER A OG  1 
ATOM   83   N N   . ARG A 1 21  ? 1.245   22.138  -1.757  1.00 43.45 ? 17  ARG A N   1 
ATOM   84   C CA  . ARG A 1 21  ? 0.311   23.088  -2.366  1.00 44.99 ? 17  ARG A CA  1 
ATOM   85   C C   . ARG A 1 21  ? -0.443  23.888  -1.298  1.00 45.51 ? 17  ARG A C   1 
ATOM   86   O O   . ARG A 1 21  ? -0.784  25.050  -1.509  1.00 45.29 ? 17  ARG A O   1 
ATOM   87   C CB  . ARG A 1 21  ? -0.669  22.338  -3.274  1.00 45.07 ? 17  ARG A CB  1 
ATOM   88   C CG  . ARG A 1 21  ? -1.611  23.220  -4.078  1.00 47.91 ? 17  ARG A CG  1 
ATOM   89   C CD  . ARG A 1 21  ? -1.841  22.618  -5.459  1.00 50.41 ? 17  ARG A CD  1 
ATOM   90   N NE  . ARG A 1 21  ? -0.574  22.125  -5.999  1.00 52.72 ? 17  ARG A NE  1 
ATOM   91   C CZ  . ARG A 1 21  ? -0.422  21.542  -7.186  1.00 52.93 ? 17  ARG A CZ  1 
ATOM   92   N NH1 . ARG A 1 21  ? -1.458  21.385  -8.011  1.00 52.88 ? 17  ARG A NH1 1 
ATOM   93   N NH2 . ARG A 1 21  ? 0.782   21.124  -7.547  1.00 52.57 ? 17  ARG A NH2 1 
ATOM   94   N N   . SER A 1 22  ? -0.693  23.264  -0.146  1.00 45.89 ? 18  SER A N   1 
ATOM   95   C CA  . SER A 1 22  ? -1.400  23.929  0.951   1.00 46.10 ? 18  SER A CA  1 
ATOM   96   C C   . SER A 1 22  ? -0.548  24.931  1.724   1.00 45.63 ? 18  SER A C   1 
ATOM   97   O O   . SER A 1 22  ? -0.914  26.112  1.837   1.00 46.26 ? 18  SER A O   1 
ATOM   98   C CB  . SER A 1 22  ? -1.993  22.893  1.917   1.00 46.53 ? 18  SER A CB  1 
ATOM   99   O OG  . SER A 1 22  ? -3.302  22.510  1.517   1.00 48.80 ? 18  SER A OG  1 
ATOM   100  N N   . SER A 1 23  ? 0.585   24.463  2.243   1.00 44.95 ? 19  SER A N   1 
ATOM   101  C CA  . SER A 1 23  ? 1.380   25.228  3.205   1.00 43.86 ? 19  SER A CA  1 
ATOM   102  C C   . SER A 1 23  ? 2.614   25.907  2.644   1.00 43.00 ? 19  SER A C   1 
ATOM   103  O O   . SER A 1 23  ? 3.134   26.843  3.259   1.00 43.91 ? 19  SER A O   1 
ATOM   104  C CB  . SER A 1 23  ? 1.784   24.342  4.388   1.00 44.20 ? 19  SER A CB  1 
ATOM   105  O OG  . SER A 1 23  ? 2.132   23.035  3.983   1.00 45.01 ? 19  SER A OG  1 
ATOM   106  N N   . GLY A 1 24  ? 3.086   25.459  1.482   1.00 41.83 ? 20  GLY A N   1 
ATOM   107  C CA  . GLY A 1 24  ? 4.356   25.942  0.955   1.00 39.85 ? 20  GLY A CA  1 
ATOM   108  C C   . GLY A 1 24  ? 5.535   25.257  1.645   1.00 38.75 ? 20  GLY A C   1 
ATOM   109  O O   . GLY A 1 24  ? 6.692   25.591  1.408   1.00 39.11 ? 20  GLY A O   1 
ATOM   110  N N   . ARG A 1 25  ? 5.257   24.302  2.522   1.00 37.09 ? 21  ARG A N   1 
ATOM   111  C CA  . ARG A 1 25  ? 6.337   23.586  3.178   1.00 35.50 ? 21  ARG A CA  1 
ATOM   112  C C   . ARG A 1 25  ? 6.837   22.442  2.294   1.00 34.00 ? 21  ARG A C   1 
ATOM   113  O O   . ARG A 1 25  ? 6.068   21.814  1.567   1.00 34.10 ? 21  ARG A O   1 
ATOM   114  C CB  . ARG A 1 25  ? 5.913   23.076  4.569   1.00 35.69 ? 21  ARG A CB  1 
ATOM   115  C CG  . ARG A 1 25  ? 6.975   23.348  5.625   1.00 36.75 ? 21  ARG A CG  1 
ATOM   116  C CD  . ARG A 1 25  ? 6.566   22.967  7.081   1.00 35.65 ? 21  ARG A CD  1 
ATOM   117  N NE  . ARG A 1 25  ? 5.122   22.876  7.246   1.00 35.66 ? 21  ARG A NE  1 
ATOM   118  C CZ  . ARG A 1 25  ? 4.471   21.766  7.577   1.00 33.94 ? 21  ARG A CZ  1 
ATOM   119  N NH1 . ARG A 1 25  ? 5.124   20.620  7.829   1.00 34.19 ? 21  ARG A NH1 1 
ATOM   120  N NH2 . ARG A 1 25  ? 3.149   21.808  7.666   1.00 35.27 ? 21  ARG A NH2 1 
ATOM   121  N N   . VAL A 1 26  ? 8.139   22.220  2.352   1.00 32.59 ? 22  VAL A N   1 
ATOM   122  C CA  . VAL A 1 26  ? 8.810   21.132  1.674   1.00 32.46 ? 22  VAL A CA  1 
ATOM   123  C C   . VAL A 1 26  ? 8.290   19.790  2.256   1.00 30.76 ? 22  VAL A C   1 
ATOM   124  O O   . VAL A 1 26  ? 8.082   19.672  3.463   1.00 30.06 ? 22  VAL A O   1 
ATOM   125  C CB  . VAL A 1 26  ? 10.342  21.271  1.898   1.00 33.00 ? 22  VAL A CB  1 
ATOM   126  C CG1 . VAL A 1 26  ? 11.101  20.013  1.513   1.00 35.33 ? 22  VAL A CG1 1 
ATOM   127  C CG2 . VAL A 1 26  ? 10.893  22.492  1.133   1.00 35.01 ? 22  VAL A CG2 1 
ATOM   128  N N   . TYR A 1 27  ? 8.074   18.803  1.395   1.00 29.85 ? 23  TYR A N   1 
ATOM   129  C CA  . TYR A 1 27  ? 7.802   17.452  1.860   1.00 29.58 ? 23  TYR A CA  1 
ATOM   130  C C   . TYR A 1 27  ? 8.541   16.475  0.962   1.00 29.46 ? 23  TYR A C   1 
ATOM   131  O O   . TYR A 1 27  ? 9.231   16.878  0.029   1.00 28.99 ? 23  TYR A O   1 
ATOM   132  C CB  . TYR A 1 27  ? 6.303   17.141  1.901   1.00 29.45 ? 23  TYR A CB  1 
ATOM   133  C CG  . TYR A 1 27  ? 5.626   16.952  0.553   1.00 30.75 ? 23  TYR A CG  1 
ATOM   134  C CD1 . TYR A 1 27  ? 5.325   15.668  0.064   1.00 30.87 ? 23  TYR A CD1 1 
ATOM   135  C CD2 . TYR A 1 27  ? 5.278   18.059  -0.232  1.00 31.59 ? 23  TYR A CD2 1 
ATOM   136  C CE1 . TYR A 1 27  ? 4.695   15.499  -1.170  1.00 31.05 ? 23  TYR A CE1 1 
ATOM   137  C CE2 . TYR A 1 27  ? 4.660   17.909  -1.461  1.00 31.90 ? 23  TYR A CE2 1 
ATOM   138  C CZ  . TYR A 1 27  ? 4.362   16.638  -1.925  1.00 33.28 ? 23  TYR A CZ  1 
ATOM   139  O OH  . TYR A 1 27  ? 3.729   16.522  -3.146  1.00 34.40 ? 23  TYR A OH  1 
ATOM   140  N N   . TYR A 1 28  ? 8.394   15.192  1.265   1.00 28.88 ? 24  TYR A N   1 
ATOM   141  C CA  . TYR A 1 28  ? 9.098   14.155  0.540   1.00 28.74 ? 24  TYR A CA  1 
ATOM   142  C C   . TYR A 1 28  ? 8.097   13.123  0.039   1.00 28.46 ? 24  TYR A C   1 
ATOM   143  O O   . TYR A 1 28  ? 7.195   12.725  0.746   1.00 27.13 ? 24  TYR A O   1 
ATOM   144  C CB  . TYR A 1 28  ? 10.161  13.521  1.442   1.00 30.12 ? 24  TYR A CB  1 
ATOM   145  C CG  . TYR A 1 28  ? 11.194  14.511  1.920   1.00 32.17 ? 24  TYR A CG  1 
ATOM   146  C CD1 . TYR A 1 28  ? 10.952  15.345  3.043   1.00 32.42 ? 24  TYR A CD1 1 
ATOM   147  C CD2 . TYR A 1 28  ? 12.394  14.663  1.231   1.00 32.31 ? 24  TYR A CD2 1 
ATOM   148  C CE1 . TYR A 1 28  ? 11.894  16.277  3.453   1.00 32.40 ? 24  TYR A CE1 1 
ATOM   149  C CE2 . TYR A 1 28  ? 13.360  15.589  1.648   1.00 35.75 ? 24  TYR A CE2 1 
ATOM   150  C CZ  . TYR A 1 28  ? 13.109  16.377  2.758   1.00 35.47 ? 24  TYR A CZ  1 
ATOM   151  O OH  . TYR A 1 28  ? 14.075  17.285  3.154   1.00 37.79 ? 24  TYR A OH  1 
ATOM   152  N N   . PHE A 1 29  ? 8.236   12.714  -1.213  1.00 28.37 ? 25  PHE A N   1 
ATOM   153  C CA  . PHE A 1 29  ? 7.415   11.622  -1.702  1.00 28.95 ? 25  PHE A CA  1 
ATOM   154  C C   . PHE A 1 29  ? 8.291   10.626  -2.455  1.00 28.12 ? 25  PHE A C   1 
ATOM   155  O O   . PHE A 1 29  ? 9.386   10.949  -2.929  1.00 29.20 ? 25  PHE A O   1 
ATOM   156  C CB  . PHE A 1 29  ? 6.258   12.115  -2.565  1.00 30.40 ? 25  PHE A CB  1 
ATOM   157  C CG  . PHE A 1 29  ? 6.683   12.533  -3.924  1.00 31.72 ? 25  PHE A CG  1 
ATOM   158  C CD1 . PHE A 1 29  ? 6.434   11.708  -5.029  1.00 32.51 ? 25  PHE A CD1 1 
ATOM   159  C CD2 . PHE A 1 29  ? 7.395   13.736  -4.102  1.00 35.98 ? 25  PHE A CD2 1 
ATOM   160  C CE1 . PHE A 1 29  ? 6.847   12.083  -6.305  1.00 35.17 ? 25  PHE A CE1 1 
ATOM   161  C CE2 . PHE A 1 29  ? 7.834   14.130  -5.383  1.00 38.28 ? 25  PHE A CE2 1 
ATOM   162  C CZ  . PHE A 1 29  ? 7.560   13.281  -6.491  1.00 36.67 ? 25  PHE A CZ  1 
ATOM   163  N N   . ASN A 1 30  ? 7.779   9.418   -2.544  1.00 27.20 ? 26  ASN A N   1 
ATOM   164  C CA  . ASN A 1 30  ? 8.500   8.314   -3.145  1.00 26.81 ? 26  ASN A CA  1 
ATOM   165  C C   . ASN A 1 30  ? 7.701   7.853   -4.348  1.00 25.48 ? 26  ASN A C   1 
ATOM   166  O O   . ASN A 1 30  ? 6.539   7.504   -4.207  1.00 25.98 ? 26  ASN A O   1 
ATOM   167  C CB  . ASN A 1 30  ? 8.735   7.207   -2.109  1.00 26.54 ? 26  ASN A CB  1 
ATOM   168  C CG  . ASN A 1 30  ? 9.641   6.120   -2.644  1.00 26.10 ? 26  ASN A CG  1 
ATOM   169  O OD1 . ASN A 1 30  ? 9.346   5.535   -3.671  1.00 25.95 ? 26  ASN A OD1 1 
ATOM   170  N ND2 . ASN A 1 30  ? 10.731  5.860   -1.964  1.00 27.32 ? 26  ASN A ND2 1 
ATOM   171  N N   . HIS A 1 31  ? 8.282   7.933   -5.554  1.00 24.84 ? 27  HIS A N   1 
ATOM   172  C CA  . HIS A 1 31  ? 7.485   7.634   -6.772  1.00 24.98 ? 27  HIS A CA  1 
ATOM   173  C C   . HIS A 1 31  ? 7.344   6.136   -7.031  1.00 25.21 ? 27  HIS A C   1 
ATOM   174  O O   . HIS A 1 31  ? 6.565   5.728   -7.911  1.00 25.68 ? 27  HIS A O   1 
ATOM   175  C CB  . HIS A 1 31  ? 8.037   8.347   -8.038  1.00 24.46 ? 27  HIS A CB  1 
ATOM   176  C CG  . HIS A 1 31  ? 9.491   8.078   -8.308  1.00 25.39 ? 27  HIS A CG  1 
ATOM   177  N ND1 . HIS A 1 31  ? 9.928   6.972   -9.020  1.00 29.24 ? 27  HIS A ND1 1 
ATOM   178  C CD2 . HIS A 1 31  ? 10.601  8.800   -8.017  1.00 26.34 ? 27  HIS A CD2 1 
ATOM   179  C CE1 . HIS A 1 31  ? 11.249  7.001   -9.106  1.00 28.00 ? 27  HIS A CE1 1 
ATOM   180  N NE2 . HIS A 1 31  ? 11.682  8.093   -8.497  1.00 29.02 ? 27  HIS A NE2 1 
ATOM   181  N N   . ILE A 1 32  ? 8.042   5.328   -6.240  1.00 25.79 ? 28  ILE A N   1 
ATOM   182  C CA  . ILE A 1 32  ? 7.920   3.864   -6.314  1.00 25.88 ? 28  ILE A CA  1 
ATOM   183  C C   . ILE A 1 32  ? 6.821   3.348   -5.350  1.00 25.64 ? 28  ILE A C   1 
ATOM   184  O O   . ILE A 1 32  ? 6.008   2.522   -5.747  1.00 25.85 ? 28  ILE A O   1 
ATOM   185  C CB  . ILE A 1 32  ? 9.266   3.144   -6.068  1.00 26.63 ? 28  ILE A CB  1 
ATOM   186  C CG1 . ILE A 1 32  ? 10.366  3.675   -7.005  1.00 26.77 ? 28  ILE A CG1 1 
ATOM   187  C CG2 . ILE A 1 32  ? 9.098   1.618   -6.239  1.00 26.33 ? 28  ILE A CG2 1 
ATOM   188  C CD1 . ILE A 1 32  ? 11.807  3.387   -6.516  1.00 26.42 ? 28  ILE A CD1 1 
ATOM   189  N N   . THR A 1 33  ? 6.771   3.872   -4.119  1.00 24.82 ? 29  THR A N   1 
ATOM   190  C CA  . THR A 1 33  ? 5.821   3.387   -3.101  1.00 24.67 ? 29  THR A CA  1 
ATOM   191  C C   . THR A 1 33  ? 4.585   4.256   -2.954  1.00 24.49 ? 29  THR A C   1 
ATOM   192  O O   . THR A 1 33  ? 3.626   3.848   -2.302  1.00 22.80 ? 29  THR A O   1 
ATOM   193  C CB  . THR A 1 33  ? 6.489   3.321   -1.702  1.00 24.41 ? 29  THR A CB  1 
ATOM   194  O OG1 . THR A 1 33  ? 6.878   4.646   -1.297  1.00 23.41 ? 29  THR A OG1 1 
ATOM   195  C CG2 . THR A 1 33  ? 7.733   2.417   -1.736  1.00 24.19 ? 29  THR A CG2 1 
ATOM   196  N N   . ASN A 1 34  ? 4.606   5.447   -3.572  1.00 24.25 ? 30  ASN A N   1 
ATOM   197  C CA  . ASN A 1 34  ? 3.574   6.491   -3.335  1.00 23.75 ? 30  ASN A CA  1 
ATOM   198  C C   . ASN A 1 34  ? 3.456   6.967   -1.870  1.00 23.14 ? 30  ASN A C   1 
ATOM   199  O O   . ASN A 1 34  ? 2.442   7.582   -1.489  1.00 23.07 ? 30  ASN A O   1 
ATOM   200  C CB  . ASN A 1 34  ? 2.209   6.129   -3.944  1.00 22.77 ? 30  ASN A CB  1 
ATOM   201  C CG  . ASN A 1 34  ? 2.242   6.129   -5.486  1.00 25.34 ? 30  ASN A CG  1 
ATOM   202  O OD1 . ASN A 1 34  ? 1.656   5.260   -6.145  1.00 25.44 ? 30  ASN A OD1 1 
ATOM   203  N ND2 . ASN A 1 34  ? 2.963   7.087   -6.048  1.00 22.66 ? 30  ASN A ND2 1 
ATOM   204  N N   . ALA A 1 35  ? 4.502   6.729   -1.088  1.00 22.97 ? 31  ALA A N   1 
ATOM   205  C CA  . ALA A 1 35  ? 4.574   7.277   0.270   1.00 23.75 ? 31  ALA A CA  1 
ATOM   206  C C   . ALA A 1 35  ? 4.840   8.782   0.190   1.00 24.29 ? 31  ALA A C   1 
ATOM   207  O O   . ALA A 1 35  ? 5.514   9.277   -0.740  1.00 23.63 ? 31  ALA A O   1 
ATOM   208  C CB  . ALA A 1 35  ? 5.687   6.584   1.105   1.00 23.15 ? 31  ALA A CB  1 
ATOM   209  N N   . SER A 1 36  ? 4.266   9.520   1.134   1.00 24.63 ? 32  SER A N   1 
ATOM   210  C CA  . SER A 1 36  ? 4.577   10.909  1.287   1.00 25.50 ? 32  SER A CA  1 
ATOM   211  C C   . SER A 1 36  ? 4.598   11.276  2.773   1.00 26.58 ? 32  SER A C   1 
ATOM   212  O O   . SER A 1 36  ? 3.795   10.772  3.544   1.00 25.95 ? 32  SER A O   1 
ATOM   213  C CB  . SER A 1 36  ? 3.569   11.773  0.531   1.00 26.23 ? 32  SER A CB  1 
ATOM   214  O OG  . SER A 1 36  ? 2.225   11.418  0.818   1.00 26.73 ? 32  SER A OG  1 
ATOM   215  N N   . GLN A 1 37  ? 5.545   12.134  3.144   1.00 27.26 ? 33  GLN A N   1 
ATOM   216  C CA  . GLN A 1 37  ? 5.735   12.565  4.517   1.00 28.54 ? 33  GLN A CA  1 
ATOM   217  C C   . GLN A 1 37  ? 6.469   13.912  4.593   1.00 28.63 ? 33  GLN A C   1 
ATOM   218  O O   . GLN A 1 37  ? 7.167   14.299  3.661   1.00 28.02 ? 33  GLN A O   1 
ATOM   219  C CB  . GLN A 1 37  ? 6.521   11.522  5.304   1.00 28.50 ? 33  GLN A CB  1 
ATOM   220  C CG  . GLN A 1 37  ? 7.861   11.162  4.692   1.00 28.98 ? 33  GLN A CG  1 
ATOM   221  C CD  . GLN A 1 37  ? 8.443   9.900   5.290   1.00 32.39 ? 33  GLN A CD  1 
ATOM   222  O OE1 . GLN A 1 37  ? 7.766   8.871   5.371   1.00 33.80 ? 33  GLN A OE1 1 
ATOM   223  N NE2 . GLN A 1 37  ? 9.705   9.963   5.687   1.00 31.13 ? 33  GLN A NE2 1 
ATOM   224  N N   . TRP A 1 38  ? 6.311   14.596  5.730   1.00 29.38 ? 34  TRP A N   1 
ATOM   225  C CA  . TRP A 1 38  ? 6.975   15.876  5.983   1.00 29.60 ? 34  TRP A CA  1 
ATOM   226  C C   . TRP A 1 38  ? 8.444   15.676  6.263   1.00 31.12 ? 34  TRP A C   1 
ATOM   227  O O   . TRP A 1 38  ? 9.295   16.482  5.842   1.00 30.13 ? 34  TRP A O   1 
ATOM   228  C CB  . TRP A 1 38  ? 6.310   16.597  7.170   1.00 28.69 ? 34  TRP A CB  1 
ATOM   229  C CG  . TRP A 1 38  ? 4.920   17.025  6.877   1.00 28.34 ? 34  TRP A CG  1 
ATOM   230  C CD1 . TRP A 1 38  ? 3.793   16.575  7.467   1.00 26.89 ? 34  TRP A CD1 1 
ATOM   231  C CD2 . TRP A 1 38  ? 4.509   17.961  5.873   1.00 27.64 ? 34  TRP A CD2 1 
ATOM   232  N NE1 . TRP A 1 38  ? 2.688   17.188  6.924   1.00 29.63 ? 34  TRP A NE1 1 
ATOM   233  C CE2 . TRP A 1 38  ? 3.103   18.035  5.928   1.00 29.09 ? 34  TRP A CE2 1 
ATOM   234  C CE3 . TRP A 1 38  ? 5.204   18.769  4.945   1.00 28.02 ? 34  TRP A CE3 1 
ATOM   235  C CZ2 . TRP A 1 38  ? 2.361   18.885  5.097   1.00 29.82 ? 34  TRP A CZ2 1 
ATOM   236  C CZ3 . TRP A 1 38  ? 4.470   19.601  4.111   1.00 28.19 ? 34  TRP A CZ3 1 
ATOM   237  C CH2 . TRP A 1 38  ? 3.062   19.653  4.192   1.00 29.22 ? 34  TRP A CH2 1 
ATOM   238  N N   . GLU A 1 39  ? 8.736   14.588  6.977   1.00 33.17 ? 35  GLU A N   1 
ATOM   239  C CA  . GLU A 1 39  ? 10.067  14.292  7.503   1.00 35.28 ? 35  GLU A CA  1 
ATOM   240  C C   . GLU A 1 39  ? 10.970  13.723  6.398   1.00 37.28 ? 35  GLU A C   1 
ATOM   241  O O   . GLU A 1 39  ? 10.520  12.915  5.573   1.00 36.73 ? 35  GLU A O   1 
ATOM   242  C CB  . GLU A 1 39  ? 9.968   13.272  8.673   1.00 35.58 ? 35  GLU A CB  1 
ATOM   243  C CG  . GLU A 1 39  ? 9.014   13.624  9.879   1.00 36.70 ? 35  GLU A CG  1 
ATOM   244  C CD  . GLU A 1 39  ? 7.501   13.435  9.617   1.00 38.60 ? 35  GLU A CD  1 
ATOM   245  O OE1 . GLU A 1 39  ? 7.129   12.737  8.634   1.00 36.20 ? 35  GLU A OE1 1 
ATOM   246  O OE2 . GLU A 1 39  ? 6.684   14.006  10.407  1.00 35.43 ? 35  GLU A OE2 1 
ATOM   247  N N   . ARG A 1 40  ? 12.234  14.133  6.390   1.00 39.02 ? 36  ARG A N   1 
ATOM   248  C CA  . ARG A 1 40  ? 13.199  13.610  5.438   1.00 42.12 ? 36  ARG A CA  1 
ATOM   249  C C   . ARG A 1 40  ? 13.403  12.102  5.699   1.00 43.13 ? 36  ARG A C   1 
ATOM   250  O O   . ARG A 1 40  ? 13.623  11.706  6.853   1.00 42.99 ? 36  ARG A O   1 
ATOM   251  C CB  . ARG A 1 40  ? 14.511  14.398  5.510   1.00 41.97 ? 36  ARG A CB  1 
ATOM   252  C CG  . ARG A 1 40  ? 15.553  13.971  4.453   1.00 43.90 ? 36  ARG A CG  1 
ATOM   253  C CD  . ARG A 1 40  ? 16.711  14.951  4.314   1.00 45.01 ? 36  ARG A CD  1 
ATOM   254  N NE  . ARG A 1 40  ? 16.616  15.796  3.116   1.00 50.98 ? 36  ARG A NE  1 
ATOM   255  C CZ  . ARG A 1 40  ? 17.491  15.800  2.109   1.00 53.35 ? 36  ARG A CZ  1 
ATOM   256  N NH1 . ARG A 1 40  ? 18.551  14.991  2.119   1.00 54.82 ? 36  ARG A NH1 1 
ATOM   257  N NH2 . ARG A 1 40  ? 17.306  16.618  1.079   1.00 54.63 ? 36  ARG A NH2 1 
ATOM   258  N N   . PRO A 1 41  ? 13.277  11.258  4.641   1.00 44.41 ? 37  PRO A N   1 
ATOM   259  C CA  . PRO A 1 41  ? 13.353  9.787   4.766   1.00 45.56 ? 37  PRO A CA  1 
ATOM   260  C C   . PRO A 1 41  ? 14.638  9.253   5.414   1.00 46.56 ? 37  PRO A C   1 
ATOM   261  O O   . PRO A 1 41  ? 15.729  9.748   5.127   1.00 46.97 ? 37  PRO A O   1 
ATOM   262  C CB  . PRO A 1 41  ? 13.246  9.296   3.310   1.00 45.54 ? 37  PRO A CB  1 
ATOM   263  C CG  . PRO A 1 41  ? 13.573  10.471  2.468   1.00 44.93 ? 37  PRO A CG  1 
ATOM   264  C CD  . PRO A 1 41  ? 13.047  11.654  3.236   1.00 44.42 ? 37  PRO A CD  1 
ATOM   265  N N   . SER A 1 42  ? 14.480  8.242   6.277   1.00 47.74 ? 38  SER A N   1 
ATOM   266  C CA  . SER A 1 42  ? 15.577  7.656   7.057   1.00 48.50 ? 38  SER A CA  1 
ATOM   267  C C   . SER A 1 42  ? 16.659  6.989   6.197   1.00 49.10 ? 38  SER A C   1 
ATOM   268  O O   . SER A 1 42  ? 16.444  6.671   5.017   1.00 49.42 ? 38  SER A O   1 
ATOM   269  C CB  . SER A 1 42  ? 15.025  6.672   8.094   1.00 48.73 ? 38  SER A CB  1 
ATOM   270  N N   . GLU A 1 55  ? 20.564  -4.458  -1.133  1.00 52.65 ? 51  GLU A N   1 
ATOM   271  C CA  . GLU A 1 55  ? 19.146  -4.810  -1.124  1.00 51.93 ? 51  GLU A CA  1 
ATOM   272  C C   . GLU A 1 55  ? 18.976  -6.251  -0.628  1.00 51.96 ? 51  GLU A C   1 
ATOM   273  O O   . GLU A 1 55  ? 19.642  -7.165  -1.147  1.00 52.00 ? 51  GLU A O   1 
ATOM   274  C CB  . GLU A 1 55  ? 18.525  -4.612  -2.520  1.00 52.10 ? 51  GLU A CB  1 
ATOM   275  C CG  . GLU A 1 55  ? 17.041  -4.948  -2.611  1.00 51.57 ? 51  GLU A CG  1 
ATOM   276  C CD  . GLU A 1 55  ? 16.466  -4.780  -4.009  1.00 51.04 ? 51  GLU A CD  1 
ATOM   277  O OE1 . GLU A 1 55  ? 16.276  -5.811  -4.696  1.00 48.71 ? 51  GLU A OE1 1 
ATOM   278  O OE2 . GLU A 1 55  ? 16.194  -3.621  -4.408  1.00 50.02 ? 51  GLU A OE2 1 
ATOM   279  N N   . PRO A 1 56  ? 18.089  -6.459  0.387   1.00 51.57 ? 52  PRO A N   1 
ATOM   280  C CA  . PRO A 1 56  ? 17.887  -7.795  0.960   1.00 50.66 ? 52  PRO A CA  1 
ATOM   281  C C   . PRO A 1 56  ? 17.327  -8.720  -0.106  1.00 49.56 ? 52  PRO A C   1 
ATOM   282  O O   . PRO A 1 56  ? 16.580  -8.259  -0.970  1.00 50.30 ? 52  PRO A O   1 
ATOM   283  C CB  . PRO A 1 56  ? 16.832  -7.556  2.049   1.00 50.77 ? 52  PRO A CB  1 
ATOM   284  C CG  . PRO A 1 56  ? 16.121  -6.303  1.628   1.00 50.80 ? 52  PRO A CG  1 
ATOM   285  C CD  . PRO A 1 56  ? 17.212  -5.458  1.036   1.00 51.58 ? 52  PRO A CD  1 
ATOM   286  N N   . ALA A 1 57  ? 17.690  -9.998  -0.050  1.00 48.07 ? 53  ALA A N   1 
ATOM   287  C CA  . ALA A 1 57  ? 17.155  -10.998 -0.968  1.00 46.43 ? 53  ALA A CA  1 
ATOM   288  C C   . ALA A 1 57  ? 15.650  -11.159 -0.804  1.00 45.05 ? 53  ALA A C   1 
ATOM   289  O O   . ALA A 1 57  ? 14.927  -11.388 -1.783  1.00 44.64 ? 53  ALA A O   1 
ATOM   290  C CB  . ALA A 1 57  ? 17.853  -12.332 -0.756  1.00 46.98 ? 53  ALA A CB  1 
ATOM   291  N N   . ARG A 1 58  ? 15.181  -11.045 0.442   1.00 43.10 ? 54  ARG A N   1 
ATOM   292  C CA  . ARG A 1 58  ? 13.762  -11.193 0.743   1.00 41.02 ? 54  ARG A CA  1 
ATOM   293  C C   . ARG A 1 58  ? 13.247  -10.101 1.665   1.00 38.03 ? 54  ARG A C   1 
ATOM   294  O O   . ARG A 1 58  ? 13.982  -9.570  2.501   1.00 38.03 ? 54  ARG A O   1 
ATOM   295  C CB  . ARG A 1 58  ? 13.467  -12.566 1.364   1.00 41.70 ? 54  ARG A CB  1 
ATOM   296  C CG  . ARG A 1 58  ? 13.490  -13.727 0.386   1.00 45.13 ? 54  ARG A CG  1 
ATOM   297  C CD  . ARG A 1 58  ? 13.634  -15.060 1.105   1.00 49.69 ? 54  ARG A CD  1 
ATOM   298  N NE  . ARG A 1 58  ? 12.363  -15.595 1.593   1.00 53.91 ? 54  ARG A NE  1 
ATOM   299  C CZ  . ARG A 1 58  ? 11.424  -16.158 0.823   1.00 56.22 ? 54  ARG A CZ  1 
ATOM   300  N NH1 . ARG A 1 58  ? 11.583  -16.242 -0.499  1.00 57.17 ? 54  ARG A NH1 1 
ATOM   301  N NH2 . ARG A 1 58  ? 10.309  -16.628 1.378   1.00 56.61 ? 54  ARG A NH2 1 
ATOM   302  N N   . VAL A 1 59  ? 11.974  -9.765  1.468   1.00 34.97 ? 55  VAL A N   1 
ATOM   303  C CA  . VAL A 1 59  ? 11.215  -8.909  2.376   1.00 31.65 ? 55  VAL A CA  1 
ATOM   304  C C   . VAL A 1 59  ? 9.923   -9.622  2.803   1.00 30.40 ? 55  VAL A C   1 
ATOM   305  O O   . VAL A 1 59  ? 9.405   -10.517 2.100   1.00 30.76 ? 55  VAL A O   1 
ATOM   306  C CB  . VAL A 1 59  ? 10.905  -7.479  1.758   1.00 31.61 ? 55  VAL A CB  1 
ATOM   307  C CG1 . VAL A 1 59  ? 12.204  -6.760  1.367   1.00 29.48 ? 55  VAL A CG1 1 
ATOM   308  C CG2 . VAL A 1 59  ? 9.980   -7.586  0.555   1.00 28.95 ? 55  VAL A CG2 1 
ATOM   309  N N   . ARG A 1 60  ? 9.412   -9.232  3.968   1.00 28.96 ? 56  ARG A N   1 
ATOM   310  C CA  . ARG A 1 60  ? 8.100   -9.680  4.408   1.00 27.12 ? 56  ARG A CA  1 
ATOM   311  C C   . ARG A 1 60  ? 7.163   -8.468  4.452   1.00 26.28 ? 56  ARG A C   1 
ATOM   312  O O   . ARG A 1 60  ? 7.527   -7.421  4.998   1.00 26.09 ? 56  ARG A O   1 
ATOM   313  C CB  . ARG A 1 60  ? 8.202   -10.387 5.779   1.00 26.56 ? 56  ARG A CB  1 
ATOM   314  C CG  . ARG A 1 60  ? 6.898   -11.015 6.261   1.00 26.53 ? 56  ARG A CG  1 
ATOM   315  C CD  . ARG A 1 60  ? 6.974   -11.464 7.721   1.00 28.25 ? 56  ARG A CD  1 
ATOM   316  N NE  . ARG A 1 60  ? 5.792   -12.245 8.102   1.00 31.71 ? 56  ARG A NE  1 
ATOM   317  C CZ  . ARG A 1 60  ? 5.626   -12.820 9.295   1.00 35.04 ? 56  ARG A CZ  1 
ATOM   318  N NH1 . ARG A 1 60  ? 6.564   -12.712 10.225  1.00 37.76 ? 56  ARG A NH1 1 
ATOM   319  N NH2 . ARG A 1 60  ? 4.535   -13.521 9.553   1.00 35.92 ? 56  ARG A NH2 1 
ATOM   320  N N   . CYS A 1 61  ? 5.967   -8.627  3.886   1.00 24.42 ? 57  CYS A N   1 
ATOM   321  C CA  . CYS A 1 61  ? 4.985   -7.553  3.821   1.00 24.69 ? 57  CYS A CA  1 
ATOM   322  C C   . CYS A 1 61  ? 3.618   -8.075  4.149   1.00 23.94 ? 57  CYS A C   1 
ATOM   323  O O   . CYS A 1 61  ? 3.337   -9.256  3.944   1.00 24.00 ? 57  CYS A O   1 
ATOM   324  C CB  . CYS A 1 61  ? 4.946   -6.898  2.414   1.00 23.59 ? 57  CYS A CB  1 
ATOM   325  S SG  . CYS A 1 61  ? 6.479   -6.064  2.000   1.00 26.22 ? 57  CYS A SG  1 
ATOM   326  N N   . SER A 1 62  ? 2.795   -7.174  4.689   1.00 22.73 ? 58  SER A N   1 
ATOM   327  C CA  . SER A 1 62  ? 1.360   -7.293  4.711   1.00 22.30 ? 58  SER A CA  1 
ATOM   328  C C   . SER A 1 62  ? 0.782   -6.288  3.717   1.00 22.32 ? 58  SER A C   1 
ATOM   329  O O   . SER A 1 62  ? 1.450   -5.304  3.345   1.00 22.66 ? 58  SER A O   1 
ATOM   330  C CB  . SER A 1 62  ? 0.827   -6.972  6.109   1.00 22.94 ? 58  SER A CB  1 
ATOM   331  O OG  . SER A 1 62  ? 1.425   -7.841  7.047   1.00 22.64 ? 58  SER A OG  1 
ATOM   332  N N   . HIS A 1 63  ? -0.464  -6.499  3.341   1.00 22.07 ? 59  HIS A N   1 
ATOM   333  C CA  . HIS A 1 63  ? -1.133  -5.545  2.481   1.00 22.23 ? 59  HIS A CA  1 
ATOM   334  C C   . HIS A 1 63  ? -2.606  -5.491  2.795   1.00 22.63 ? 59  HIS A C   1 
ATOM   335  O O   . HIS A 1 63  ? -3.160  -6.364  3.492   1.00 22.20 ? 59  HIS A O   1 
ATOM   336  C CB  . HIS A 1 63  ? -0.814  -5.847  0.995   1.00 21.55 ? 59  HIS A CB  1 
ATOM   337  C CG  . HIS A 1 63  ? -1.642  -6.936  0.406   1.00 22.69 ? 59  HIS A CG  1 
ATOM   338  N ND1 . HIS A 1 63  ? -2.198  -6.840  -0.846  1.00 24.35 ? 59  HIS A ND1 1 
ATOM   339  C CD2 . HIS A 1 63  ? -2.052  -8.129  0.915   1.00 23.12 ? 59  HIS A CD2 1 
ATOM   340  C CE1 . HIS A 1 63  ? -2.906  -7.930  -1.093  1.00 26.06 ? 59  HIS A CE1 1 
ATOM   341  N NE2 . HIS A 1 63  ? -2.833  -8.726  -0.037  1.00 24.15 ? 59  HIS A NE2 1 
ATOM   342  N N   . LEU A 1 64  ? -3.248  -4.433  2.317   1.00 22.67 ? 60  LEU A N   1 
ATOM   343  C CA  . LEU A 1 64  ? -4.676  -4.335  2.342   1.00 23.32 ? 60  LEU A CA  1 
ATOM   344  C C   . LEU A 1 64  ? -5.023  -4.056  0.890   1.00 24.39 ? 60  LEU A C   1 
ATOM   345  O O   . LEU A 1 64  ? -4.554  -3.062  0.343   1.00 23.87 ? 60  LEU A O   1 
ATOM   346  C CB  . LEU A 1 64  ? -5.092  -3.151  3.223   1.00 23.39 ? 60  LEU A CB  1 
ATOM   347  C CG  . LEU A 1 64  ? -6.601  -2.948  3.480   1.00 23.81 ? 60  LEU A CG  1 
ATOM   348  C CD1 . LEU A 1 64  ? -6.795  -2.000  4.678   1.00 24.26 ? 60  LEU A CD1 1 
ATOM   349  C CD2 . LEU A 1 64  ? -7.396  -2.445  2.263   1.00 23.16 ? 60  LEU A CD2 1 
ATOM   350  N N   . LEU A 1 65  ? -5.838  -4.914  0.291   1.00 24.67 ? 61  LEU A N   1 
ATOM   351  C CA  . LEU A 1 65  ? -6.204  -4.802  -1.119  1.00 25.56 ? 61  LEU A CA  1 
ATOM   352  C C   . LEU A 1 65  ? -7.645  -4.301  -1.242  1.00 25.42 ? 61  LEU A C   1 
ATOM   353  O O   . LEU A 1 65  ? -8.551  -4.820  -0.581  1.00 24.86 ? 61  LEU A O   1 
ATOM   354  C CB  . LEU A 1 65  ? -6.036  -6.170  -1.813  1.00 26.13 ? 61  LEU A CB  1 
ATOM   355  C CG  . LEU A 1 65  ? -6.564  -6.283  -3.264  1.00 26.80 ? 61  LEU A CG  1 
ATOM   356  C CD1 . LEU A 1 65  ? -5.735  -5.439  -4.218  1.00 25.91 ? 61  LEU A CD1 1 
ATOM   357  C CD2 . LEU A 1 65  ? -6.553  -7.740  -3.724  1.00 26.23 ? 61  LEU A CD2 1 
ATOM   358  N N   . VAL A 1 66  ? -7.854  -3.262  -2.065  1.00 25.79 ? 62  VAL A N   1 
ATOM   359  C CA  . VAL A 1 66  ? -9.209  -2.843  -2.410  1.00 25.37 ? 62  VAL A CA  1 
ATOM   360  C C   . VAL A 1 66  ? -9.335  -3.047  -3.930  1.00 26.43 ? 62  VAL A C   1 
ATOM   361  O O   . VAL A 1 66  ? -8.610  -2.424  -4.733  1.00 25.10 ? 62  VAL A O   1 
ATOM   362  C CB  . VAL A 1 66  ? -9.586  -1.389  -1.951  1.00 25.59 ? 62  VAL A CB  1 
ATOM   363  C CG1 . VAL A 1 66  ? -11.035 -0.997  -2.390  1.00 25.70 ? 62  VAL A CG1 1 
ATOM   364  C CG2 . VAL A 1 66  ? -9.431  -1.217  -0.427  1.00 25.55 ? 62  VAL A CG2 1 
ATOM   365  N N   . LYS A 1 67  ? -10.237 -3.972  -4.285  1.00 27.15 ? 63  LYS A N   1 
ATOM   366  C CA  . LYS A 1 67  ? -10.519 -4.340  -5.680  1.00 29.22 ? 63  LYS A CA  1 
ATOM   367  C C   . LYS A 1 67  ? -11.553 -3.387  -6.271  1.00 29.86 ? 63  LYS A C   1 
ATOM   368  O O   . LYS A 1 67  ? -12.242 -2.667  -5.533  1.00 29.49 ? 63  LYS A O   1 
ATOM   369  C CB  . LYS A 1 67  ? -11.020 -5.794  -5.746  1.00 28.97 ? 63  LYS A CB  1 
ATOM   370  C CG  . LYS A 1 67  ? -9.888  -6.818  -5.638  1.00 30.79 ? 63  LYS A CG  1 
ATOM   371  C CD  . LYS A 1 67  ? -10.370 -8.288  -5.923  1.00 29.18 ? 63  LYS A CD  1 
ATOM   372  C CE  . LYS A 1 67  ? -9.201  -9.237  -5.838  1.00 28.99 ? 63  LYS A CE  1 
ATOM   373  N NZ  . LYS A 1 67  ? -9.538  -10.605 -6.316  1.00 29.75 ? 63  LYS A NZ  1 
ATOM   374  N N   . HIS A 1 68  ? -11.631 -3.350  -7.596  1.00 30.72 ? 64  HIS A N   1 
ATOM   375  C CA  . HIS A 1 68  ? -12.626 -2.526  -8.287  1.00 31.99 ? 64  HIS A CA  1 
ATOM   376  C C   . HIS A 1 68  ? -13.094 -3.286  -9.541  1.00 33.26 ? 64  HIS A C   1 
ATOM   377  O O   . HIS A 1 68  ? -12.570 -4.365  -9.842  1.00 33.62 ? 64  HIS A O   1 
ATOM   378  C CB  . HIS A 1 68  ? -12.046 -1.149  -8.655  1.00 31.08 ? 64  HIS A CB  1 
ATOM   379  C CG  . HIS A 1 68  ? -10.716 -1.216  -9.332  1.00 31.39 ? 64  HIS A CG  1 
ATOM   380  N ND1 . HIS A 1 68  ? -10.563 -1.614  -10.641 1.00 29.16 ? 64  HIS A ND1 1 
ATOM   381  C CD2 . HIS A 1 68  ? -9.471  -0.967  -8.867  1.00 28.48 ? 64  HIS A CD2 1 
ATOM   382  C CE1 . HIS A 1 68  ? -9.283  -1.594  -10.958 1.00 32.68 ? 64  HIS A CE1 1 
ATOM   383  N NE2 . HIS A 1 68  ? -8.600  -1.194  -9.899  1.00 32.16 ? 64  HIS A NE2 1 
ATOM   384  N N   . SER A 1 69  ? -14.066 -2.715  -10.253 1.00 34.93 ? 65  SER A N   1 
ATOM   385  C CA  . SER A 1 69  ? -14.667 -3.337  -11.465 1.00 35.51 ? 65  SER A CA  1 
ATOM   386  C C   . SER A 1 69  ? -13.659 -3.737  -12.567 1.00 36.06 ? 65  SER A C   1 
ATOM   387  O O   . SER A 1 69  ? -13.926 -4.649  -13.351 1.00 36.05 ? 65  SER A O   1 
ATOM   388  C CB  . SER A 1 69  ? -15.772 -2.428  -12.034 1.00 35.74 ? 65  SER A CB  1 
ATOM   389  O OG  . SER A 1 69  ? -15.224 -1.195  -12.497 1.00 34.73 ? 65  SER A OG  1 
ATOM   390  N N   . GLN A 1 70  ? -12.507 -3.066  -12.612 1.00 35.88 ? 66  GLN A N   1 
ATOM   391  C CA  . GLN A 1 70  ? -11.460 -3.378  -13.577 1.00 36.08 ? 66  GLN A CA  1 
ATOM   392  C C   . GLN A 1 70  ? -10.350 -4.308  -13.080 1.00 35.87 ? 66  GLN A C   1 
ATOM   393  O O   . GLN A 1 70  ? -9.414  -4.623  -13.838 1.00 36.70 ? 66  GLN A O   1 
ATOM   394  C CB  . GLN A 1 70  ? -10.848 -2.093  -14.132 1.00 36.38 ? 66  GLN A CB  1 
ATOM   395  C CG  . GLN A 1 70  ? -11.681 -1.435  -15.206 1.00 38.27 ? 66  GLN A CG  1 
ATOM   396  C CD  . GLN A 1 70  ? -10.914 -0.314  -15.919 1.00 42.09 ? 66  GLN A CD  1 
ATOM   397  O OE1 . GLN A 1 70  ? -10.103 -0.567  -16.827 1.00 39.49 ? 66  GLN A OE1 1 
ATOM   398  N NE2 . GLN A 1 70  ? -11.151 0.929   -15.480 1.00 42.05 ? 66  GLN A NE2 1 
ATOM   399  N N   . SER A 1 71  ? -10.444 -4.760  -11.823 1.00 35.44 ? 67  SER A N   1 
ATOM   400  C CA  . SER A 1 71  ? -9.507  -5.748  -11.293 1.00 35.48 ? 67  SER A CA  1 
ATOM   401  C C   . SER A 1 71  ? -9.546  -7.017  -12.135 1.00 35.76 ? 67  SER A C   1 
ATOM   402  O O   . SER A 1 71  ? -10.618 -7.420  -12.579 1.00 35.19 ? 67  SER A O   1 
ATOM   403  C CB  . SER A 1 71  ? -9.844  -6.119  -9.837  1.00 35.10 ? 67  SER A CB  1 
ATOM   404  O OG  . SER A 1 71  ? -9.675  -5.021  -8.942  1.00 34.71 ? 67  SER A OG  1 
ATOM   405  N N   . ARG A 1 72  ? -8.376  -7.641  -12.299 1.00 36.87 ? 68  ARG A N   1 
ATOM   406  C CA  . ARG A 1 72  ? -8.220  -8.911  -13.033 1.00 38.06 ? 68  ARG A CA  1 
ATOM   407  C C   . ARG A 1 72  ? -9.200  -9.981  -12.573 1.00 38.83 ? 68  ARG A C   1 
ATOM   408  O O   . ARG A 1 72  ? -9.717  -10.737 -13.400 1.00 38.91 ? 68  ARG A O   1 
ATOM   409  C CB  . ARG A 1 72  ? -6.787  -9.432  -12.940 1.00 38.11 ? 68  ARG A CB  1 
ATOM   410  N N   . ARG A 1 73  ? -9.457  -10.048 -11.264 1.00 39.02 ? 69  ARG A N   1 
ATOM   411  C CA  . ARG A 1 73  ? -10.469 -10.956 -10.724 1.00 39.24 ? 69  ARG A CA  1 
ATOM   412  C C   . ARG A 1 73  ? -11.383 -10.161 -9.786  1.00 38.77 ? 69  ARG A C   1 
ATOM   413  O O   . ARG A 1 73  ? -11.065 -10.006 -8.594  1.00 39.53 ? 69  ARG A O   1 
ATOM   414  C CB  . ARG A 1 73  ? -9.818  -12.159 -10.010 1.00 39.27 ? 69  ARG A CB  1 
ATOM   415  C CG  . ARG A 1 73  ? -8.662  -12.849 -10.809 1.00 40.40 ? 69  ARG A CG  1 
ATOM   416  C CD  . ARG A 1 73  ? -8.079  -14.051 -10.089 0.75 40.66 ? 69  ARG A CD  1 
ATOM   417  N NE  . ARG A 1 73  ? -7.311  -14.905 -11.004 0.50 44.70 ? 69  ARG A NE  1 
ATOM   418  C CZ  . ARG A 1 73  ? -5.998  -14.810 -11.216 0.50 45.72 ? 69  ARG A CZ  1 
ATOM   419  N NH1 . ARG A 1 73  ? -5.271  -13.892 -10.579 0.50 46.53 ? 69  ARG A NH1 1 
ATOM   420  N NH2 . ARG A 1 73  ? -5.406  -15.635 -12.074 0.50 46.49 ? 69  ARG A NH2 1 
ATOM   421  N N   . PRO A 1 74  ? -12.503 -9.620  -10.317 1.00 38.22 ? 70  PRO A N   1 
ATOM   422  C CA  . PRO A 1 74  ? -13.388 -8.711  -9.561  1.00 37.74 ? 70  PRO A CA  1 
ATOM   423  C C   . PRO A 1 74  ? -14.327 -9.414  -8.567  1.00 37.28 ? 70  PRO A C   1 
ATOM   424  O O   . PRO A 1 74  ? -15.554 -9.311  -8.670  1.00 36.87 ? 70  PRO A O   1 
ATOM   425  C CB  . PRO A 1 74  ? -14.183 -7.995  -10.662 1.00 38.30 ? 70  PRO A CB  1 
ATOM   426  C CG  . PRO A 1 74  ? -14.231 -8.970  -11.777 1.00 38.41 ? 70  PRO A CG  1 
ATOM   427  C CD  . PRO A 1 74  ? -12.989 -9.832  -11.700 1.00 38.15 ? 70  PRO A CD  1 
ATOM   428  N N   . SER A 1 75  ? -13.729 -10.073 -7.572  1.00 36.50 ? 71  SER A N   1 
ATOM   429  C CA  . SER A 1 75  ? -14.452 -10.948 -6.651  1.00 35.82 ? 71  SER A CA  1 
ATOM   430  C C   . SER A 1 75  ? -13.558 -11.127 -5.429  1.00 34.48 ? 71  SER A C   1 
ATOM   431  O O   . SER A 1 75  ? -12.341 -11.119 -5.574  1.00 35.09 ? 71  SER A O   1 
ATOM   432  C CB  . SER A 1 75  ? -14.637 -12.307 -7.333  1.00 35.99 ? 71  SER A CB  1 
ATOM   433  O OG  . SER A 1 75  ? -15.274 -13.231 -6.479  1.00 38.78 ? 71  SER A OG  1 
ATOM   434  N N   . SER A 1 76  ? -14.142 -11.262 -4.241  1.00 33.78 ? 72  SER A N   1 
ATOM   435  C CA  . SER A 1 76  ? -13.343 -11.612 -3.046  1.00 32.54 ? 72  SER A CA  1 
ATOM   436  C C   . SER A 1 76  ? -14.176 -12.324 -2.001  1.00 32.75 ? 72  SER A C   1 
ATOM   437  O O   . SER A 1 76  ? -15.387 -12.482 -2.181  1.00 33.33 ? 72  SER A O   1 
ATOM   438  C CB  . SER A 1 76  ? -12.709 -10.368 -2.429  1.00 31.64 ? 72  SER A CB  1 
ATOM   439  O OG  . SER A 1 76  ? -13.689 -9.597  -1.770  1.00 27.63 ? 72  SER A OG  1 
ATOM   440  N N   . TRP A 1 77  ? -13.541 -12.717 -0.886  1.00 32.32 ? 73  TRP A N   1 
ATOM   441  C CA  . TRP A 1 77  ? -14.271 -13.270 0.247   1.00 31.39 ? 73  TRP A CA  1 
ATOM   442  C C   . TRP A 1 77  ? -15.296 -12.278 0.791   1.00 31.45 ? 73  TRP A C   1 
ATOM   443  O O   . TRP A 1 77  ? -16.247 -12.686 1.417   1.00 31.54 ? 73  TRP A O   1 
ATOM   444  C CB  . TRP A 1 77  ? -13.316 -13.726 1.374   1.00 31.52 ? 73  TRP A CB  1 
ATOM   445  C CG  . TRP A 1 77  ? -12.615 -12.564 2.081   1.00 30.64 ? 73  TRP A CG  1 
ATOM   446  C CD1 . TRP A 1 77  ? -11.405 -12.018 1.753   1.00 31.43 ? 73  TRP A CD1 1 
ATOM   447  C CD2 . TRP A 1 77  ? -13.091 -11.830 3.227   1.00 31.01 ? 73  TRP A CD2 1 
ATOM   448  N NE1 . TRP A 1 77  ? -11.099 -10.984 2.627   1.00 30.84 ? 73  TRP A NE1 1 
ATOM   449  C CE2 . TRP A 1 77  ? -12.105 -10.855 3.542   1.00 29.56 ? 73  TRP A CE2 1 
ATOM   450  C CE3 . TRP A 1 77  ? -14.237 -11.912 4.030   1.00 30.42 ? 73  TRP A CE3 1 
ATOM   451  C CZ2 . TRP A 1 77  ? -12.249 -9.951  4.614   1.00 29.44 ? 73  TRP A CZ2 1 
ATOM   452  C CZ3 . TRP A 1 77  ? -14.378 -11.003 5.101   1.00 32.18 ? 73  TRP A CZ3 1 
ATOM   453  C CH2 . TRP A 1 77  ? -13.389 -10.032 5.366   1.00 30.26 ? 73  TRP A CH2 1 
ATOM   454  N N   . ARG A 1 78  ? -15.121 -10.975 0.529   1.00 31.95 ? 74  ARG A N   1 
ATOM   455  C CA  . ARG A 1 78  ? -16.019 -9.965  1.078   1.00 32.75 ? 74  ARG A CA  1 
ATOM   456  C C   . ARG A 1 78  ? -17.285 -9.784  0.255   1.00 33.08 ? 74  ARG A C   1 
ATOM   457  O O   . ARG A 1 78  ? -18.334 -9.424  0.789   1.00 33.54 ? 74  ARG A O   1 
ATOM   458  C CB  . ARG A 1 78  ? -15.328 -8.585  1.171   1.00 32.29 ? 74  ARG A CB  1 
ATOM   459  C CG  . ARG A 1 78  ? -14.045 -8.552  1.966   1.00 32.33 ? 74  ARG A CG  1 
ATOM   460  C CD  . ARG A 1 78  ? -13.686 -7.105  2.303   1.00 29.58 ? 74  ARG A CD  1 
ATOM   461  N NE  . ARG A 1 78  ? -14.711 -6.510  3.141   1.00 27.75 ? 74  ARG A NE  1 
ATOM   462  C CZ  . ARG A 1 78  ? -15.200 -5.285  2.998   1.00 29.37 ? 74  ARG A CZ  1 
ATOM   463  N NH1 . ARG A 1 78  ? -14.737 -4.486  2.050   1.00 33.44 ? 74  ARG A NH1 1 
ATOM   464  N NH2 . ARG A 1 78  ? -16.139 -4.852  3.831   1.00 29.88 ? 74  ARG A NH2 1 
ATOM   465  N N   . GLN A 1 79  ? -17.158 -9.994  -1.047  1.00 33.96 ? 75  GLN A N   1 
ATOM   466  C CA  . GLN A 1 79  ? -18.149 -9.547  -1.998  1.00 35.12 ? 75  GLN A CA  1 
ATOM   467  C C   . GLN A 1 79  ? -17.996 -10.383 -3.239  1.00 34.86 ? 75  GLN A C   1 
ATOM   468  O O   . GLN A 1 79  ? -16.960 -10.361 -3.901  1.00 34.92 ? 75  GLN A O   1 
ATOM   469  C CB  . GLN A 1 79  ? -17.901 -8.081  -2.326  1.00 35.63 ? 75  GLN A CB  1 
ATOM   470  C CG  . GLN A 1 79  ? -19.033 -7.395  -3.001  1.00 38.51 ? 75  GLN A CG  1 
ATOM   471  C CD  . GLN A 1 79  ? -18.865 -5.898  -2.961  1.00 42.38 ? 75  GLN A CD  1 
ATOM   472  O OE1 . GLN A 1 79  ? -17.769 -5.373  -3.188  1.00 41.78 ? 75  GLN A OE1 1 
ATOM   473  N NE2 . GLN A 1 79  ? -19.952 -5.194  -2.667  1.00 44.32 ? 75  GLN A NE2 1 
ATOM   474  N N   . GLU A 1 80  ? -19.028 -11.159 -3.529  1.00 35.43 ? 76  GLU A N   1 
ATOM   475  C CA  . GLU A 1 80  ? -18.986 -12.093 -4.649  1.00 35.26 ? 76  GLU A CA  1 
ATOM   476  C C   . GLU A 1 80  ? -18.761 -11.377 -5.986  1.00 35.00 ? 76  GLU A C   1 
ATOM   477  O O   . GLU A 1 80  ? -17.947 -11.826 -6.810  1.00 34.37 ? 76  GLU A O   1 
ATOM   478  C CB  . GLU A 1 80  ? -20.265 -12.931 -4.687  1.00 34.97 ? 76  GLU A CB  1 
ATOM   479  C CG  . GLU A 1 80  ? -20.178 -14.043 -5.725  1.00 36.77 ? 76  GLU A CG  1 
ATOM   480  C CD  . GLU A 1 80  ? -21.267 -15.092 -5.580  1.00 34.68 ? 76  GLU A CD  1 
ATOM   481  O OE1 . GLU A 1 80  ? -21.106 -16.159 -6.204  1.00 37.24 ? 76  GLU A OE1 1 
ATOM   482  O OE2 . GLU A 1 80  ? -22.251 -14.854 -4.860  1.00 33.60 ? 76  GLU A OE2 1 
ATOM   483  N N   . LYS A 1 81  ? -19.484 -10.275 -6.181  1.00 35.72 ? 77  LYS A N   1 
ATOM   484  C CA  . LYS A 1 81  ? -19.321 -9.408  -7.353  1.00 36.98 ? 77  LYS A CA  1 
ATOM   485  C C   . LYS A 1 81  ? -18.774 -8.051  -6.908  1.00 36.10 ? 77  LYS A C   1 
ATOM   486  O O   . LYS A 1 81  ? -19.509 -7.264  -6.303  1.00 36.30 ? 77  LYS A O   1 
ATOM   487  C CB  . LYS A 1 81  ? -20.678 -9.196  -8.055  1.00 37.49 ? 77  LYS A CB  1 
ATOM   488  C CG  . LYS A 1 81  ? -20.634 -8.175  -9.202  1.00 38.40 ? 77  LYS A CG  1 
ATOM   489  C CD  . LYS A 1 81  ? -22.024 -7.953  -9.812  1.00 39.48 ? 77  LYS A CD  1 
ATOM   490  C CE  . LYS A 1 81  ? -21.932 -7.246  -11.172 1.00 42.29 ? 77  LYS A CE  1 
ATOM   491  N NZ  . LYS A 1 81  ? -20.925 -7.869  -12.089 1.00 44.13 ? 77  LYS A NZ  1 
ATOM   492  N N   . ILE A 1 82  ? -17.518 -7.752  -7.236  1.00 35.91 ? 78  ILE A N   1 
ATOM   493  C CA  . ILE A 1 82  ? -16.983 -6.409  -6.908  1.00 35.51 ? 78  ILE A CA  1 
ATOM   494  C C   . ILE A 1 82  ? -17.380 -5.431  -8.017  1.00 35.27 ? 78  ILE A C   1 
ATOM   495  O O   . ILE A 1 82  ? -16.909 -5.549  -9.144  1.00 34.96 ? 78  ILE A O   1 
ATOM   496  C CB  . ILE A 1 82  ? -15.429 -6.377  -6.731  1.00 35.63 ? 78  ILE A CB  1 
ATOM   497  C CG1 . ILE A 1 82  ? -14.947 -7.347  -5.615  1.00 34.63 ? 78  ILE A CG1 1 
ATOM   498  C CG2 . ILE A 1 82  ? -14.935 -4.912  -6.500  1.00 35.15 ? 78  ILE A CG2 1 
ATOM   499  C CD1 . ILE A 1 82  ? -14.917 -6.752  -4.218  1.00 35.24 ? 78  ILE A CD1 1 
ATOM   500  N N   . THR A 1 83  ? -18.193 -4.444  -7.658  1.00 35.38 ? 79  THR A N   1 
ATOM   501  C CA  . THR A 1 83  ? -18.693 -3.442  -8.598  1.00 35.87 ? 79  THR A CA  1 
ATOM   502  C C   . THR A 1 83  ? -18.092 -2.020  -8.500  1.00 35.71 ? 79  THR A C   1 
ATOM   503  O O   . THR A 1 83  ? -18.246 -1.189  -9.428  1.00 35.58 ? 79  THR A O   1 
ATOM   504  C CB  . THR A 1 83  ? -20.205 -3.307  -8.431  1.00 35.83 ? 79  THR A CB  1 
ATOM   505  O OG1 . THR A 1 83  ? -20.502 -2.889  -7.092  1.00 37.46 ? 79  THR A OG1 1 
ATOM   506  C CG2 . THR A 1 83  ? -20.901 -4.626  -8.734  1.00 36.11 ? 79  THR A CG2 1 
ATOM   507  N N   . ARG A 1 84  ? -17.443 -1.706  -7.379  1.00 34.98 ? 80  ARG A N   1 
ATOM   508  C CA  . ARG A 1 84  ? -17.003 -0.324  -7.161  1.00 33.42 ? 80  ARG A CA  1 
ATOM   509  C C   . ARG A 1 84  ? -16.078 0.131   -8.289  1.00 33.41 ? 80  ARG A C   1 
ATOM   510  O O   . ARG A 1 84  ? -15.385 -0.686  -8.903  1.00 33.40 ? 80  ARG A O   1 
ATOM   511  C CB  . ARG A 1 84  ? -16.362 -0.146  -5.769  1.00 33.38 ? 80  ARG A CB  1 
ATOM   512  C CG  . ARG A 1 84  ? -15.023 -0.855  -5.584  1.00 32.75 ? 80  ARG A CG  1 
ATOM   513  C CD  . ARG A 1 84  ? -14.419 -0.491  -4.229  1.00 31.50 ? 80  ARG A CD  1 
ATOM   514  N NE  . ARG A 1 84  ? -15.111 -1.138  -3.096  1.00 28.63 ? 80  ARG A NE  1 
ATOM   515  C CZ  . ARG A 1 84  ? -14.834 -2.368  -2.658  1.00 25.09 ? 80  ARG A CZ  1 
ATOM   516  N NH1 . ARG A 1 84  ? -13.877 -3.077  -3.238  1.00 27.86 ? 80  ARG A NH1 1 
ATOM   517  N NH2 . ARG A 1 84  ? -15.483 -2.874  -1.616  1.00 25.87 ? 80  ARG A NH2 1 
ATOM   518  N N   . THR A 1 85  ? -16.103 1.430   -8.585  1.00 33.30 ? 81  THR A N   1 
ATOM   519  C CA  . THR A 1 85  ? -15.218 1.990   -9.593  1.00 33.20 ? 81  THR A CA  1 
ATOM   520  C C   . THR A 1 85  ? -13.773 2.054   -9.072  1.00 32.62 ? 81  THR A C   1 
ATOM   521  O O   . THR A 1 85  ? -13.549 2.057   -7.861  1.00 31.42 ? 81  THR A O   1 
ATOM   522  C CB  . THR A 1 85  ? -15.698 3.388   -10.065 1.00 33.17 ? 81  THR A CB  1 
ATOM   523  O OG1 . THR A 1 85  ? -15.461 4.377   -9.049  1.00 33.51 ? 81  THR A OG1 1 
ATOM   524  C CG2 . THR A 1 85  ? -17.220 3.379   -10.382 1.00 34.66 ? 81  THR A CG2 1 
ATOM   525  N N   . LYS A 1 86  ? -12.810 2.080   -9.991  1.00 32.33 ? 82  LYS A N   1 
ATOM   526  C CA  . LYS A 1 86  ? -11.417 2.372   -9.654  1.00 32.89 ? 82  LYS A CA  1 
ATOM   527  C C   . LYS A 1 86  ? -11.297 3.653   -8.792  1.00 33.02 ? 82  LYS A C   1 
ATOM   528  O O   . LYS A 1 86  ? -10.519 3.697   -7.835  1.00 32.07 ? 82  LYS A O   1 
ATOM   529  C CB  . LYS A 1 86  ? -10.547 2.432   -10.919 1.00 33.46 ? 82  LYS A CB  1 
ATOM   530  C CG  . LYS A 1 86  ? -9.133  2.969   -10.693 1.00 35.97 ? 82  LYS A CG  1 
ATOM   531  C CD  . LYS A 1 86  ? -8.052  2.288   -11.565 1.00 41.28 ? 82  LYS A CD  1 
ATOM   532  C CE  . LYS A 1 86  ? -8.040  2.749   -13.019 1.00 42.49 ? 82  LYS A CE  1 
ATOM   533  N NZ  . LYS A 1 86  ? -7.039  1.973   -13.778 1.00 44.17 ? 82  LYS A NZ  1 
ATOM   534  N N   . GLU A 1 87  ? -12.098 4.674   -9.119  1.00 32.29 ? 83  GLU A N   1 
ATOM   535  C CA  . GLU A 1 87  ? -12.100 5.932   -8.363  1.00 32.56 ? 83  GLU A CA  1 
ATOM   536  C C   . GLU A 1 87  ? -12.598 5.776   -6.912  1.00 30.98 ? 83  GLU A C   1 
ATOM   537  O O   . GLU A 1 87  ? -12.034 6.345   -5.998  1.00 30.39 ? 83  GLU A O   1 
ATOM   538  C CB  . GLU A 1 87  ? -12.937 6.989   -9.114  1.00 32.51 ? 83  GLU A CB  1 
ATOM   539  C CG  . GLU A 1 87  ? -13.197 8.292   -8.353  1.00 35.68 ? 83  GLU A CG  1 
ATOM   540  C CD  . GLU A 1 87  ? -14.242 9.179   -9.053  0.75 35.65 ? 83  GLU A CD  1 
ATOM   541  O OE1 . GLU A 1 87  ? -13.921 10.327  -9.410  0.75 38.77 ? 83  GLU A OE1 1 
ATOM   542  O OE2 . GLU A 1 87  ? -15.385 8.718   -9.258  0.75 40.38 ? 83  GLU A OE2 1 
ATOM   543  N N   . GLU A 1 88  ? -13.673 5.019   -6.727  1.00 30.02 ? 84  GLU A N   1 
ATOM   544  C CA  . GLU A 1 88  ? -14.225 4.716   -5.418  1.00 29.54 ? 84  GLU A CA  1 
ATOM   545  C C   . GLU A 1 88  ? -13.302 3.817   -4.604  1.00 28.25 ? 84  GLU A C   1 
ATOM   546  O O   . GLU A 1 88  ? -13.223 3.962   -3.385  1.00 28.04 ? 84  GLU A O   1 
ATOM   547  C CB  . GLU A 1 88  ? -15.583 4.017   -5.567  1.00 29.60 ? 84  GLU A CB  1 
ATOM   548  C CG  . GLU A 1 88  ? -16.682 4.936   -6.049  1.00 32.95 ? 84  GLU A CG  1 
ATOM   549  C CD  . GLU A 1 88  ? -17.893 4.159   -6.547  1.00 36.18 ? 84  GLU A CD  1 
ATOM   550  O OE1 . GLU A 1 88  ? -17.732 2.964   -6.892  1.00 33.05 ? 84  GLU A OE1 1 
ATOM   551  O OE2 . GLU A 1 88  ? -18.991 4.760   -6.601  1.00 37.53 ? 84  GLU A OE2 1 
ATOM   552  N N   . ALA A 1 89  ? -12.623 2.897   -5.280  1.00 26.93 ? 85  ALA A N   1 
ATOM   553  C CA  . ALA A 1 89  ? -11.571 2.090   -4.626  1.00 27.36 ? 85  ALA A CA  1 
ATOM   554  C C   . ALA A 1 89  ? -10.427 2.974   -4.060  1.00 27.14 ? 85  ALA A C   1 
ATOM   555  O O   . ALA A 1 89  ? -9.974  2.793   -2.912  1.00 26.01 ? 85  ALA A O   1 
ATOM   556  C CB  . ALA A 1 89  ? -11.031 1.020   -5.580  1.00 27.41 ? 85  ALA A CB  1 
ATOM   557  N N   . LEU A 1 90  ? -9.974  3.936   -4.863  1.00 26.15 ? 86  LEU A N   1 
ATOM   558  C CA  . LEU A 1 90  ? -8.956  4.867   -4.404  1.00 25.91 ? 86  LEU A CA  1 
ATOM   559  C C   . LEU A 1 90  ? -9.443  5.728   -3.218  1.00 25.73 ? 86  LEU A C   1 
ATOM   560  O O   . LEU A 1 90  ? -8.671  5.948   -2.301  1.00 24.84 ? 86  LEU A O   1 
ATOM   561  C CB  . LEU A 1 90  ? -8.397  5.707   -5.557  1.00 24.99 ? 86  LEU A CB  1 
ATOM   562  C CG  . LEU A 1 90  ? -7.264  6.709   -5.258  1.00 26.54 ? 86  LEU A CG  1 
ATOM   563  C CD1 . LEU A 1 90  ? -6.027  5.994   -4.699  1.00 25.81 ? 86  LEU A CD1 1 
ATOM   564  C CD2 . LEU A 1 90  ? -6.907  7.521   -6.552  1.00 26.75 ? 86  LEU A CD2 1 
ATOM   565  N N   . GLU A 1 91  ? -10.696 6.194   -3.238  1.00 26.74 ? 87  GLU A N   1 
ATOM   566  C CA  . GLU A 1 91  ? -11.278 6.955   -2.105  1.00 28.49 ? 87  GLU A CA  1 
ATOM   567  C C   . GLU A 1 91  ? -11.203 6.112   -0.814  1.00 27.47 ? 87  GLU A C   1 
ATOM   568  O O   . GLU A 1 91  ? -10.886 6.624   0.272   1.00 26.38 ? 87  GLU A O   1 
ATOM   569  C CB  . GLU A 1 91  ? -12.768 7.318   -2.345  1.00 28.31 ? 87  GLU A CB  1 
ATOM   570  C CG  . GLU A 1 91  ? -13.122 8.388   -3.399  1.00 33.10 ? 87  GLU A CG  1 
ATOM   571  C CD  . GLU A 1 91  ? -14.617 8.287   -3.932  1.00 35.01 ? 87  GLU A CD  1 
ATOM   572  O OE1 . GLU A 1 91  ? -15.557 7.845   -3.191  1.00 43.10 ? 87  GLU A OE1 1 
ATOM   573  O OE2 . GLU A 1 91  ? -14.859 8.625   -5.122  1.00 41.68 ? 87  GLU A OE2 1 
ATOM   574  N N   . LEU A 1 92  ? -11.550 4.826   -0.946  1.00 26.43 ? 88  LEU A N   1 
ATOM   575  C CA  . LEU A 1 92  ? -11.529 3.874   0.164   1.00 25.99 ? 88  LEU A CA  1 
ATOM   576  C C   . LEU A 1 92  ? -10.119 3.700   0.717   1.00 24.77 ? 88  LEU A C   1 
ATOM   577  O O   . LEU A 1 92  ? -9.914  3.800   1.946   1.00 24.89 ? 88  LEU A O   1 
ATOM   578  C CB  . LEU A 1 92  ? -12.137 2.516   -0.265  1.00 25.63 ? 88  LEU A CB  1 
ATOM   579  C CG  . LEU A 1 92  ? -13.680 2.445   -0.253  1.00 27.88 ? 88  LEU A CG  1 
ATOM   580  C CD1 . LEU A 1 92  ? -14.201 1.145   -0.901  1.00 28.50 ? 88  LEU A CD1 1 
ATOM   581  C CD2 . LEU A 1 92  ? -14.294 2.609   1.158   1.00 26.63 ? 88  LEU A CD2 1 
ATOM   582  N N   . ILE A 1 93  ? -9.163  3.448   -0.184  1.00 24.48 ? 89  ILE A N   1 
ATOM   583  C CA  . ILE A 1 93  ? -7.726  3.344   0.150   1.00 24.18 ? 89  ILE A CA  1 
ATOM   584  C C   . ILE A 1 93  ? -7.197  4.612   0.875   1.00 24.04 ? 89  ILE A C   1 
ATOM   585  O O   . ILE A 1 93  ? -6.505  4.521   1.900   1.00 22.40 ? 89  ILE A O   1 
ATOM   586  C CB  . ILE A 1 93  ? -6.863  3.003   -1.119  1.00 23.73 ? 89  ILE A CB  1 
ATOM   587  C CG1 . ILE A 1 93  ? -7.034  1.518   -1.536  1.00 25.01 ? 89  ILE A CG1 1 
ATOM   588  C CG2 . ILE A 1 93  ? -5.372  3.317   -0.896  1.00 23.03 ? 89  ILE A CG2 1 
ATOM   589  C CD1 . ILE A 1 93  ? -6.176  0.502   -0.689  1.00 22.88 ? 89  ILE A CD1 1 
ATOM   590  N N   . ASN A 1 94  ? -7.512  5.786   0.318   1.00 23.94 ? 90  ASN A N   1 
ATOM   591  C CA  . ASN A 1 94  ? -7.101  7.063   0.930   1.00 23.98 ? 90  ASN A CA  1 
ATOM   592  C C   . ASN A 1 94  ? -7.663  7.230   2.351   1.00 23.51 ? 90  ASN A C   1 
ATOM   593  O O   . ASN A 1 94  ? -6.953  7.697   3.237   1.00 24.35 ? 90  ASN A O   1 
ATOM   594  C CB  . ASN A 1 94  ? -7.508  8.253   0.070   1.00 23.89 ? 90  ASN A CB  1 
ATOM   595  C CG  . ASN A 1 94  ? -6.743  8.347   -1.257  1.00 25.41 ? 90  ASN A CG  1 
ATOM   596  O OD1 . ASN A 1 94  ? -5.618  7.845   -1.423  1.00 28.81 ? 90  ASN A OD1 1 
ATOM   597  N ND2 . ASN A 1 94  ? -7.352  9.046   -2.204  1.00 28.93 ? 90  ASN A ND2 1 
ATOM   598  N N   . GLY A 1 95  ? -8.927  6.856   2.551   1.00 23.40 ? 91  GLY A N   1 
ATOM   599  C CA  . GLY A 1 95  ? -9.558  6.805   3.890   1.00 23.13 ? 91  GLY A CA  1 
ATOM   600  C C   . GLY A 1 95  ? -8.834  5.892   4.893   1.00 23.13 ? 91  GLY A C   1 
ATOM   601  O O   . GLY A 1 95  ? -8.603  6.280   6.067   1.00 22.60 ? 91  GLY A O   1 
ATOM   602  N N   . TYR A 1 96  ? -8.460  4.685   4.450   1.00 22.64 ? 92  TYR A N   1 
ATOM   603  C CA  . TYR A 1 96  ? -7.787  3.725   5.352   1.00 21.31 ? 92  TYR A CA  1 
ATOM   604  C C   . TYR A 1 96  ? -6.397  4.249   5.712   1.00 21.30 ? 92  TYR A C   1 
ATOM   605  O O   . TYR A 1 96  ? -5.983  4.146   6.856   1.00 20.01 ? 92  TYR A O   1 
ATOM   606  C CB  . TYR A 1 96  ? -7.648  2.354   4.689   1.00 22.78 ? 92  TYR A CB  1 
ATOM   607  C CG  . TYR A 1 96  ? -8.965  1.667   4.365   1.00 22.93 ? 92  TYR A CG  1 
ATOM   608  C CD1 . TYR A 1 96  ? -9.094  0.905   3.207   1.00 23.46 ? 92  TYR A CD1 1 
ATOM   609  C CD2 . TYR A 1 96  ? -10.067 1.792   5.207   1.00 24.87 ? 92  TYR A CD2 1 
ATOM   610  C CE1 . TYR A 1 96  ? -10.283 0.252   2.903   1.00 24.65 ? 92  TYR A CE1 1 
ATOM   611  C CE2 . TYR A 1 96  ? -11.278 1.177   4.907   1.00 26.23 ? 92  TYR A CE2 1 
ATOM   612  C CZ  . TYR A 1 96  ? -11.372 0.402   3.753   1.00 24.92 ? 92  TYR A CZ  1 
ATOM   613  O OH  . TYR A 1 96  ? -12.562 -0.204  3.416   1.00 25.49 ? 92  TYR A OH  1 
ATOM   614  N N   . ILE A 1 97  ? -5.693  4.808   4.721   1.00 20.97 ? 93  ILE A N   1 
ATOM   615  C CA  . ILE A 1 97  ? -4.384  5.415   4.948   1.00 21.29 ? 93  ILE A CA  1 
ATOM   616  C C   . ILE A 1 97  ? -4.523  6.549   5.987   1.00 21.32 ? 93  ILE A C   1 
ATOM   617  O O   . ILE A 1 97  ? -3.746  6.625   6.905   1.00 20.75 ? 93  ILE A O   1 
ATOM   618  C CB  . ILE A 1 97  ? -3.726  5.895   3.623   1.00 21.73 ? 93  ILE A CB  1 
ATOM   619  C CG1 . ILE A 1 97  ? -3.216  4.691   2.779   1.00 21.16 ? 93  ILE A CG1 1 
ATOM   620  C CG2 . ILE A 1 97  ? -2.541  6.851   3.904   1.00 20.70 ? 93  ILE A CG2 1 
ATOM   621  C CD1 . ILE A 1 97  ? -2.768  5.084   1.347   1.00 22.13 ? 93  ILE A CD1 1 
ATOM   622  N N   . GLN A 1 98  ? -5.547  7.395   5.851   1.00 22.43 ? 94  GLN A N   1 
ATOM   623  C CA  . GLN A 1 98  ? -5.759  8.493   6.815   1.00 23.63 ? 94  GLN A CA  1 
ATOM   624  C C   . GLN A 1 98  ? -5.953  7.964   8.225   1.00 24.34 ? 94  GLN A C   1 
ATOM   625  O O   . GLN A 1 98  ? -5.359  8.483   9.174   1.00 24.64 ? 94  GLN A O   1 
ATOM   626  C CB  . GLN A 1 98  ? -6.959  9.346   6.412   1.00 23.92 ? 94  GLN A CB  1 
ATOM   627  C CG  . GLN A 1 98  ? -6.681  10.242  5.199   1.00 29.41 ? 94  GLN A CG  1 
ATOM   628  C CD  . GLN A 1 98  ? -7.870  11.147  4.901   1.00 37.80 ? 94  GLN A CD  1 
ATOM   629  O OE1 . GLN A 1 98  ? -9.006  10.669  4.752   1.00 38.81 ? 94  GLN A OE1 1 
ATOM   630  N NE2 . GLN A 1 98  ? -7.625  12.467  4.855   1.00 39.76 ? 94  GLN A NE2 1 
ATOM   631  N N   . LYS A 1 99  ? -6.771  6.922   8.362   1.00 24.04 ? 95  LYS A N   1 
ATOM   632  C CA  . LYS A 1 99  ? -7.016  6.322   9.673   1.00 24.46 ? 95  LYS A CA  1 
ATOM   633  C C   . LYS A 1 99  ? -5.799  5.624   10.247  1.00 23.67 ? 95  LYS A C   1 
ATOM   634  O O   . LYS A 1 99  ? -5.601  5.617   11.464  1.00 24.16 ? 95  LYS A O   1 
ATOM   635  C CB  . LYS A 1 99  ? -8.216  5.372   9.627   1.00 25.44 ? 95  LYS A CB  1 
ATOM   636  C CG  . LYS A 1 99  ? -9.538  6.124   9.578   1.00 30.22 ? 95  LYS A CG  1 
ATOM   637  C CD  . LYS A 1 99  ? -10.703 5.222   9.909   1.00 37.86 ? 95  LYS A CD  1 
ATOM   638  C CE  . LYS A 1 99  ? -12.035 5.922   9.645   1.00 41.95 ? 95  LYS A CE  1 
ATOM   639  N NZ  . LYS A 1 99  ? -12.126 7.247   10.328  1.00 46.91 ? 95  LYS A NZ  1 
ATOM   640  N N   . ILE A 1 100 ? -4.978  5.034   9.388   1.00 21.66 ? 96  ILE A N   1 
ATOM   641  C CA  . ILE A 1 100 ? -3.772  4.383   9.882   1.00 22.37 ? 96  ILE A CA  1 
ATOM   642  C C   . ILE A 1 100 ? -2.790  5.452   10.347  1.00 21.68 ? 96  ILE A C   1 
ATOM   643  O O   . ILE A 1 100 ? -2.196  5.347   11.434  1.00 22.63 ? 96  ILE A O   1 
ATOM   644  C CB  . ILE A 1 100 ? -3.145  3.485   8.800   1.00 21.54 ? 96  ILE A CB  1 
ATOM   645  C CG1 . ILE A 1 100 ? -4.054  2.262   8.548   1.00 21.63 ? 96  ILE A CG1 1 
ATOM   646  C CG2 . ILE A 1 100 ? -1.725  3.115   9.189   1.00 22.35 ? 96  ILE A CG2 1 
ATOM   647  C CD1 . ILE A 1 100 ? -3.835  1.589   7.151   1.00 23.45 ? 96  ILE A CD1 1 
ATOM   648  N N   . LYS A 1 101 ? -2.658  6.511   9.545   1.00 21.67 ? 97  LYS A N   1 
ATOM   649  C CA  . LYS A 1 101 ? -1.692  7.582   9.873   1.00 22.42 ? 97  LYS A CA  1 
ATOM   650  C C   . LYS A 1 101 ? -2.048  8.390   11.107  1.00 22.84 ? 97  LYS A C   1 
ATOM   651  O O   . LYS A 1 101 ? -1.146  8.855   11.828  1.00 23.84 ? 97  LYS A O   1 
ATOM   652  C CB  . LYS A 1 101 ? -1.473  8.522   8.686   1.00 20.84 ? 97  LYS A CB  1 
ATOM   653  C CG  . LYS A 1 101 ? -0.684  7.865   7.563   1.00 21.39 ? 97  LYS A CG  1 
ATOM   654  C CD  . LYS A 1 101 ? -0.140  8.991   6.697   1.00 24.68 ? 97  LYS A CD  1 
ATOM   655  C CE  . LYS A 1 101 ? 1.004   8.493   5.877   1.00 21.51 ? 97  LYS A CE  1 
ATOM   656  N NZ  . LYS A 1 101 ? 1.645   9.563   5.045   1.00 22.36 ? 97  LYS A NZ  1 
ATOM   657  N N   . SER A 1 102 ? -3.339  8.602   11.306  1.00 24.54 ? 98  SER A N   1 
ATOM   658  C CA  . SER A 1 102 ? -3.871  9.327   12.469  1.00 25.11 ? 98  SER A CA  1 
ATOM   659  C C   . SER A 1 102 ? -3.839  8.480   13.763  1.00 25.90 ? 98  SER A C   1 
ATOM   660  O O   . SER A 1 102 ? -3.909  9.009   14.888  1.00 25.36 ? 98  SER A O   1 
ATOM   661  C CB  . SER A 1 102 ? -5.287  9.792   12.186  1.00 25.73 ? 98  SER A CB  1 
ATOM   662  O OG  . SER A 1 102 ? -6.232  8.734   12.295  1.00 26.19 ? 98  SER A OG  1 
ATOM   663  N N   . GLY A 1 103 ? -3.715  7.172   13.592  1.00 25.32 ? 99  GLY A N   1 
ATOM   664  C CA  . GLY A 1 103 ? -3.697  6.254   14.704  1.00 26.15 ? 99  GLY A CA  1 
ATOM   665  C C   . GLY A 1 103 ? -5.076  5.830   15.138  1.00 27.35 ? 99  GLY A C   1 
ATOM   666  O O   . GLY A 1 103 ? -5.190  5.060   16.100  1.00 27.11 ? 99  GLY A O   1 
ATOM   667  N N   . GLU A 1 104 ? -6.109  6.328   14.449  1.00 27.83 ? 100 GLU A N   1 
ATOM   668  C CA  . GLU A 1 104 ? -7.490  5.977   14.739  1.00 31.19 ? 100 GLU A CA  1 
ATOM   669  C C   . GLU A 1 104 ? -7.722  4.467   14.633  1.00 30.86 ? 100 GLU A C   1 
ATOM   670  O O   . GLU A 1 104 ? -8.488  3.904   15.416  1.00 30.45 ? 100 GLU A O   1 
ATOM   671  C CB  . GLU A 1 104 ? -8.486  6.724   13.836  1.00 30.30 ? 100 GLU A CB  1 
ATOM   672  C CG  . GLU A 1 104 ? -9.948  6.345   14.180  1.00 35.44 ? 100 GLU A CG  1 
ATOM   673  C CD  . GLU A 1 104 ? -11.001 7.145   13.421  1.00 36.42 ? 100 GLU A CD  1 
ATOM   674  O OE1 . GLU A 1 104 ? -10.696 8.261   12.942  1.00 43.68 ? 100 GLU A OE1 1 
ATOM   675  O OE2 . GLU A 1 104 ? -12.138 6.640   13.303  1.00 44.93 ? 100 GLU A OE2 1 
ATOM   676  N N   . GLU A 1 105 ? -7.076  3.832   13.650  1.00 30.95 ? 101 GLU A N   1 
ATOM   677  C CA  . GLU A 1 105 ? -7.187  2.395   13.415  1.00 32.36 ? 101 GLU A CA  1 
ATOM   678  C C   . GLU A 1 105 ? -5.817  1.880   13.080  1.00 31.60 ? 101 GLU A C   1 
ATOM   679  O O   . GLU A 1 105 ? -5.036  2.603   12.449  1.00 32.90 ? 101 GLU A O   1 
ATOM   680  C CB  . GLU A 1 105 ? -8.086  2.107   12.212  1.00 33.53 ? 101 GLU A CB  1 
ATOM   681  C CG  . GLU A 1 105 ? -9.448  2.763   12.275  1.00 38.34 ? 101 GLU A CG  1 
ATOM   682  C CD  . GLU A 1 105 ? -10.473 1.907   12.984  1.00 44.42 ? 101 GLU A CD  1 
ATOM   683  O OE1 . GLU A 1 105 ? -10.084 0.928   13.676  1.00 47.41 ? 101 GLU A OE1 1 
ATOM   684  O OE2 . GLU A 1 105 ? -11.677 2.224   12.829  1.00 48.16 ? 101 GLU A OE2 1 
ATOM   685  N N   . ASP A 1 106 ? -5.495  0.647   13.453  1.00 29.76 ? 102 ASP A N   1 
ATOM   686  C CA  . ASP A 1 106 ? -4.230  0.120   12.964  1.00 29.02 ? 102 ASP A CA  1 
ATOM   687  C C   . ASP A 1 106 ? -4.344  -0.657  11.664  1.00 27.36 ? 102 ASP A C   1 
ATOM   688  O O   . ASP A 1 106 ? -5.419  -1.113  11.284  1.00 26.21 ? 102 ASP A O   1 
ATOM   689  C CB  . ASP A 1 106 ? -3.369  -0.612  14.008  1.00 31.28 ? 102 ASP A CB  1 
ATOM   690  C CG  . ASP A 1 106 ? -4.046  -1.793  14.646  1.00 34.38 ? 102 ASP A CG  1 
ATOM   691  O OD1 . ASP A 1 106 ? -3.600  -2.157  15.778  1.00 38.94 ? 102 ASP A OD1 1 
ATOM   692  O OD2 . ASP A 1 106 ? -5.012  -2.339  14.084  1.00 39.33 ? 102 ASP A OD2 1 
ATOM   693  N N   . PHE A 1 107 ? -3.218  -0.748  10.985  1.00 25.53 ? 103 PHE A N   1 
ATOM   694  C CA  . PHE A 1 107 ? -3.177  -1.412  9.686   1.00 25.81 ? 103 PHE A CA  1 
ATOM   695  C C   . PHE A 1 107 ? -3.833  -2.807  9.759   1.00 24.52 ? 103 PHE A C   1 
ATOM   696  O O   . PHE A 1 107 ? -4.655  -3.141  8.922   1.00 22.72 ? 103 PHE A O   1 
ATOM   697  C CB  . PHE A 1 107 ? -1.737  -1.487  9.162   1.00 25.72 ? 103 PHE A CB  1 
ATOM   698  C CG  . PHE A 1 107 ? -1.600  -2.291  7.899   1.00 27.44 ? 103 PHE A CG  1 
ATOM   699  C CD1 . PHE A 1 107 ? -1.635  -1.662  6.663   1.00 29.47 ? 103 PHE A CD1 1 
ATOM   700  C CD2 . PHE A 1 107 ? -1.501  -3.695  7.948   1.00 31.00 ? 103 PHE A CD2 1 
ATOM   701  C CE1 . PHE A 1 107 ? -1.566  -2.418  5.492   1.00 28.54 ? 103 PHE A CE1 1 
ATOM   702  C CE2 . PHE A 1 107 ? -1.437  -4.443  6.782   1.00 29.47 ? 103 PHE A CE2 1 
ATOM   703  C CZ  . PHE A 1 107 ? -1.452  -3.796  5.564   1.00 28.42 ? 103 PHE A CZ  1 
ATOM   704  N N   . GLU A 1 108 ? -3.470  -3.596  10.777  1.00 24.79 ? 104 GLU A N   1 
ATOM   705  C CA  . GLU A 1 108 ? -3.912  -5.014  10.885  1.00 25.19 ? 104 GLU A CA  1 
ATOM   706  C C   . GLU A 1 108 ? -5.413  -5.154  11.034  1.00 25.17 ? 104 GLU A C   1 
ATOM   707  O O   . GLU A 1 108 ? -6.018  -6.103  10.526  1.00 25.50 ? 104 GLU A O   1 
ATOM   708  C CB  . GLU A 1 108 ? -3.242  -5.690  12.103  1.00 24.73 ? 104 GLU A CB  1 
ATOM   709  C CG  . GLU A 1 108 ? -1.749  -5.882  11.972  1.00 25.71 ? 104 GLU A CG  1 
ATOM   710  C CD  . GLU A 1 108 ? -0.915  -4.682  12.412  1.00 26.74 ? 104 GLU A CD  1 
ATOM   711  O OE1 . GLU A 1 108 ? -1.441  -3.559  12.634  1.00 25.47 ? 104 GLU A OE1 1 
ATOM   712  O OE2 . GLU A 1 108 ? 0.295   -4.903  12.543  1.00 29.63 ? 104 GLU A OE2 1 
ATOM   713  N N   . SER A 1 109 ? -6.011  -4.220  11.759  1.00 26.01 ? 105 SER A N   1 
ATOM   714  C CA  . SER A 1 109 ? -7.423  -4.244  12.017  1.00 26.96 ? 105 SER A CA  1 
ATOM   715  C C   . SER A 1 109 ? -8.203  -3.889  10.743  1.00 26.06 ? 105 SER A C   1 
ATOM   716  O O   . SER A 1 109 ? -9.193  -4.545  10.418  1.00 25.73 ? 105 SER A O   1 
ATOM   717  C CB  . SER A 1 109 ? -7.767  -3.337  13.187  1.00 27.83 ? 105 SER A CB  1 
ATOM   718  O OG  . SER A 1 109 ? -9.117  -2.950  13.102  1.00 32.49 ? 105 SER A OG  1 
ATOM   719  N N   . LEU A 1 110 ? -7.752  -2.875  10.012  1.00 25.04 ? 106 LEU A N   1 
ATOM   720  C CA  . LEU A 1 110 ? -8.373  -2.550  8.715   1.00 23.18 ? 106 LEU A CA  1 
ATOM   721  C C   . LEU A 1 110 ? -8.138  -3.652  7.676   1.00 22.24 ? 106 LEU A C   1 
ATOM   722  O O   . LEU A 1 110 ? -8.998  -3.900  6.842   1.00 22.71 ? 106 LEU A O   1 
ATOM   723  C CB  . LEU A 1 110 ? -7.891  -1.182  8.175   1.00 21.89 ? 106 LEU A CB  1 
ATOM   724  C CG  . LEU A 1 110 ? -8.209  0.031   9.070   1.00 21.62 ? 106 LEU A CG  1 
ATOM   725  C CD1 . LEU A 1 110 ? -7.629  1.358   8.472   1.00 19.03 ? 106 LEU A CD1 1 
ATOM   726  C CD2 . LEU A 1 110 ? -9.700  0.175   9.273   1.00 21.90 ? 106 LEU A CD2 1 
ATOM   727  N N   . ALA A 1 111 ? -6.967  -4.276  7.679   1.00 23.16 ? 107 ALA A N   1 
ATOM   728  C CA  . ALA A 1 111 ? -6.725  -5.336  6.686   1.00 23.19 ? 107 ALA A CA  1 
ATOM   729  C C   . ALA A 1 111 ? -7.660  -6.527  6.953   1.00 24.23 ? 107 ALA A C   1 
ATOM   730  O O   . ALA A 1 111 ? -8.223  -7.128  6.008   1.00 22.77 ? 107 ALA A O   1 
ATOM   731  C CB  . ALA A 1 111 ? -5.270  -5.775  6.663   1.00 23.29 ? 107 ALA A CB  1 
ATOM   732  N N   . SER A 1 112 ? -7.816  -6.869  8.239   1.00 23.78 ? 108 SER A N   1 
ATOM   733  C CA  . SER A 1 112 ? -8.674  -7.984  8.641   1.00 25.04 ? 108 SER A CA  1 
ATOM   734  C C   . SER A 1 112 ? -10.113 -7.734  8.240   1.00 25.52 ? 108 SER A C   1 
ATOM   735  O O   . SER A 1 112 ? -10.807 -8.653  7.812   1.00 26.27 ? 108 SER A O   1 
ATOM   736  C CB  . SER A 1 112 ? -8.610  -8.193  10.162  1.00 24.50 ? 108 SER A CB  1 
ATOM   737  O OG  . SER A 1 112 ? -7.281  -8.517  10.528  1.00 27.33 ? 108 SER A OG  1 
ATOM   738  N N   . GLN A 1 113 ? -10.573 -6.497  8.400   1.00 26.50 ? 109 GLN A N   1 
ATOM   739  C CA  . GLN A 1 113 ? -11.966 -6.159  8.128   1.00 28.10 ? 109 GLN A CA  1 
ATOM   740  C C   . GLN A 1 113 ? -12.258 -5.906  6.647   1.00 28.19 ? 109 GLN A C   1 
ATOM   741  O O   . GLN A 1 113 ? -13.337 -6.259  6.153   1.00 29.60 ? 109 GLN A O   1 
ATOM   742  C CB  . GLN A 1 113 ? -12.366 -4.927  8.944   1.00 28.44 ? 109 GLN A CB  1 
ATOM   743  C CG  . GLN A 1 113 ? -12.322 -5.151  10.460  1.00 29.03 ? 109 GLN A CG  1 
ATOM   744  C CD  . GLN A 1 113 ? -12.516 -3.864  11.240  1.00 30.30 ? 109 GLN A CD  1 
ATOM   745  O OE1 . GLN A 1 113 ? -11.557 -3.306  11.798  1.00 34.21 ? 109 GLN A OE1 1 
ATOM   746  N NE2 . GLN A 1 113 ? -13.750 -3.393  11.296  1.00 29.93 ? 109 GLN A NE2 1 
ATOM   747  N N   . PHE A 1 114 ? -11.306 -5.304  5.934   1.00 27.09 ? 110 PHE A N   1 
ATOM   748  C CA  . PHE A 1 114 ? -11.641 -4.692  4.638   1.00 27.00 ? 110 PHE A CA  1 
ATOM   749  C C   . PHE A 1 114 ? -10.842 -5.139  3.432   1.00 26.46 ? 110 PHE A C   1 
ATOM   750  O O   . PHE A 1 114 ? -11.213 -4.785  2.298   1.00 26.73 ? 110 PHE A O   1 
ATOM   751  C CB  . PHE A 1 114 ? -11.645 -3.138  4.728   1.00 25.99 ? 110 PHE A CB  1 
ATOM   752  C CG  . PHE A 1 114 ? -12.514 -2.597  5.837   1.00 27.35 ? 110 PHE A CG  1 
ATOM   753  C CD1 . PHE A 1 114 ? -11.962 -1.806  6.861   1.00 26.85 ? 110 PHE A CD1 1 
ATOM   754  C CD2 . PHE A 1 114 ? -13.873 -2.882  5.869   1.00 25.22 ? 110 PHE A CD2 1 
ATOM   755  C CE1 . PHE A 1 114 ? -12.761 -1.310  7.908   1.00 28.19 ? 110 PHE A CE1 1 
ATOM   756  C CE2 . PHE A 1 114 ? -14.680 -2.440  6.916   1.00 28.99 ? 110 PHE A CE2 1 
ATOM   757  C CZ  . PHE A 1 114 ? -14.141 -1.624  7.937   1.00 28.79 ? 110 PHE A CZ  1 
ATOM   758  N N   . SER A 1 115 ? -9.768  -5.898  3.633   1.00 25.53 ? 111 SER A N   1 
ATOM   759  C CA  . SER A 1 115 ? -8.951  -6.324  2.493   1.00 25.96 ? 111 SER A CA  1 
ATOM   760  C C   . SER A 1 115 ? -9.685  -7.348  1.607   1.00 27.34 ? 111 SER A C   1 
ATOM   761  O O   . SER A 1 115 ? -10.315 -8.279  2.123   1.00 26.79 ? 111 SER A O   1 
ATOM   762  C CB  . SER A 1 115 ? -7.630  -6.910  2.925   1.00 25.01 ? 111 SER A CB  1 
ATOM   763  O OG  . SER A 1 115 ? -6.871  -7.257  1.777   1.00 23.92 ? 111 SER A OG  1 
ATOM   764  N N   . ASP A 1 116 ? -9.611  -7.135  0.291   1.00 27.46 ? 112 ASP A N   1 
ATOM   765  C CA  . ASP A 1 116 ? -10.270 -7.997  -0.697  1.00 28.69 ? 112 ASP A CA  1 
ATOM   766  C C   . ASP A 1 116 ? -9.362  -9.150  -1.080  1.00 29.74 ? 112 ASP A C   1 
ATOM   767  O O   . ASP A 1 116 ? -9.586  -9.814  -2.105  1.00 31.17 ? 112 ASP A O   1 
ATOM   768  C CB  . ASP A 1 116 ? -10.665 -7.196  -1.960  1.00 28.49 ? 112 ASP A CB  1 
ATOM   769  C CG  . ASP A 1 116 ? -12.001 -6.457  -1.814  1.00 28.25 ? 112 ASP A CG  1 
ATOM   770  O OD1 . ASP A 1 116 ? -12.974 -7.034  -1.306  1.00 26.89 ? 112 ASP A OD1 1 
ATOM   771  O OD2 . ASP A 1 116 ? -12.108 -5.276  -2.208  1.00 28.46 ? 112 ASP A OD2 1 
ATOM   772  N N   . CYS A 1 117 ? -8.316  -9.372  -0.286  1.00 29.57 ? 113 CYS A N   1 
ATOM   773  C CA  . CYS A 1 117 ? -7.430  -10.526 -0.438  1.00 29.34 ? 113 CYS A CA  1 
ATOM   774  C C   . CYS A 1 117 ? -7.704  -11.503 0.707   1.00 29.49 ? 113 CYS A C   1 
ATOM   775  O O   . CYS A 1 117 ? -8.034  -11.073 1.807   1.00 29.30 ? 113 CYS A O   1 
ATOM   776  C CB  . CYS A 1 117 ? -5.984  -10.078 -0.355  1.00 28.29 ? 113 CYS A CB  1 
ATOM   777  S SG  . CYS A 1 117 ? -4.717  -11.352 -0.576  1.00 30.74 ? 113 CYS A SG  1 
ATOM   778  N N   . SER A 1 118 ? -7.534  -12.805 0.454   1.00 29.18 ? 114 SER A N   1 
ATOM   779  C CA  . SER A 1 118 ? -7.716  -13.830 1.499   1.00 30.13 ? 114 SER A CA  1 
ATOM   780  C C   . SER A 1 118 ? -6.751  -13.690 2.665   1.00 28.90 ? 114 SER A C   1 
ATOM   781  O O   . SER A 1 118 ? -7.022  -14.199 3.767   1.00 28.37 ? 114 SER A O   1 
ATOM   782  C CB  . SER A 1 118 ? -7.554  -15.219 0.903   1.00 30.96 ? 114 SER A CB  1 
ATOM   783  O OG  . SER A 1 118 ? -8.681  -15.472 0.098   1.00 37.33 ? 114 SER A OG  1 
ATOM   784  N N   . SER A 1 119 ? -5.633  -13.000 2.419   1.00 27.47 ? 115 SER A N   1 
ATOM   785  C CA  . SER A 1 119 ? -4.660  -12.689 3.462   1.00 26.19 ? 115 SER A CA  1 
ATOM   786  C C   . SER A 1 119 ? -5.241  -11.810 4.572   1.00 25.60 ? 115 SER A C   1 
ATOM   787  O O   . SER A 1 119 ? -4.613  -11.682 5.630   1.00 24.68 ? 115 SER A O   1 
ATOM   788  C CB  . SER A 1 119 ? -3.393  -12.054 2.846   1.00 27.23 ? 115 SER A CB  1 
ATOM   789  O OG  . SER A 1 119 ? -3.706  -10.804 2.240   1.00 26.69 ? 115 SER A OG  1 
ATOM   790  N N   . ALA A 1 120 ? -6.426  -11.220 4.354   1.00 24.66 ? 116 ALA A N   1 
ATOM   791  C CA  . ALA A 1 120 ? -7.159  -10.507 5.405   1.00 24.57 ? 116 ALA A CA  1 
ATOM   792  C C   . ALA A 1 120 ? -7.247  -11.380 6.680   1.00 25.36 ? 116 ALA A C   1 
ATOM   793  O O   . ALA A 1 120 ? -7.130  -10.878 7.799   1.00 23.46 ? 116 ALA A O   1 
ATOM   794  C CB  . ALA A 1 120 ? -8.578  -10.145 4.935   1.00 24.97 ? 116 ALA A CB  1 
ATOM   795  N N   . LYS A 1 121 ? -7.437  -12.694 6.491   1.00 24.76 ? 117 LYS A N   1 
ATOM   796  C CA  . LYS A 1 121 ? -7.591  -13.598 7.640   1.00 25.82 ? 117 LYS A CA  1 
ATOM   797  C C   . LYS A 1 121 ? -6.295  -13.753 8.467   1.00 25.03 ? 117 LYS A C   1 
ATOM   798  O O   . LYS A 1 121 ? -6.351  -14.218 9.601   1.00 25.10 ? 117 LYS A O   1 
ATOM   799  C CB  . LYS A 1 121 ? -8.105  -14.975 7.194   1.00 25.94 ? 117 LYS A CB  1 
ATOM   800  C CG  . LYS A 1 121 ? -9.367  -14.912 6.362   1.00 28.35 ? 117 LYS A CG  1 
ATOM   801  C CD  . LYS A 1 121 ? -10.472 -14.138 7.040   1.00 32.88 ? 117 LYS A CD  1 
ATOM   802  C CE  . LYS A 1 121 ? -11.525 -13.703 6.015   1.00 30.65 ? 117 LYS A CE  1 
ATOM   803  N NZ  . LYS A 1 121 ? -12.617 -13.055 6.747   1.00 32.11 ? 117 LYS A NZ  1 
ATOM   804  N N   . ALA A 1 122 ? -5.150  -13.367 7.890   1.00 23.98 ? 118 ALA A N   1 
ATOM   805  C CA  . ALA A 1 122 ? -3.904  -13.270 8.611   1.00 24.23 ? 118 ALA A CA  1 
ATOM   806  C C   . ALA A 1 122 ? -3.417  -11.824 8.828   1.00 24.02 ? 118 ALA A C   1 
ATOM   807  O O   . ALA A 1 122 ? -2.213  -11.576 8.778   1.00 23.61 ? 118 ALA A O   1 
ATOM   808  C CB  . ALA A 1 122 ? -2.822  -14.097 7.910   1.00 24.33 ? 118 ALA A CB  1 
ATOM   809  N N   . ARG A 1 123 ? -4.358  -10.902 9.023   1.00 23.48 ? 119 ARG A N   1 
ATOM   810  C CA  . ARG A 1 123 ? -4.092  -9.463  9.285   1.00 25.19 ? 119 ARG A CA  1 
ATOM   811  C C   . ARG A 1 123 ? -3.306  -8.856  8.114   1.00 24.92 ? 119 ARG A C   1 
ATOM   812  O O   . ARG A 1 123 ? -2.493  -7.963  8.277   1.00 24.91 ? 119 ARG A O   1 
ATOM   813  C CB  . ARG A 1 123 ? -3.410  -9.233  10.667  1.00 25.36 ? 119 ARG A CB  1 
ATOM   814  C CG  . ARG A 1 123 ? -4.211  -9.710  11.902  1.00 26.60 ? 119 ARG A CG  1 
ATOM   815  C CD  . ARG A 1 123 ? -3.305  -9.945  13.184  1.00 27.99 ? 119 ARG A CD  1 
ATOM   816  N NE  . ARG A 1 123 ? -2.044  -10.562 12.735  1.00 34.78 ? 119 ARG A NE  1 
ATOM   817  C CZ  . ARG A 1 123 ? -1.839  -11.851 12.388  1.00 38.11 ? 119 ARG A CZ  1 
ATOM   818  N NH1 . ARG A 1 123 ? -2.792  -12.791 12.486  1.00 33.81 ? 119 ARG A NH1 1 
ATOM   819  N NH2 . ARG A 1 123 ? -0.639  -12.205 11.917  1.00 38.50 ? 119 ARG A NH2 1 
ATOM   820  N N   . GLY A 1 124 ? -3.548  -9.397  6.916   1.00 25.39 ? 120 GLY A N   1 
ATOM   821  C CA  . GLY A 1 124 ? -2.875  -8.941  5.699   1.00 25.71 ? 120 GLY A CA  1 
ATOM   822  C C   . GLY A 1 124 ? -1.517  -9.526  5.385   1.00 25.38 ? 120 GLY A C   1 
ATOM   823  O O   . GLY A 1 124 ? -0.970  -9.263  4.315   1.00 24.94 ? 120 GLY A O   1 
ATOM   824  N N   . ASP A 1 125 ? -0.973  -10.360 6.276   1.00 26.02 ? 121 ASP A N   1 
ATOM   825  C CA  . ASP A 1 125 ? 0.388   -10.859 6.121   1.00 27.18 ? 121 ASP A CA  1 
ATOM   826  C C   . ASP A 1 125 ? 0.513   -11.804 4.918   1.00 27.81 ? 121 ASP A C   1 
ATOM   827  O O   . ASP A 1 125 ? -0.263  -12.747 4.785   1.00 27.77 ? 121 ASP A O   1 
ATOM   828  C CB  . ASP A 1 125 ? 0.854   -11.566 7.419   1.00 28.54 ? 121 ASP A CB  1 
ATOM   829  C CG  . ASP A 1 125 ? 2.208   -12.238 7.273   1.00 30.22 ? 121 ASP A CG  1 
ATOM   830  O OD1 . ASP A 1 125 ? 3.170   -11.623 6.730   1.00 30.45 ? 121 ASP A OD1 1 
ATOM   831  O OD2 . ASP A 1 125 ? 2.331   -13.399 7.750   1.00 32.09 ? 121 ASP A OD2 1 
ATOM   832  N N   . LEU A 1 126 ? 1.486   -11.518 4.054   1.00 27.91 ? 122 LEU A N   1 
ATOM   833  C CA  . LEU A 1 126 ? 1.778   -12.344 2.896   1.00 28.11 ? 122 LEU A CA  1 
ATOM   834  C C   . LEU A 1 126 ? 2.978   -13.239 3.114   1.00 28.64 ? 122 LEU A C   1 
ATOM   835  O O   . LEU A 1 126 ? 3.296   -14.061 2.258   1.00 28.89 ? 122 LEU A O   1 
ATOM   836  C CB  . LEU A 1 126 ? 1.982   -11.474 1.632   1.00 27.36 ? 122 LEU A CB  1 
ATOM   837  C CG  . LEU A 1 126 ? 0.756   -10.663 1.165   1.00 26.42 ? 122 LEU A CG  1 
ATOM   838  C CD1 . LEU A 1 126 ? 1.152   -9.673  0.105   1.00 27.04 ? 122 LEU A CD1 1 
ATOM   839  C CD2 . LEU A 1 126 ? -0.348  -11.547 0.652   1.00 27.38 ? 122 LEU A CD2 1 
ATOM   840  N N   . GLY A 1 127 ? 3.656   -13.084 4.245   1.00 29.16 ? 123 GLY A N   1 
ATOM   841  C CA  . GLY A 1 127 ? 4.911   -13.800 4.475   1.00 29.61 ? 123 GLY A CA  1 
ATOM   842  C C   . GLY A 1 127 ? 6.022   -13.188 3.662   1.00 31.52 ? 123 GLY A C   1 
ATOM   843  O O   . GLY A 1 127 ? 5.884   -12.056 3.132   1.00 31.13 ? 123 GLY A O   1 
ATOM   844  N N   . ALA A 1 128 ? 7.139   -13.910 3.569   1.00 30.72 ? 124 ALA A N   1 
ATOM   845  C CA  . ALA A 1 128 ? 8.340   -13.372 2.948   1.00 32.35 ? 124 ALA A CA  1 
ATOM   846  C C   . ALA A 1 128 ? 8.425   -13.792 1.488   1.00 33.15 ? 124 ALA A C   1 
ATOM   847  O O   . ALA A 1 128 ? 7.879   -14.828 1.098   1.00 33.31 ? 124 ALA A O   1 
ATOM   848  C CB  . ALA A 1 128 ? 9.581   -13.783 3.708   1.00 31.99 ? 124 ALA A CB  1 
ATOM   849  N N   . PHE A 1 129 ? 9.080   -12.969 0.677   1.00 33.79 ? 125 PHE A N   1 
ATOM   850  C CA  . PHE A 1 129 ? 9.157   -13.220 -0.764  1.00 34.56 ? 125 PHE A CA  1 
ATOM   851  C C   . PHE A 1 129 ? 10.363  -12.520 -1.358  1.00 34.88 ? 125 PHE A C   1 
ATOM   852  O O   . PHE A 1 129 ? 10.891  -11.587 -0.773  1.00 35.37 ? 125 PHE A O   1 
ATOM   853  C CB  . PHE A 1 129 ? 7.844   -12.846 -1.485  1.00 35.06 ? 125 PHE A CB  1 
ATOM   854  C CG  . PHE A 1 129 ? 7.431   -11.390 -1.315  1.00 36.60 ? 125 PHE A CG  1 
ATOM   855  C CD1 . PHE A 1 129 ? 7.846   -10.417 -2.224  1.00 37.59 ? 125 PHE A CD1 1 
ATOM   856  C CD2 . PHE A 1 129 ? 6.611   -11.003 -0.258  1.00 37.13 ? 125 PHE A CD2 1 
ATOM   857  C CE1 . PHE A 1 129 ? 7.469   -9.076  -2.070  1.00 37.60 ? 125 PHE A CE1 1 
ATOM   858  C CE2 . PHE A 1 129 ? 6.223   -9.672  -0.100  1.00 38.27 ? 125 PHE A CE2 1 
ATOM   859  C CZ  . PHE A 1 129 ? 6.654   -8.706  -1.012  1.00 36.39 ? 125 PHE A CZ  1 
ATOM   860  N N   . SER A 1 130 ? 10.822  -12.984 -2.517  1.00 36.14 ? 126 SER A N   1 
ATOM   861  C CA  . SER A 1 130 ? 11.970  -12.368 -3.187  1.00 36.81 ? 126 SER A CA  1 
ATOM   862  C C   . SER A 1 130 ? 11.490  -11.684 -4.462  1.00 36.78 ? 126 SER A C   1 
ATOM   863  O O   . SER A 1 130 ? 10.330  -11.826 -4.857  1.00 36.78 ? 126 SER A O   1 
ATOM   864  C CB  . SER A 1 130 ? 13.025  -13.428 -3.525  1.00 37.54 ? 126 SER A CB  1 
ATOM   865  O OG  . SER A 1 130 ? 12.510  -14.306 -4.503  1.00 38.31 ? 126 SER A OG  1 
ATOM   866  N N   . ARG A 1 131 ? 12.395  -10.958 -5.108  1.00 37.91 ? 127 ARG A N   1 
ATOM   867  C CA  . ARG A 1 131 ? 12.130  -10.416 -6.440  1.00 38.30 ? 127 ARG A CA  1 
ATOM   868  C C   . ARG A 1 131 ? 11.913  -11.550 -7.439  1.00 39.43 ? 127 ARG A C   1 
ATOM   869  O O   . ARG A 1 131 ? 12.542  -12.607 -7.334  1.00 40.03 ? 127 ARG A O   1 
ATOM   870  C CB  . ARG A 1 131 ? 13.270  -9.507  -6.900  1.00 38.13 ? 127 ARG A CB  1 
ATOM   871  C CG  . ARG A 1 131 ? 13.371  -8.187  -6.143  1.00 36.89 ? 127 ARG A CG  1 
ATOM   872  C CD  . ARG A 1 131 ? 14.045  -7.192  -7.012  1.00 33.74 ? 127 ARG A CD  1 
ATOM   873  N NE  . ARG A 1 131 ? 14.210  -5.858  -6.442  1.00 34.90 ? 127 ARG A NE  1 
ATOM   874  C CZ  . ARG A 1 131 ? 13.365  -4.838  -6.635  1.00 31.32 ? 127 ARG A CZ  1 
ATOM   875  N NH1 . ARG A 1 131 ? 12.261  -4.998  -7.324  1.00 28.50 ? 127 ARG A NH1 1 
ATOM   876  N NH2 . ARG A 1 131 ? 13.609  -3.666  -6.098  1.00 32.14 ? 127 ARG A NH2 1 
ATOM   877  N N   . GLY A 1 132 ? 11.001  -11.328 -8.383  1.00 39.69 ? 128 GLY A N   1 
ATOM   878  C CA  . GLY A 1 132 ? 10.604  -12.346 -9.348  1.00 40.21 ? 128 GLY A CA  1 
ATOM   879  C C   . GLY A 1 132 ? 9.385   -13.156 -8.935  1.00 40.53 ? 128 GLY A C   1 
ATOM   880  O O   . GLY A 1 132 ? 9.067   -14.161 -9.574  1.00 40.88 ? 128 GLY A O   1 
ATOM   881  N N   . GLN A 1 133 ? 8.688   -12.731 -7.877  1.00 39.93 ? 129 GLN A N   1 
ATOM   882  C CA  . GLN A 1 133 ? 7.554   -13.505 -7.332  1.00 39.49 ? 129 GLN A CA  1 
ATOM   883  C C   . GLN A 1 133 ? 6.190   -12.842 -7.443  1.00 39.27 ? 129 GLN A C   1 
ATOM   884  O O   . GLN A 1 133 ? 5.212   -13.515 -7.771  1.00 38.32 ? 129 GLN A O   1 
ATOM   885  C CB  . GLN A 1 133 ? 7.780   -13.842 -5.856  1.00 39.67 ? 129 GLN A CB  1 
ATOM   886  C CG  . GLN A 1 133 ? 8.812   -14.911 -5.559  1.00 39.68 ? 129 GLN A CG  1 
ATOM   887  C CD  . GLN A 1 133 ? 8.811   -15.288 -4.079  1.00 39.78 ? 129 GLN A CD  1 
ATOM   888  O OE1 . GLN A 1 133 ? 9.851   -15.330 -3.425  1.00 39.75 ? 129 GLN A OE1 1 
ATOM   889  N NE2 . GLN A 1 133 ? 7.630   -15.545 -3.547  1.00 42.18 ? 129 GLN A NE2 1 
ATOM   890  N N   . MET A 1 134 ? 6.126   -11.539 -7.120  1.00 38.41 ? 130 MET A N   1 
ATOM   891  C CA  . MET A 1 134 ? 4.856   -10.794 -7.079  1.00 38.13 ? 130 MET A CA  1 
ATOM   892  C C   . MET A 1 134 ? 4.689   -9.901  -8.309  1.00 37.26 ? 130 MET A C   1 
ATOM   893  O O   . MET A 1 134 ? 5.657   -9.624  -9.010  1.00 37.69 ? 130 MET A O   1 
ATOM   894  C CB  . MET A 1 134 ? 4.808   -9.896  -5.833  1.00 38.47 ? 130 MET A CB  1 
ATOM   895  C CG  . MET A 1 134 ? 5.033   -10.604 -4.499  1.00 40.28 ? 130 MET A CG  1 
ATOM   896  S SD  . MET A 1 134 ? 3.651   -11.651 -4.051  1.00 45.11 ? 130 MET A SD  1 
ATOM   897  C CE  . MET A 1 134 ? 3.225   -10.973 -2.454  1.00 46.40 ? 130 MET A CE  1 
ATOM   898  N N   . GLN A 1 135 ? 3.473   -9.431  -8.544  1.00 36.49 ? 131 GLN A N   1 
ATOM   899  C CA  . GLN A 1 135 ? 3.215   -8.431  -9.591  1.00 36.02 ? 131 GLN A CA  1 
ATOM   900  C C   . GLN A 1 135 ? 4.216   -7.281  -9.443  1.00 35.09 ? 131 GLN A C   1 
ATOM   901  O O   . GLN A 1 135 ? 4.525   -6.858  -8.321  1.00 33.52 ? 131 GLN A O   1 
ATOM   902  C CB  . GLN A 1 135 ? 1.787   -7.931  -9.502  1.00 36.50 ? 131 GLN A CB  1 
ATOM   903  C CG  . GLN A 1 135 ? 0.753   -9.029  -9.715  1.00 39.80 ? 131 GLN A CG  1 
ATOM   904  C CD  . GLN A 1 135 ? -0.581  -8.497  -10.183 1.00 43.17 ? 131 GLN A CD  1 
ATOM   905  O OE1 . GLN A 1 135 ? -0.654  -7.723  -11.146 1.00 47.72 ? 131 GLN A OE1 1 
ATOM   906  N NE2 . GLN A 1 135 ? -1.650  -8.913  -9.518  1.00 45.46 ? 131 GLN A NE2 1 
ATOM   907  N N   . LYS A 1 136 ? 4.759   -6.801  -10.564 1.00 33.65 ? 132 LYS A N   1 
ATOM   908  C CA  . LYS A 1 136 ? 5.909   -5.890  -10.491 1.00 32.48 ? 132 LYS A CA  1 
ATOM   909  C C   . LYS A 1 136 ? 5.723   -4.603  -9.664  1.00 30.87 ? 132 LYS A C   1 
ATOM   910  O O   . LYS A 1 136 ? 6.609   -4.264  -8.902  1.00 31.07 ? 132 LYS A O   1 
ATOM   911  C CB  . LYS A 1 136 ? 6.497   -5.556  -11.880 1.00 32.36 ? 132 LYS A CB  1 
ATOM   912  C CG  . LYS A 1 136 ? 7.995   -5.259  -11.814 1.00 32.79 ? 132 LYS A CG  1 
ATOM   913  C CD  . LYS A 1 136 ? 8.706   -6.547  -11.530 1.00 36.09 ? 132 LYS A CD  1 
ATOM   914  C CE  . LYS A 1 136 ? 10.180  -6.391  -11.499 1.00 38.21 ? 132 LYS A CE  1 
ATOM   915  N NZ  . LYS A 1 136 ? 10.828  -7.731  -11.384 1.00 34.28 ? 132 LYS A NZ  1 
ATOM   916  N N   . PRO A 1 137 ? 4.600   -3.872  -9.844  1.00 30.83 ? 133 PRO A N   1 
ATOM   917  C CA  . PRO A 1 137 ? 4.451   -2.657  -9.053  1.00 29.93 ? 133 PRO A CA  1 
ATOM   918  C C   . PRO A 1 137 ? 4.445   -2.953  -7.532  1.00 29.20 ? 133 PRO A C   1 
ATOM   919  O O   . PRO A 1 137 ? 5.007   -2.167  -6.766  1.00 27.38 ? 133 PRO A O   1 
ATOM   920  C CB  . PRO A 1 137 ? 3.079   -2.109  -9.490  1.00 30.49 ? 133 PRO A CB  1 
ATOM   921  C CG  . PRO A 1 137 ? 2.776   -2.775  -10.796 1.00 31.41 ? 133 PRO A CG  1 
ATOM   922  C CD  . PRO A 1 137 ? 3.423   -4.112  -10.708 1.00 31.07 ? 133 PRO A CD  1 
ATOM   923  N N   . PHE A 1 138 ? 3.851   -4.093  -7.146  1.00 28.21 ? 134 PHE A N   1 
ATOM   924  C CA  . PHE A 1 138 ? 3.834   -4.568  -5.744  1.00 27.08 ? 134 PHE A CA  1 
ATOM   925  C C   . PHE A 1 138 ? 5.241   -4.859  -5.257  1.00 26.75 ? 134 PHE A C   1 
ATOM   926  O O   . PHE A 1 138 ? 5.638   -4.401  -4.182  1.00 25.86 ? 134 PHE A O   1 
ATOM   927  C CB  . PHE A 1 138 ? 2.941   -5.814  -5.583  1.00 26.49 ? 134 PHE A CB  1 
ATOM   928  C CG  . PHE A 1 138 ? 2.598   -6.164  -4.122  1.00 25.75 ? 134 PHE A CG  1 
ATOM   929  C CD1 . PHE A 1 138 ? 1.453   -5.647  -3.516  1.00 23.54 ? 134 PHE A CD1 1 
ATOM   930  C CD2 . PHE A 1 138 ? 3.414   -6.995  -3.371  1.00 26.91 ? 134 PHE A CD2 1 
ATOM   931  C CE1 . PHE A 1 138 ? 1.107   -5.970  -2.169  1.00 25.31 ? 134 PHE A CE1 1 
ATOM   932  C CE2 . PHE A 1 138 ? 3.078   -7.295  -1.997  1.00 25.37 ? 134 PHE A CE2 1 
ATOM   933  C CZ  . PHE A 1 138 ? 1.934   -6.769  -1.425  1.00 24.88 ? 134 PHE A CZ  1 
ATOM   934  N N   . GLU A 1 139 ? 6.001   -5.645  -6.036  1.00 26.23 ? 135 GLU A N   1 
ATOM   935  C CA  . GLU A 1 139 ? 7.349   -6.003  -5.661  1.00 26.49 ? 135 GLU A CA  1 
ATOM   936  C C   . GLU A 1 139 ? 8.237   -4.772  -5.499  1.00 26.43 ? 135 GLU A C   1 
ATOM   937  O O   . GLU A 1 139 ? 9.012   -4.634  -4.513  1.00 25.16 ? 135 GLU A O   1 
ATOM   938  C CB  . GLU A 1 139 ? 7.963   -6.926  -6.741  1.00 26.85 ? 135 GLU A CB  1 
ATOM   939  C CG  . GLU A 1 139 ? 9.443   -7.065  -6.614  1.00 28.91 ? 135 GLU A CG  1 
ATOM   940  C CD  . GLU A 1 139 ? 10.038  -7.776  -7.827  1.00 33.24 ? 135 GLU A CD  1 
ATOM   941  O OE1 . GLU A 1 139 ? 9.436   -8.797  -8.238  1.00 31.54 ? 135 GLU A OE1 1 
ATOM   942  O OE2 . GLU A 1 139 ? 11.057  -7.278  -8.359  1.00 33.45 ? 135 GLU A OE2 1 
ATOM   943  N N   . ASP A 1 140 ? 8.164   -3.881  -6.488  1.00 25.40 ? 136 ASP A N   1 
ATOM   944  C CA  . ASP A 1 140 ? 9.031   -2.729  -6.478  1.00 25.51 ? 136 ASP A CA  1 
ATOM   945  C C   . ASP A 1 140 ? 8.721   -1.862  -5.265  1.00 24.60 ? 136 ASP A C   1 
ATOM   946  O O   . ASP A 1 140 ? 9.630   -1.396  -4.593  1.00 25.21 ? 136 ASP A O   1 
ATOM   947  C CB  . ASP A 1 140 ? 8.862   -1.900  -7.759  1.00 26.28 ? 136 ASP A CB  1 
ATOM   948  C CG  . ASP A 1 140 ? 9.656   -2.452  -8.923  1.00 28.83 ? 136 ASP A CG  1 
ATOM   949  O OD1 . ASP A 1 140 ? 10.525  -3.337  -8.716  1.00 27.54 ? 136 ASP A OD1 1 
ATOM   950  O OD2 . ASP A 1 140 ? 9.387   -1.991  -10.048 1.00 28.94 ? 136 ASP A OD2 1 
ATOM   951  N N   . ALA A 1 141 ? 7.446   -1.644  -4.995  1.00 24.96 ? 137 ALA A N   1 
ATOM   952  C CA  . ALA A 1 141 ? 7.056   -0.843  -3.800  1.00 24.83 ? 137 ALA A CA  1 
ATOM   953  C C   . ALA A 1 141 ? 7.536   -1.545  -2.515  1.00 24.80 ? 137 ALA A C   1 
ATOM   954  O O   . ALA A 1 141 ? 8.110   -0.916  -1.635  1.00 24.19 ? 137 ALA A O   1 
ATOM   955  C CB  . ALA A 1 141 ? 5.562   -0.635  -3.775  1.00 24.45 ? 137 ALA A CB  1 
ATOM   956  N N   . SER A 1 142 ? 7.368   -2.869  -2.457  1.00 25.20 ? 138 SER A N   1 
ATOM   957  C CA  . SER A 1 142 ? 7.781   -3.668  -1.285  1.00 24.78 ? 138 SER A CA  1 
ATOM   958  C C   . SER A 1 142 ? 9.257   -3.552  -0.978  1.00 26.08 ? 138 SER A C   1 
ATOM   959  O O   . SER A 1 142 ? 9.633   -3.316  0.171   1.00 25.85 ? 138 SER A O   1 
ATOM   960  C CB  . SER A 1 142 ? 7.393   -5.137  -1.466  1.00 24.31 ? 138 SER A CB  1 
ATOM   961  O OG  . SER A 1 142 ? 5.998   -5.269  -1.466  1.00 22.63 ? 138 SER A OG  1 
ATOM   962  N N   . PHE A 1 143 ? 10.102  -3.694  -2.004  1.00 26.65 ? 139 PHE A N   1 
ATOM   963  C CA  . PHE A 1 143 ? 11.543  -3.567  -1.861  1.00 27.72 ? 139 PHE A CA  1 
ATOM   964  C C   . PHE A 1 143 ? 12.091  -2.150  -1.705  1.00 27.75 ? 139 PHE A C   1 
ATOM   965  O O   . PHE A 1 143 ? 13.247  -1.987  -1.318  1.00 29.18 ? 139 PHE A O   1 
ATOM   966  C CB  . PHE A 1 143 ? 12.268  -4.298  -3.019  1.00 28.28 ? 139 PHE A CB  1 
ATOM   967  C CG  . PHE A 1 143 ? 12.351  -5.785  -2.823  1.00 28.92 ? 139 PHE A CG  1 
ATOM   968  C CD1 . PHE A 1 143 ? 11.321  -6.609  -3.237  1.00 29.65 ? 139 PHE A CD1 1 
ATOM   969  C CD2 . PHE A 1 143 ? 13.455  -6.352  -2.170  1.00 30.79 ? 139 PHE A CD2 1 
ATOM   970  C CE1 . PHE A 1 143 ? 11.394  -8.010  -3.039  1.00 31.24 ? 139 PHE A CE1 1 
ATOM   971  C CE2 . PHE A 1 143 ? 13.541  -7.729  -1.970  1.00 29.07 ? 139 PHE A CE2 1 
ATOM   972  C CZ  . PHE A 1 143 ? 12.506  -8.559  -2.405  1.00 29.82 ? 139 PHE A CZ  1 
ATOM   973  N N   . ALA A 1 144 ? 11.288  -1.135  -2.006  1.00 27.41 ? 140 ALA A N   1 
ATOM   974  C CA  . ALA A 1 144 ? 11.688  0.257   -1.786  1.00 26.54 ? 140 ALA A CA  1 
ATOM   975  C C   . ALA A 1 144 ? 11.318  0.759   -0.383  1.00 27.12 ? 140 ALA A C   1 
ATOM   976  O O   . ALA A 1 144 ? 11.883  1.752   0.096   1.00 27.17 ? 140 ALA A O   1 
ATOM   977  C CB  . ALA A 1 144 ? 11.090  1.174   -2.865  1.00 26.23 ? 140 ALA A CB  1 
ATOM   978  N N   . LEU A 1 145 ? 10.382  0.070   0.282   1.00 27.32 ? 141 LEU A N   1 
ATOM   979  C CA  . LEU A 1 145 ? 10.100  0.338   1.708   1.00 27.74 ? 141 LEU A CA  1 
ATOM   980  C C   . LEU A 1 145 ? 11.240  -0.161  2.585   1.00 29.08 ? 141 LEU A C   1 
ATOM   981  O O   . LEU A 1 145 ? 11.932  -1.136  2.256   1.00 29.79 ? 141 LEU A O   1 
ATOM   982  C CB  . LEU A 1 145 ? 8.792   -0.334  2.150   1.00 26.96 ? 141 LEU A CB  1 
ATOM   983  C CG  . LEU A 1 145 ? 7.485   0.103   1.475   1.00 23.97 ? 141 LEU A CG  1 
ATOM   984  C CD1 . LEU A 1 145 ? 6.377   -0.930  1.728   1.00 24.95 ? 141 LEU A CD1 1 
ATOM   985  C CD2 . LEU A 1 145 ? 7.034   1.514   1.930   1.00 24.57 ? 141 LEU A CD2 1 
ATOM   986  N N   . ARG A 1 146 ? 11.467  0.525   3.690   1.00 29.77 ? 142 ARG A N   1 
ATOM   987  C CA  . ARG A 1 146 ? 12.321  -0.046  4.715   1.00 30.70 ? 142 ARG A CA  1 
ATOM   988  C C   . ARG A 1 146 ? 11.430  -0.700  5.754   1.00 29.62 ? 142 ARG A C   1 
ATOM   989  O O   . ARG A 1 146 ? 10.221  -0.478  5.781   1.00 27.99 ? 142 ARG A O   1 
ATOM   990  C CB  . ARG A 1 146 ? 13.246  0.987   5.319   1.00 31.77 ? 142 ARG A CB  1 
ATOM   991  C CG  . ARG A 1 146 ? 14.518  1.237   4.478   1.00 34.58 ? 142 ARG A CG  1 
ATOM   992  C CD  . ARG A 1 146 ? 14.242  2.175   3.323   1.00 38.16 ? 142 ARG A CD  1 
ATOM   993  N NE  . ARG A 1 146 ? 13.522  3.388   3.742   1.00 40.91 ? 142 ARG A NE  1 
ATOM   994  C CZ  . ARG A 1 146 ? 14.116  4.529   4.113   1.00 43.12 ? 142 ARG A CZ  1 
ATOM   995  N NH1 . ARG A 1 146 ? 15.444  4.603   4.145   1.00 44.71 ? 142 ARG A NH1 1 
ATOM   996  N NH2 . ARG A 1 146 ? 13.389  5.599   4.445   1.00 40.38 ? 142 ARG A NH2 1 
ATOM   997  N N   . THR A 1 147 ? 12.028  -1.536  6.593   1.00 30.07 ? 143 THR A N   1 
ATOM   998  C CA  . THR A 1 147 ? 11.263  -2.287  7.574   1.00 30.56 ? 143 THR A CA  1 
ATOM   999  C C   . THR A 1 147 ? 10.440  -1.322  8.398   1.00 29.63 ? 143 THR A C   1 
ATOM   1000 O O   . THR A 1 147 ? 10.969  -0.316  8.871   1.00 29.74 ? 143 THR A O   1 
ATOM   1001 C CB  . THR A 1 147 ? 12.207  -3.049  8.536   1.00 31.23 ? 143 THR A CB  1 
ATOM   1002 O OG1 . THR A 1 147 ? 13.049  -3.908  7.765   1.00 34.78 ? 143 THR A OG1 1 
ATOM   1003 C CG2 . THR A 1 147 ? 11.384  -3.892  9.499   1.00 31.60 ? 143 THR A CG2 1 
ATOM   1004 N N   . GLY A 1 148 ? 9.154   -1.611  8.552   1.00 28.67 ? 144 GLY A N   1 
ATOM   1005 C CA  . GLY A 1 148 ? 8.274   -0.767  9.334   1.00 28.33 ? 144 GLY A CA  1 
ATOM   1006 C C   . GLY A 1 148 ? 7.511   0.283   8.538   1.00 27.36 ? 144 GLY A C   1 
ATOM   1007 O O   . GLY A 1 148 ? 6.541   0.842   9.045   1.00 27.21 ? 144 GLY A O   1 
ATOM   1008 N N   . GLU A 1 149 ? 7.963   0.562   7.306   1.00 26.37 ? 145 GLU A N   1 
ATOM   1009 C CA  . GLU A 1 149 ? 7.351   1.631   6.499   1.00 25.71 ? 145 GLU A CA  1 
ATOM   1010 C C   . GLU A 1 149 ? 6.152   1.120   5.734   1.00 23.91 ? 145 GLU A C   1 
ATOM   1011 O O   . GLU A 1 149 ? 6.043   -0.070  5.423   1.00 23.42 ? 145 GLU A O   1 
ATOM   1012 C CB  . GLU A 1 149 ? 8.336   2.282   5.519   1.00 24.52 ? 145 GLU A CB  1 
ATOM   1013 C CG  . GLU A 1 149 ? 9.569   2.967   6.115   1.00 26.53 ? 145 GLU A CG  1 
ATOM   1014 C CD  . GLU A 1 149 ? 10.460  3.607   5.018   1.00 28.68 ? 145 GLU A CD  1 
ATOM   1015 O OE1 . GLU A 1 149 ? 11.124  4.639   5.305   1.00 33.55 ? 145 GLU A OE1 1 
ATOM   1016 O OE2 . GLU A 1 149 ? 10.493  3.089   3.863   1.00 30.13 ? 145 GLU A OE2 1 
ATOM   1017 N N   . MET A 1 150 ? 5.247   2.045   5.463   1.00 22.96 ? 146 MET A N   1 
ATOM   1018 C CA  . MET A 1 150 ? 4.030   1.782   4.754   1.00 22.81 ? 146 MET A CA  1 
ATOM   1019 C C   . MET A 1 150 ? 3.976   2.582   3.434   1.00 21.91 ? 146 MET A C   1 
ATOM   1020 O O   . MET A 1 150 ? 4.367   3.739   3.377   1.00 20.82 ? 146 MET A O   1 
ATOM   1021 C CB  . MET A 1 150 ? 2.836   2.103   5.631   1.00 22.61 ? 146 MET A CB  1 
ATOM   1022 C CG  . MET A 1 150 ? 1.509   1.702   5.051   1.00 23.59 ? 146 MET A CG  1 
ATOM   1023 S SD  . MET A 1 150 ? 0.131   2.208   6.076   1.00 23.85 ? 146 MET A SD  1 
ATOM   1024 C CE  . MET A 1 150 ? 0.118   4.008   5.762   1.00 24.82 ? 146 MET A CE  1 
ATOM   1025 N N   . SER A 1 151 ? 3.437   1.948   2.398   1.00 21.59 ? 147 SER A N   1 
ATOM   1026 C CA  . SER A 1 151 ? 3.317   2.600   1.100   1.00 22.38 ? 147 SER A CA  1 
ATOM   1027 C C   . SER A 1 151 ? 2.111   3.562   1.070   1.00 22.35 ? 147 SER A C   1 
ATOM   1028 O O   . SER A 1 151 ? 1.245   3.539   1.950   1.00 22.94 ? 147 SER A O   1 
ATOM   1029 C CB  . SER A 1 151 ? 3.142   1.527   0.020   1.00 21.21 ? 147 SER A CB  1 
ATOM   1030 O OG  . SER A 1 151 ? 1.793   1.041   0.054   1.00 21.23 ? 147 SER A OG  1 
ATOM   1031 N N   . GLY A 1 152 ? 2.028   4.383   0.028   1.00 23.14 ? 148 GLY A N   1 
ATOM   1032 C CA  . GLY A 1 152 ? 0.718   4.903   -0.372  1.00 24.06 ? 148 GLY A CA  1 
ATOM   1033 C C   . GLY A 1 152 ? -0.053  3.914   -1.253  1.00 25.10 ? 148 GLY A C   1 
ATOM   1034 O O   . GLY A 1 152 ? 0.225   2.708   -1.257  1.00 24.81 ? 148 GLY A O   1 
ATOM   1035 N N   . PRO A 1 153 ? -1.019  4.419   -2.030  1.00 25.73 ? 149 PRO A N   1 
ATOM   1036 C CA  . PRO A 1 153 ? -1.765  3.563   -2.953  1.00 26.00 ? 149 PRO A CA  1 
ATOM   1037 C C   . PRO A 1 153 ? -0.828  3.016   -4.026  1.00 25.78 ? 149 PRO A C   1 
ATOM   1038 O O   . PRO A 1 153 ? -0.081  3.781   -4.659  1.00 26.45 ? 149 PRO A O   1 
ATOM   1039 C CB  . PRO A 1 153 ? -2.810  4.519   -3.557  1.00 26.25 ? 149 PRO A CB  1 
ATOM   1040 C CG  . PRO A 1 153 ? -2.907  5.661   -2.556  1.00 26.52 ? 149 PRO A CG  1 
ATOM   1041 C CD  . PRO A 1 153 ? -1.465  5.821   -2.112  1.00 26.92 ? 149 PRO A CD  1 
ATOM   1042 N N   . VAL A 1 154 ? -0.828  1.692   -4.171  1.00 24.98 ? 150 VAL A N   1 
ATOM   1043 C CA  . VAL A 1 154 ? -0.002  0.984   -5.162  1.00 24.17 ? 150 VAL A CA  1 
ATOM   1044 C C   . VAL A 1 154 ? -0.993  0.261   -6.069  1.00 24.53 ? 150 VAL A C   1 
ATOM   1045 O O   . VAL A 1 154 ? -1.833  -0.515  -5.603  1.00 24.55 ? 150 VAL A O   1 
ATOM   1046 C CB  . VAL A 1 154 ? 1.044   0.033   -4.508  1.00 23.65 ? 150 VAL A CB  1 
ATOM   1047 C CG1 . VAL A 1 154 ? 1.826   -0.803  -5.576  1.00 24.48 ? 150 VAL A CG1 1 
ATOM   1048 C CG2 . VAL A 1 154 ? 2.005   0.821   -3.628  1.00 23.38 ? 150 VAL A CG2 1 
ATOM   1049 N N   . PHE A 1 155 ? -0.894  0.533   -7.373  1.00 25.33 ? 151 PHE A N   1 
ATOM   1050 C CA  . PHE A 1 155 ? -1.840  0.016   -8.344  1.00 25.74 ? 151 PHE A CA  1 
ATOM   1051 C C   . PHE A 1 155 ? -1.234  -1.201  -9.004  1.00 25.53 ? 151 PHE A C   1 
ATOM   1052 O O   . PHE A 1 155 ? -0.060  -1.191  -9.428  1.00 26.28 ? 151 PHE A O   1 
ATOM   1053 C CB  . PHE A 1 155 ? -2.169  1.074   -9.410  1.00 25.84 ? 151 PHE A CB  1 
ATOM   1054 C CG  . PHE A 1 155 ? -2.892  2.269   -8.865  1.00 26.40 ? 151 PHE A CG  1 
ATOM   1055 C CD1 . PHE A 1 155 ? -2.199  3.256   -8.155  1.00 27.28 ? 151 PHE A CD1 1 
ATOM   1056 C CD2 . PHE A 1 155 ? -4.242  2.417   -9.059  1.00 26.95 ? 151 PHE A CD2 1 
ATOM   1057 C CE1 . PHE A 1 155 ? -2.866  4.371   -7.644  1.00 26.65 ? 151 PHE A CE1 1 
ATOM   1058 C CE2 . PHE A 1 155 ? -4.925  3.530   -8.537  1.00 29.58 ? 151 PHE A CE2 1 
ATOM   1059 C CZ  . PHE A 1 155 ? -4.231  4.498   -7.841  1.00 26.40 ? 151 PHE A CZ  1 
ATOM   1060 N N   . THR A 1 156 ? -2.018  -2.265  -9.052  1.00 25.97 ? 152 THR A N   1 
ATOM   1061 C CA  . THR A 1 156 ? -1.628  -3.446  -9.833  1.00 26.71 ? 152 THR A CA  1 
ATOM   1062 C C   . THR A 1 156 ? -2.866  -3.872  -10.616 1.00 27.98 ? 152 THR A C   1 
ATOM   1063 O O   . THR A 1 156 ? -3.957  -3.327  -10.397 1.00 28.19 ? 152 THR A O   1 
ATOM   1064 C CB  . THR A 1 156 ? -1.205  -4.628  -8.918  1.00 26.63 ? 152 THR A CB  1 
ATOM   1065 O OG1 . THR A 1 156 ? -2.376  -5.129  -8.273  1.00 25.45 ? 152 THR A OG1 1 
ATOM   1066 C CG2 . THR A 1 156 ? -0.164  -4.214  -7.867  1.00 25.49 ? 152 THR A CG2 1 
ATOM   1067 N N   . ASP A 1 157 ? -2.728  -4.880  -11.487 1.00 29.82 ? 153 ASP A N   1 
ATOM   1068 C CA  . ASP A 1 157 ? -3.903  -5.452  -12.167 1.00 31.99 ? 153 ASP A CA  1 
ATOM   1069 C C   . ASP A 1 157 ? -4.921  -6.059  -11.221 1.00 31.83 ? 153 ASP A C   1 
ATOM   1070 O O   . ASP A 1 157 ? -6.077  -6.248  -11.593 1.00 32.86 ? 153 ASP A O   1 
ATOM   1071 C CB  . ASP A 1 157 ? -3.466  -6.491  -13.213 1.00 33.05 ? 153 ASP A CB  1 
ATOM   1072 C CG  . ASP A 1 157 ? -2.712  -5.862  -14.361 1.00 37.92 ? 153 ASP A CG  1 
ATOM   1073 O OD1 . ASP A 1 157 ? -2.923  -4.652  -14.591 1.00 42.78 ? 153 ASP A OD1 1 
ATOM   1074 O OD2 . ASP A 1 157 ? -1.899  -6.556  -15.032 1.00 42.84 ? 153 ASP A OD2 1 
ATOM   1075 N N   . SER A 1 158 ? -4.510  -6.363  -9.981  1.00 31.26 ? 154 SER A N   1 
ATOM   1076 C CA  . SER A 1 158 ? -5.447  -6.914  -8.990  1.00 29.38 ? 154 SER A CA  1 
ATOM   1077 C C   . SER A 1 158 ? -6.315  -5.890  -8.300  1.00 28.15 ? 154 SER A C   1 
ATOM   1078 O O   . SER A 1 158 ? -7.386  -6.226  -7.816  1.00 27.48 ? 154 SER A O   1 
ATOM   1079 C CB  . SER A 1 158 ? -4.718  -7.711  -7.920  1.00 29.63 ? 154 SER A CB  1 
ATOM   1080 O OG  . SER A 1 158 ? -4.054  -8.781  -8.521  1.00 32.37 ? 154 SER A OG  1 
ATOM   1081 N N   . GLY A 1 159 ? -5.853  -4.649  -8.243  1.00 26.81 ? 155 GLY A N   1 
ATOM   1082 C CA  . GLY A 1 159 ? -6.617  -3.603  -7.585  1.00 25.70 ? 155 GLY A CA  1 
ATOM   1083 C C   . GLY A 1 159 ? -5.645  -2.610  -6.987  1.00 24.96 ? 155 GLY A C   1 
ATOM   1084 O O   . GLY A 1 159 ? -4.563  -2.407  -7.533  1.00 25.96 ? 155 GLY A O   1 
ATOM   1085 N N   . ILE A 1 160 ? -6.026  -1.998  -5.872  1.00 23.17 ? 156 ILE A N   1 
ATOM   1086 C CA  . ILE A 1 160 ? -5.160  -0.976  -5.246  1.00 22.85 ? 156 ILE A CA  1 
ATOM   1087 C C   . ILE A 1 160 ? -4.738  -1.490  -3.857  1.00 22.05 ? 156 ILE A C   1 
ATOM   1088 O O   . ILE A 1 160 ? -5.595  -1.926  -3.095  1.00 23.31 ? 156 ILE A O   1 
ATOM   1089 C CB  . ILE A 1 160 ? -5.880  0.398   -5.132  1.00 21.74 ? 156 ILE A CB  1 
ATOM   1090 C CG1 . ILE A 1 160 ? -6.582  0.812   -6.453  1.00 22.05 ? 156 ILE A CG1 1 
ATOM   1091 C CG2 . ILE A 1 160 ? -4.886  1.520   -4.696  1.00 22.41 ? 156 ILE A CG2 1 
ATOM   1092 C CD1 . ILE A 1 160 ? -7.478  2.029   -6.296  1.00 22.30 ? 156 ILE A CD1 1 
ATOM   1093 N N   . HIS A 1 161 ? -3.450  -1.394  -3.542  1.00 22.20 ? 157 HIS A N   1 
ATOM   1094 C CA  . HIS A 1 161 ? -2.881  -1.949  -2.289  1.00 22.20 ? 157 HIS A CA  1 
ATOM   1095 C C   . HIS A 1 161 ? -2.297  -0.848  -1.380  1.00 22.61 ? 157 HIS A C   1 
ATOM   1096 O O   . HIS A 1 161 ? -1.793  0.172   -1.879  1.00 20.70 ? 157 HIS A O   1 
ATOM   1097 C CB  . HIS A 1 161 ? -1.715  -2.900  -2.593  1.00 22.29 ? 157 HIS A CB  1 
ATOM   1098 C CG  . HIS A 1 161 ? -2.001  -3.948  -3.627  1.00 25.93 ? 157 HIS A CG  1 
ATOM   1099 N ND1 . HIS A 1 161 ? -2.104  -5.292  -3.318  1.00 27.87 ? 157 HIS A ND1 1 
ATOM   1100 C CD2 . HIS A 1 161 ? -2.111  -3.866  -4.978  1.00 27.69 ? 157 HIS A CD2 1 
ATOM   1101 C CE1 . HIS A 1 161 ? -2.296  -5.986  -4.430  1.00 28.48 ? 157 HIS A CE1 1 
ATOM   1102 N NE2 . HIS A 1 161 ? -2.316  -5.145  -5.450  1.00 26.20 ? 157 HIS A NE2 1 
ATOM   1103 N N   . ILE A 1 162 ? -2.413  -1.053  -0.058  1.00 22.09 ? 158 ILE A N   1 
ATOM   1104 C CA  . ILE A 1 162 ? -1.579  -0.401  0.904   1.00 21.57 ? 158 ILE A CA  1 
ATOM   1105 C C   . ILE A 1 162 ? -0.643  -1.505  1.370   1.00 22.45 ? 158 ILE A C   1 
ATOM   1106 O O   . ILE A 1 162 ? -1.096  -2.618  1.717   1.00 21.89 ? 158 ILE A O   1 
ATOM   1107 C CB  . ILE A 1 162 ? -2.392  0.139   2.134   1.00 23.22 ? 158 ILE A CB  1 
ATOM   1108 C CG1 . ILE A 1 162 ? -3.514  1.066   1.685   1.00 22.43 ? 158 ILE A CG1 1 
ATOM   1109 C CG2 . ILE A 1 162 ? -1.438  0.851   3.098   1.00 23.25 ? 158 ILE A CG2 1 
ATOM   1110 C CD1 . ILE A 1 162 ? -4.634  1.297   2.701   1.00 21.77 ? 158 ILE A CD1 1 
ATOM   1111 N N   . ILE A 1 163 ? 0.652   -1.222  1.358   1.00 21.87 ? 159 ILE A N   1 
ATOM   1112 C CA  . ILE A 1 163 ? 1.657   -2.239  1.691   1.00 23.20 ? 159 ILE A CA  1 
ATOM   1113 C C   . ILE A 1 163 ? 2.404   -1.831  2.965   1.00 22.66 ? 159 ILE A C   1 
ATOM   1114 O O   . ILE A 1 163 ? 2.889   -0.712  3.066   1.00 22.35 ? 159 ILE A O   1 
ATOM   1115 C CB  . ILE A 1 163 ? 2.675   -2.458  0.536   1.00 22.32 ? 159 ILE A CB  1 
ATOM   1116 C CG1 . ILE A 1 163 ? 1.942   -2.747  -0.784  1.00 25.02 ? 159 ILE A CG1 1 
ATOM   1117 C CG2 . ILE A 1 163 ? 3.703   -3.572  0.885   1.00 21.09 ? 159 ILE A CG2 1 
ATOM   1118 C CD1 . ILE A 1 163 ? 2.861   -2.744  -2.040  1.00 22.88 ? 159 ILE A CD1 1 
ATOM   1119 N N   . LEU A 1 164 ? 2.476   -2.757  3.921   1.00 22.11 ? 160 LEU A N   1 
ATOM   1120 C CA  . LEU A 1 164 ? 3.292   -2.558  5.120   1.00 22.49 ? 160 LEU A CA  1 
ATOM   1121 C C   . LEU A 1 164 ? 4.472   -3.517  5.113   1.00 22.31 ? 160 LEU A C   1 
ATOM   1122 O O   . LEU A 1 164 ? 4.275   -4.724  5.057   1.00 21.94 ? 160 LEU A O   1 
ATOM   1123 C CB  . LEU A 1 164 ? 2.446   -2.784  6.370   1.00 21.91 ? 160 LEU A CB  1 
ATOM   1124 C CG  . LEU A 1 164 ? 3.176   -2.631  7.720   1.00 23.47 ? 160 LEU A CG  1 
ATOM   1125 C CD1 . LEU A 1 164 ? 3.548   -1.156  7.984   1.00 22.49 ? 160 LEU A CD1 1 
ATOM   1126 C CD2 . LEU A 1 164 ? 2.345   -3.144  8.874   1.00 22.04 ? 160 LEU A CD2 1 
ATOM   1127 N N   . ARG A 1 165 ? 5.694   -2.994  5.136   1.00 23.70 ? 161 ARG A N   1 
ATOM   1128 C CA  . ARG A 1 165 ? 6.855   -3.892  5.168   1.00 25.70 ? 161 ARG A CA  1 
ATOM   1129 C C   . ARG A 1 165 ? 7.162   -4.258  6.629   1.00 25.44 ? 161 ARG A C   1 
ATOM   1130 O O   . ARG A 1 165 ? 7.405   -3.379  7.446   1.00 26.03 ? 161 ARG A O   1 
ATOM   1131 C CB  . ARG A 1 165 ? 8.090   -3.330  4.460   1.00 24.83 ? 161 ARG A CB  1 
ATOM   1132 C CG  . ARG A 1 165 ? 9.245   -4.338  4.514   1.00 27.05 ? 161 ARG A CG  1 
ATOM   1133 C CD  . ARG A 1 165 ? 10.528  -3.842  3.833   1.00 28.19 ? 161 ARG A CD  1 
ATOM   1134 N NE  . ARG A 1 165 ? 11.651  -4.684  4.251   1.00 30.81 ? 161 ARG A NE  1 
ATOM   1135 C CZ  . ARG A 1 165 ? 12.936  -4.388  4.088   1.00 34.26 ? 161 ARG A CZ  1 
ATOM   1136 N NH1 . ARG A 1 165 ? 13.300  -3.261  3.468   1.00 34.84 ? 161 ARG A NH1 1 
ATOM   1137 N NH2 . ARG A 1 165 ? 13.866  -5.237  4.538   1.00 34.12 ? 161 ARG A NH2 1 
ATOM   1138 N N   . THR A 1 166 ? 7.136   -5.550  6.936   1.00 26.15 ? 162 THR A N   1 
ATOM   1139 C CA  . THR A 1 166 ? 7.311   -5.981  8.313   1.00 27.72 ? 162 THR A CA  1 
ATOM   1140 C C   . THR A 1 166 ? 8.727   -6.539  8.622   1.00 28.82 ? 162 THR A C   1 
ATOM   1141 O O   . THR A 1 166 ? 9.166   -6.484  9.766   1.00 28.27 ? 162 THR A O   1 
ATOM   1142 C CB  . THR A 1 166 ? 6.222   -6.970  8.735   1.00 26.86 ? 162 THR A CB  1 
ATOM   1143 O OG1 . THR A 1 166 ? 6.292   -8.120  7.905   1.00 28.06 ? 162 THR A OG1 1 
ATOM   1144 C CG2 . THR A 1 166 ? 4.817   -6.321  8.630   1.00 27.87 ? 162 THR A CG2 1 
ATOM   1145 N N   . GLU A 1 167 ? 9.413   -7.056  7.609   1.00 30.36 ? 163 GLU A N   1 
ATOM   1146 C CA  . GLU A 1 167 ? 10.770  -7.603  7.743   1.00 32.18 ? 163 GLU A CA  1 
ATOM   1147 C C   . GLU A 1 167 ? 11.553  -7.352  6.461   1.00 31.87 ? 163 GLU A C   1 
ATOM   1148 O O   . GLU A 1 167 ? 10.964  -7.167  5.393   1.00 31.54 ? 163 GLU A O   1 
ATOM   1149 C CB  . GLU A 1 167 ? 10.726  -9.129  7.979   1.00 32.11 ? 163 GLU A CB  1 
ATOM   1150 C CG  . GLU A 1 167 ? 10.147  -9.562  9.317   1.00 34.13 ? 163 GLU A CG  1 
ATOM   1151 C CD  . GLU A 1 167 ? 10.035  -11.077 9.460   1.00 34.70 ? 163 GLU A CD  1 
ATOM   1152 O OE1 . GLU A 1 167 ? 10.641  -11.828 8.659   1.00 39.12 ? 163 GLU A OE1 1 
ATOM   1153 O OE2 . GLU A 1 167 ? 9.301   -11.521 10.364  1.00 38.32 ? 163 GLU A OE2 1 
ATOM   1154 O OXT . GLU A 1 167 ? 12.788  -7.373  6.443   1.00 31.60 ? 163 GLU A OXT 1 
HETATM 1155 C C36 . 12P B 2 .   ? -1.263  13.002  -0.633  1.00 44.01 ? 164 12P A C36 1 
HETATM 1156 C C35 . 12P B 2 .   ? -0.992  14.527  -0.683  1.00 42.71 ? 164 12P A C35 1 
HETATM 1157 O O34 . 12P B 2 .   ? 0.323   14.903  -1.144  1.00 41.97 ? 164 12P A O34 1 
HETATM 1158 C C33 . 12P B 2 .   ? 0.796   16.211  -0.541  1.00 39.24 ? 164 12P A C33 1 
HETATM 1159 C C32 . 12P B 2 .   ? 1.408   15.885  0.832   1.00 33.32 ? 164 12P A C32 1 
HETATM 1160 O O31 . 12P B 2 .   ? 2.095   16.862  1.608   1.00 34.58 ? 164 12P A O31 1 
HETATM 1161 C C30 . 12P B 2 .   ? 2.909   16.279  2.688   1.00 31.33 ? 164 12P A C30 1 
HETATM 1162 C C29 . 12P B 2 .   ? 2.033   15.557  3.633   1.00 27.49 ? 164 12P A C29 1 
HETATM 1163 O O28 . 12P B 2 .   ? 2.815   14.822  4.588   1.00 32.21 ? 164 12P A O28 1 
HETATM 1164 C C27 . 12P B 2 .   ? 1.973   14.048  5.542   1.00 28.33 ? 164 12P A C27 1 
HETATM 1165 C C26 . 12P B 2 .   ? 0.750   13.551  4.856   1.00 22.78 ? 164 12P A C26 1 
HETATM 1166 O O25 . 12P B 2 .   ? -0.118  12.773  5.707   1.00 30.90 ? 164 12P A O25 1 
HETATM 1167 C C24 . 12P B 2 .   ? -1.179  12.267  4.889   1.00 26.51 ? 164 12P A C24 1 
HETATM 1168 C C23 . 12P B 2 .   ? -0.542  11.220  4.041   1.00 21.09 ? 164 12P A C23 1 
HETATM 1169 O O22 . 12P B 2 .   ? -1.540  10.593  3.222   1.00 28.88 ? 164 12P A O22 1 
HETATM 1170 C C21 . 12P B 2 .   ? -0.885  9.945   2.048   1.00 24.60 ? 164 12P A C21 1 
HETATM 1171 C C20 . 12P B 2 .   ? -0.013  8.907   2.695   1.00 19.53 ? 164 12P A C20 1 
HETATM 1172 O O19 . 12P B 2 .   ? 0.764   7.997   1.827   1.00 29.87 ? 164 12P A O19 1 
HETATM 1173 C C18 . 12P B 2 .   ? 1.515   7.017   2.672   1.00 25.48 ? 164 12P A C18 1 
HETATM 1174 C C17 . 12P B 2 .   ? 2.733   7.614   3.268   1.00 20.27 ? 164 12P A C17 1 
HETATM 1175 O O16 . 12P B 2 .   ? 3.486   6.637   4.158   1.00 34.99 ? 164 12P A O16 1 
HETATM 1176 C C15 . 12P B 2 .   ? 4.619   7.247   4.877   1.00 36.36 ? 164 12P A C15 1 
HETATM 1177 C C14 . 12P B 2 .   ? 4.109   7.816   6.232   1.00 39.48 ? 164 12P A C14 1 
HETATM 1178 O O13 . 12P B 2 .   ? 5.031   8.312   7.305   1.00 44.10 ? 164 12P A O13 1 
HETATM 1179 C C1  . 4BY C 3 .   ? -4.723  -10.963 -4.779  1.00 38.25 ? 165 4BY A C1  1 
HETATM 1180 N N2  . 4BY C 3 .   ? -3.966  -10.968 -3.674  1.00 38.36 ? 165 4BY A N2  1 
HETATM 1181 C C3  . 4BY C 3 .   ? -4.078  -10.400 -5.807  1.00 37.54 ? 165 4BY A C3  1 
HETATM 1182 C C4  . 4BY C 3 .   ? -2.874  -10.034 -5.351  1.00 37.89 ? 165 4BY A C4  1 
HETATM 1183 C C5  . 4BY C 3 .   ? -2.799  -10.399 -3.999  1.00 37.49 ? 165 4BY A C5  1 
HETATM 1184 C C6  . 4BY C 3 .   ? -6.137  -11.522 -4.813  1.00 39.00 ? 165 4BY A C6  1 
HETATM 1185 C C7  . 4BY C 3 .   ? -1.778  -9.414  -5.956  1.00 39.47 ? 165 4BY A C7  1 
HETATM 1186 O O8  . 4BY C 3 .   ? -6.627  -11.866 -3.706  1.00 41.61 ? 165 4BY A O8  1 
HETATM 1187 C C9  . 4BY C 3 .   ? -1.633  -10.158 -3.271  1.00 38.14 ? 165 4BY A C9  1 
HETATM 1188 O O10 . 4BY C 3 .   ? -6.731  -11.610 -5.915  1.00 37.03 ? 165 4BY A O10 1 
HETATM 1189 C C11 . 4BY C 3 .   ? -0.611  -9.156  -5.214  1.00 39.37 ? 165 4BY A C11 1 
HETATM 1190 C C12 . 4BY C 3 .   ? -0.539  -9.530  -3.869  1.00 38.28 ? 165 4BY A C12 1 
HETATM 1191 C C13 . 4BY C 3 .   ? 0.586   -8.464  -5.878  1.00 38.61 ? 165 4BY A C13 1 
HETATM 1192 O O   . HOH D 4 .   ? 8.524   4.658   0.747   1.00 24.31 ? 166 HOH A O   1 
HETATM 1193 O O   . HOH D 4 .   ? -4.991  -8.501  3.067   1.00 23.61 ? 167 HOH A O   1 
HETATM 1194 O O   . HOH D 4 .   ? 3.817   -9.223  7.400   1.00 26.52 ? 168 HOH A O   1 
HETATM 1195 O O   . HOH D 4 .   ? 8.385   -10.349 -6.220  1.00 37.17 ? 169 HOH A O   1 
HETATM 1196 O O   . HOH D 4 .   ? -0.093  -7.866  9.298   1.00 27.24 ? 170 HOH A O   1 
HETATM 1197 O O   . HOH D 4 .   ? -5.061  -14.735 12.005  1.00 26.49 ? 171 HOH A O   1 
HETATM 1198 O O   . HOH D 4 .   ? 1.193   -11.102 -7.377  1.00 53.42 ? 172 HOH A O   1 
HETATM 1199 O O   . HOH D 4 .   ? -16.624 6.694   -9.654  1.00 39.06 ? 173 HOH A O   1 
HETATM 1200 O O   . HOH D 4 .   ? 0.657   19.289  -2.285  1.00 43.09 ? 174 HOH A O   1 
HETATM 1201 O O   . HOH D 4 .   ? 3.996   -8.318  -12.884 1.00 45.86 ? 175 HOH A O   1 
HETATM 1202 O O   . HOH D 4 .   ? -13.388 0.870   -12.696 1.00 50.55 ? 176 HOH A O   1 
HETATM 1203 O O   . HOH D 4 .   ? -7.130  -13.845 -2.073  1.00 37.81 ? 177 HOH A O   1 
HETATM 1204 O O   . HOH D 4 .   ? 11.021  3.934   1.531   1.00 24.48 ? 178 HOH A O   1 
HETATM 1205 O O   . HOH D 4 .   ? -12.423 -3.782  0.176   1.00 31.24 ? 179 HOH A O   1 
HETATM 1206 O O   . HOH D 4 .   ? -9.624  -11.931 -3.559  1.00 34.59 ? 180 HOH A O   1 
HETATM 1207 O O   . HOH D 4 .   ? -17.725 -3.282  -4.913  1.00 37.02 ? 181 HOH A O   1 
HETATM 1208 O O   . HOH D 4 .   ? -14.762 0.517   4.704   1.00 37.17 ? 182 HOH A O   1 
HETATM 1209 O O   . HOH D 4 .   ? -5.506  -12.469 13.376  1.00 33.93 ? 183 HOH A O   1 
HETATM 1210 O O   . HOH D 4 .   ? 6.847   3.558   -9.964  1.00 47.07 ? 184 HOH A O   1 
HETATM 1211 O O   . HOH D 4 .   ? -6.900  -11.332 10.970  1.00 28.36 ? 185 HOH A O   1 
HETATM 1212 O O   . HOH D 4 .   ? -8.909  10.137  9.312   1.00 46.64 ? 186 HOH A O   1 
HETATM 1213 O O   . HOH D 4 .   ? 15.096  -10.773 -4.401  1.00 46.37 ? 187 HOH A O   1 
HETATM 1214 O O   . HOH D 4 .   ? -7.957  -9.050  -8.972  1.00 34.23 ? 188 HOH A O   1 
HETATM 1215 O O   . HOH D 4 .   ? 11.123  -15.240 -11.746 1.00 37.34 ? 189 HOH A O   1 
HETATM 1216 O O   . HOH D 4 .   ? -10.922 -11.249 7.932   1.00 28.83 ? 190 HOH A O   1 
HETATM 1217 O O   . HOH D 4 .   ? -15.969 -4.587  10.033  1.00 38.61 ? 191 HOH A O   1 
HETATM 1218 O O   . HOH D 4 .   ? 9.945   0.921   -9.700  1.00 58.03 ? 192 HOH A O   1 
HETATM 1219 O O   . HOH D 4 .   ? -15.409 5.062   -2.103  1.00 35.04 ? 193 HOH A O   1 
HETATM 1220 O O   . HOH D 4 .   ? -13.225 -1.394  1.216   1.00 32.14 ? 194 HOH A O   1 
HETATM 1221 O O   . HOH D 4 .   ? -6.115  -11.035 -8.846  1.00 47.11 ? 195 HOH A O   1 
HETATM 1222 O O   . HOH D 4 .   ? 12.564  -14.488 4.884   1.00 57.79 ? 196 HOH A O   1 
HETATM 1223 O O   . HOH D 4 .   ? 5.623   0.454   -7.625  1.00 28.52 ? 197 HOH A O   1 
HETATM 1224 O O   . HOH D 4 .   ? -17.566 0.367   -2.103  1.00 42.04 ? 198 HOH A O   1 
HETATM 1225 O O   . HOH D 4 .   ? 16.173  -2.451  3.546   1.00 53.61 ? 199 HOH A O   1 
HETATM 1226 O O   . HOH D 4 .   ? -13.408 6.534   2.636   1.00 35.72 ? 200 HOH A O   1 
HETATM 1227 O O   . HOH D 4 .   ? 12.106  -1.366  -5.726  1.00 29.38 ? 201 HOH A O   1 
HETATM 1228 O O   . HOH D 4 .   ? -12.009 4.263   3.727   1.00 27.53 ? 202 HOH A O   1 
HETATM 1229 O O   . HOH D 4 .   ? -5.881  -0.922  -9.948  1.00 36.91 ? 203 HOH A O   1 
HETATM 1230 O O   . HOH D 4 .   ? -16.365 -1.349  1.628   1.00 41.61 ? 204 HOH A O   1 
HETATM 1231 O O   . HOH D 4 .   ? -15.350 -5.725  -1.229  1.00 30.98 ? 205 HOH A O   1 
HETATM 1232 O O   . HOH D 4 .   ? -15.013 6.331   0.274   1.00 40.99 ? 206 HOH A O   1 
HETATM 1233 O O   . HOH D 4 .   ? -10.676 -13.248 -1.324  1.00 34.61 ? 207 HOH A O   1 
HETATM 1234 O O   . HOH D 4 .   ? 0.977   -15.394 9.249   1.00 50.26 ? 208 HOH A O   1 
HETATM 1235 O O   . HOH D 4 .   ? -20.426 -8.738  -14.860 1.00 61.00 ? 209 HOH A O   1 
HETATM 1236 O O   . HOH D 4 .   ? 4.215   6.860   -8.431  1.00 28.42 ? 210 HOH A O   1 
HETATM 1237 O O   . HOH D 4 .   ? -8.591  6.811   -10.090 1.00 53.84 ? 211 HOH A O   1 
HETATM 1238 O O   . HOH D 4 .   ? 12.249  -11.893 5.876   1.00 41.20 ? 212 HOH A O   1 
HETATM 1239 O O   . HOH D 4 .   ? -12.587 2.723   8.119   1.00 51.33 ? 213 HOH A O   1 
HETATM 1240 O O   . HOH D 4 .   ? 4.429   2.469   8.969   1.00 27.63 ? 214 HOH A O   1 
HETATM 1241 O O   . HOH D 4 .   ? -21.494 -11.231 -1.995  1.00 47.61 ? 215 HOH A O   1 
HETATM 1242 O O   . HOH D 4 .   ? 19.127  1.758   -5.380  1.00 56.07 ? 216 HOH A O   1 
HETATM 1243 O O   . HOH D 4 .   ? -10.854 6.427   -12.348 1.00 53.34 ? 217 HOH A O   1 
HETATM 1244 O O   . HOH D 4 .   ? 15.230  -1.630  6.101   1.00 47.70 ? 218 HOH A O   1 
HETATM 1245 O O   . HOH D 4 .   ? -12.908 5.194   -11.910 1.00 38.71 ? 219 HOH A O   1 
HETATM 1246 O O   . HOH D 4 .   ? -9.884  10.465  -1.197  1.00 54.75 ? 220 HOH A O   1 
HETATM 1247 O O   . HOH D 4 .   ? -4.418  -13.547 -7.368  1.00 62.76 ? 221 HOH A O   1 
HETATM 1248 O O   . HOH D 4 .   ? -8.815  9.428   11.810  1.00 35.70 ? 222 HOH A O   1 
HETATM 1249 O O   . HOH D 4 .   ? -1.506  3.267   12.886  1.00 23.91 ? 223 HOH A O   1 
HETATM 1250 O O   . HOH D 4 .   ? 3.592   17.531  10.783  1.00 29.20 ? 224 HOH A O   1 
HETATM 1251 O O   . HOH D 4 .   ? -0.889  0.733   11.735  1.00 25.91 ? 225 HOH A O   1 
HETATM 1252 O O   . HOH D 4 .   ? 0.818   13.360  1.980   1.00 28.65 ? 226 HOH A O   1 
HETATM 1253 O O   . HOH D 4 .   ? 4.678   13.153  7.779   1.00 31.24 ? 227 HOH A O   1 
HETATM 1254 O O   . HOH D 4 .   ? 3.184   10.894  6.974   1.00 30.13 ? 228 HOH A O   1 
HETATM 1255 O O   . HOH D 4 .   ? 7.226   0.202   -10.015 1.00 36.00 ? 229 HOH A O   1 
HETATM 1256 O O   . HOH D 4 .   ? 7.685   19.703  8.004   1.00 34.14 ? 230 HOH A O   1 
HETATM 1257 O O   . HOH D 4 .   ? 7.411   4.783   3.269   1.00 37.70 ? 231 HOH A O   1 
HETATM 1258 O O   . HOH D 4 .   ? -4.611  9.274   2.428   1.00 28.53 ? 232 HOH A O   1 
HETATM 1259 O O   . HOH D 4 .   ? 8.151   6.253   5.376   1.00 30.16 ? 233 HOH A O   1 
HETATM 1260 O O   . HOH D 4 .   ? 3.888   9.736   -4.947  1.00 39.29 ? 234 HOH A O   1 
HETATM 1261 O O   . HOH D 4 .   ? 1.241   9.028   10.925  1.00 30.06 ? 235 HOH A O   1 
HETATM 1262 O O   . HOH D 4 .   ? -0.778  16.412  4.032   1.00 32.21 ? 236 HOH A O   1 
HETATM 1263 O O   . HOH D 4 .   ? 0.270   -5.471  -11.978 1.00 37.89 ? 237 HOH A O   1 
HETATM 1264 O O   . HOH D 4 .   ? -11.758 4.676   6.512   1.00 39.66 ? 238 HOH A O   1 
HETATM 1265 O O   . HOH D 4 .   ? 1.237   9.954   -1.258  1.00 26.48 ? 239 HOH A O   1 
HETATM 1266 O O   . HOH D 4 .   ? -17.303 -5.445  0.502   1.00 40.47 ? 240 HOH A O   1 
HETATM 1267 O O   . HOH D 4 .   ? -21.622 -18.814 -5.961  1.00 41.57 ? 241 HOH A O   1 
HETATM 1268 O O   . HOH D 4 .   ? 1.755   28.275  5.109   1.00 43.74 ? 242 HOH A O   1 
HETATM 1269 O O   . HOH D 4 .   ? -9.571  14.742  4.659   1.00 49.67 ? 243 HOH A O   1 
HETATM 1270 O O   . HOH D 4 .   ? 10.159  23.747  4.312   1.00 36.46 ? 244 HOH A O   1 
HETATM 1271 O O   . HOH D 4 .   ? 7.927   -9.691  -10.317 1.00 35.97 ? 245 HOH A O   1 
HETATM 1272 O O   . HOH D 4 .   ? 9.240   19.170  5.796   1.00 31.93 ? 246 HOH A O   1 
HETATM 1273 O O   . HOH D 4 .   ? 2.961   13.647  9.744   1.00 34.56 ? 247 HOH A O   1 
HETATM 1274 O O   . HOH D 4 .   ? 7.508   14.255  12.828  1.00 33.81 ? 248 HOH A O   1 
HETATM 1275 O O   . HOH D 4 .   ? -3.295  8.230   0.098   1.00 39.30 ? 249 HOH A O   1 
HETATM 1276 O O   . HOH D 4 .   ? -10.806 8.695   -5.775  1.00 41.12 ? 250 HOH A O   1 
HETATM 1277 O O   . HOH D 4 .   ? 7.595   -9.637  -13.237 1.00 35.11 ? 251 HOH A O   1 
HETATM 1278 O O   . HOH D 4 .   ? 6.108   -3.362  10.179  1.00 45.96 ? 252 HOH A O   1 
HETATM 1279 O O   . HOH D 4 .   ? 13.859  3.387   -0.703  1.00 33.77 ? 253 HOH A O   1 
HETATM 1280 O O   . HOH D 4 .   ? 14.404  -8.866  5.056   1.00 39.10 ? 254 HOH A O   1 
HETATM 1281 O O   . HOH D 4 .   ? -3.192  20.027  -10.093 1.00 48.25 ? 255 HOH A O   1 
HETATM 1282 O O   . HOH D 4 .   ? 13.728  18.807  5.324   1.00 44.08 ? 256 HOH A O   1 
HETATM 1283 O O   . HOH D 4 .   ? -2.208  14.562  2.245   1.00 50.27 ? 257 HOH A O   1 
HETATM 1284 O O   . HOH D 4 .   ? -2.727  2.787   15.338  1.00 40.37 ? 258 HOH A O   1 
HETATM 1285 O O   . HOH D 4 .   ? 4.016   14.047  12.052  1.00 43.92 ? 259 HOH A O   1 
HETATM 1286 O O   . HOH D 4 .   ? 12.043  -3.765  -10.802 1.00 46.42 ? 260 HOH A O   1 
HETATM 1287 O O   . HOH D 4 .   ? 1.377   21.746  6.298   1.00 52.94 ? 261 HOH A O   1 
HETATM 1288 O O   . HOH D 4 .   ? 1.634   -13.493 11.953  1.00 48.89 ? 262 HOH A O   1 
HETATM 1289 O O   . HOH D 4 .   ? -7.631  -0.623  15.235  1.00 42.74 ? 263 HOH A O   1 
HETATM 1290 O O   . HOH D 4 .   ? -23.089 -13.335 -2.881  1.00 42.00 ? 264 HOH A O   1 
HETATM 1291 O O   . HOH D 4 .   ? -4.240  9.126   -3.882  1.00 37.61 ? 265 HOH A O   1 
HETATM 1292 O O   . HOH D 4 .   ? 7.968   10.139  8.896   1.00 45.23 ? 266 HOH A O   1 
HETATM 1293 O O   . HOH D 4 .   ? -3.285  0.398   16.070  1.00 45.82 ? 267 HOH A O   1 
HETATM 1294 O O   . HOH D 4 .   ? 4.067   -9.563  10.245  1.00 34.54 ? 268 HOH A O   1 
HETATM 1295 O O   . HOH D 4 .   ? 1.141   -3.683  -13.862 1.00 44.44 ? 269 HOH A O   1 
HETATM 1296 O O   . HOH D 4 .   ? 14.339  -0.577  1.418   1.00 45.14 ? 270 HOH A O   1 
HETATM 1297 O O   . HOH D 4 .   ? -1.620  9.357   -1.485  1.00 44.88 ? 271 HOH A O   1 
HETATM 1298 O O   . HOH D 4 .   ? 16.560  -8.697  -3.903  1.00 38.38 ? 272 HOH A O   1 
HETATM 1299 O O   . HOH D 4 .   ? -11.116 9.198   0.747   1.00 56.96 ? 273 HOH A O   1 
HETATM 1300 O O   . HOH D 4 .   ? -14.302 3.124   4.472   1.00 54.58 ? 274 HOH A O   1 
HETATM 1301 O O   . HOH D 4 .   ? 18.959  6.725   -3.604  1.00 46.00 ? 275 HOH A O   1 
HETATM 1302 O O   . HOH D 4 .   ? -4.971  11.566  1.540   1.00 43.41 ? 276 HOH A O   1 
HETATM 1303 O O   . HOH D 4 .   ? 11.969  20.176  6.294   1.00 43.88 ? 277 HOH A O   1 
HETATM 1304 O O   . HOH D 4 .   ? 1.352   -7.041  11.706  1.00 42.81 ? 278 HOH A O   1 
HETATM 1305 O O   . HOH D 4 .   ? -17.155 -10.814 -10.430 1.00 38.58 ? 279 HOH A O   1 
HETATM 1306 O O   . HOH D 4 .   ? 3.874   -7.449  11.962  1.00 36.56 ? 280 HOH A O   1 
HETATM 1307 O O   . HOH D 4 .   ? 16.271  9.319   -4.169  1.00 51.19 ? 281 HOH A O   1 
HETATM 1308 O O   . HOH D 4 .   ? -8.667  10.011  -4.861  1.00 48.68 ? 282 HOH A O   1 
HETATM 1309 O O   . HOH D 4 .   ? 3.152   19.521  9.558   1.00 53.68 ? 283 HOH A O   1 
# 
loop_
_pdbx_poly_seq_scheme.asym_id 
_pdbx_poly_seq_scheme.entity_id 
_pdbx_poly_seq_scheme.seq_id 
_pdbx_poly_seq_scheme.mon_id 
_pdbx_poly_seq_scheme.ndb_seq_num 
_pdbx_poly_seq_scheme.pdb_seq_num 
_pdbx_poly_seq_scheme.auth_seq_num 
_pdbx_poly_seq_scheme.pdb_mon_id 
_pdbx_poly_seq_scheme.auth_mon_id 
_pdbx_poly_seq_scheme.pdb_strand_id 
_pdbx_poly_seq_scheme.pdb_ins_code 
_pdbx_poly_seq_scheme.hetero 
A 1 1   GLY 1   -3  ?   ?   ?   A . n 
A 1 2   SER 2   -2  ?   ?   ?   A . n 
A 1 3   HIS 3   -1  ?   ?   ?   A . n 
A 1 4   GLY 4   0   ?   ?   ?   A . n 
A 1 5   MET 5   1   ?   ?   ?   A . n 
A 1 6   ALA 6   2   ?   ?   ?   A . n 
A 1 7   ASP 7   3   ?   ?   ?   A . n 
A 1 8   GLU 8   4   ?   ?   ?   A . n 
A 1 9   GLU 9   5   ?   ?   ?   A . n 
A 1 10  LYS 10  6   6   LYS LYS A . n 
A 1 11  LEU 11  7   7   LEU LEU A . n 
A 1 12  PRO 12  8   8   PRO PRO A . n 
A 1 13  PRO 13  9   9   PRO PRO A . n 
A 1 14  GLY 14  10  10  GLY GLY A . n 
A 1 15  TRP 15  11  11  TRP TRP A . n 
A 1 16  GLU 16  12  12  GLU GLU A . n 
A 1 17  LYS 17  13  13  LYS LYS A . n 
A 1 18  ALA 18  14  14  ALA ALA A . n 
A 1 19  MET 19  15  15  MET MET A . n 
A 1 20  SER 20  16  16  SER SER A . n 
A 1 21  ARG 21  17  17  ARG ARG A . n 
A 1 22  SER 22  18  18  SER SER A . n 
A 1 23  SER 23  19  19  SER SER A . n 
A 1 24  GLY 24  20  20  GLY GLY A . n 
A 1 25  ARG 25  21  21  ARG ARG A . n 
A 1 26  VAL 26  22  22  VAL VAL A . n 
A 1 27  TYR 27  23  23  TYR TYR A . n 
A 1 28  TYR 28  24  24  TYR TYR A . n 
A 1 29  PHE 29  25  25  PHE PHE A . n 
A 1 30  ASN 30  26  26  ASN ASN A . n 
A 1 31  HIS 31  27  27  HIS HIS A . n 
A 1 32  ILE 32  28  28  ILE ILE A . n 
A 1 33  THR 33  29  29  THR THR A . n 
A 1 34  ASN 34  30  30  ASN ASN A . n 
A 1 35  ALA 35  31  31  ALA ALA A . n 
A 1 36  SER 36  32  32  SER SER A . n 
A 1 37  GLN 37  33  33  GLN GLN A . n 
A 1 38  TRP 38  34  34  TRP TRP A . n 
A 1 39  GLU 39  35  35  GLU GLU A . n 
A 1 40  ARG 40  36  36  ARG ARG A . n 
A 1 41  PRO 41  37  37  PRO PRO A . n 
A 1 42  SER 42  38  38  SER ALA A . n 
A 1 43  GLY 43  39  ?   ?   ?   A . n 
A 1 44  ASN 44  40  ?   ?   ?   A . n 
A 1 45  SER 45  41  ?   ?   ?   A . n 
A 1 46  SER 46  42  ?   ?   ?   A . n 
A 1 47  SER 47  43  ?   ?   ?   A . n 
A 1 48  GLY 48  44  ?   ?   ?   A . n 
A 1 49  GLY 49  45  ?   ?   ?   A . n 
A 1 50  LYS 50  46  ?   ?   ?   A . n 
A 1 51  ASN 51  47  ?   ?   ?   A . n 
A 1 52  GLY 52  48  ?   ?   ?   A . n 
A 1 53  GLN 53  49  ?   ?   ?   A . n 
A 1 54  GLY 54  50  ?   ?   ?   A . n 
A 1 55  GLU 55  51  51  GLU GLU A . n 
A 1 56  PRO 56  52  52  PRO PRO A . n 
A 1 57  ALA 57  53  53  ALA ALA A . n 
A 1 58  ARG 58  54  54  ARG ARG A . n 
A 1 59  VAL 59  55  55  VAL VAL A . n 
A 1 60  ARG 60  56  56  ARG ARG A . n 
A 1 61  CYS 61  57  57  CYS CYS A . n 
A 1 62  SER 62  58  58  SER SER A . n 
A 1 63  HIS 63  59  59  HIS HIS A . n 
A 1 64  LEU 64  60  60  LEU LEU A . n 
A 1 65  LEU 65  61  61  LEU LEU A . n 
A 1 66  VAL 66  62  62  VAL VAL A . n 
A 1 67  LYS 67  63  63  LYS LYS A . n 
A 1 68  HIS 68  64  64  HIS HIS A . n 
A 1 69  SER 69  65  65  SER SER A . n 
A 1 70  GLN 70  66  66  GLN GLN A . n 
A 1 71  SER 71  67  67  SER SER A . n 
A 1 72  ARG 72  68  68  ARG ARG A . n 
A 1 73  ARG 73  69  69  ARG ARG A . n 
A 1 74  PRO 74  70  70  PRO PRO A . n 
A 1 75  SER 75  71  71  SER SER A . n 
A 1 76  SER 76  72  72  SER SER A . n 
A 1 77  TRP 77  73  73  TRP TRP A . n 
A 1 78  ARG 78  74  74  ARG ARG A . n 
A 1 79  GLN 79  75  75  GLN GLN A . n 
A 1 80  GLU 80  76  76  GLU GLU A . n 
A 1 81  LYS 81  77  77  LYS LYS A . n 
A 1 82  ILE 82  78  78  ILE ILE A . n 
A 1 83  THR 83  79  79  THR THR A . n 
A 1 84  ARG 84  80  80  ARG ARG A . n 
A 1 85  THR 85  81  81  THR THR A . n 
A 1 86  LYS 86  82  82  LYS LYS A . n 
A 1 87  GLU 87  83  83  GLU GLU A . n 
A 1 88  GLU 88  84  84  GLU GLU A . n 
A 1 89  ALA 89  85  85  ALA ALA A . n 
A 1 90  LEU 90  86  86  LEU LEU A . n 
A 1 91  GLU 91  87  87  GLU GLU A . n 
A 1 92  LEU 92  88  88  LEU LEU A . n 
A 1 93  ILE 93  89  89  ILE ILE A . n 
A 1 94  ASN 94  90  90  ASN ASN A . n 
A 1 95  GLY 95  91  91  GLY GLY A . n 
A 1 96  TYR 96  92  92  TYR TYR A . n 
A 1 97  ILE 97  93  93  ILE ILE A . n 
A 1 98  GLN 98  94  94  GLN GLN A . n 
A 1 99  LYS 99  95  95  LYS LYS A . n 
A 1 100 ILE 100 96  96  ILE ILE A . n 
A 1 101 LYS 101 97  97  LYS LYS A . n 
A 1 102 SER 102 98  98  SER SER A . n 
A 1 103 GLY 103 99  99  GLY GLY A . n 
A 1 104 GLU 104 100 100 GLU GLU A . n 
A 1 105 GLU 105 101 101 GLU GLU A . n 
A 1 106 ASP 106 102 102 ASP ASP A . n 
A 1 107 PHE 107 103 103 PHE PHE A . n 
A 1 108 GLU 108 104 104 GLU GLU A . n 
A 1 109 SER 109 105 105 SER SER A . n 
A 1 110 LEU 110 106 106 LEU LEU A . n 
A 1 111 ALA 111 107 107 ALA ALA A . n 
A 1 112 SER 112 108 108 SER SER A . n 
A 1 113 GLN 113 109 109 GLN GLN A . n 
A 1 114 PHE 114 110 110 PHE PHE A . n 
A 1 115 SER 115 111 111 SER SER A . n 
A 1 116 ASP 116 112 112 ASP ASP A . n 
A 1 117 CYS 117 113 113 CYS CYS A . n 
A 1 118 SER 118 114 114 SER SER A . n 
A 1 119 SER 119 115 115 SER SER A . n 
A 1 120 ALA 120 116 116 ALA ALA A . n 
A 1 121 LYS 121 117 117 LYS LYS A . n 
A 1 122 ALA 122 118 118 ALA ALA A . n 
A 1 123 ARG 123 119 119 ARG ARG A . n 
A 1 124 GLY 124 120 120 GLY GLY A . n 
A 1 125 ASP 125 121 121 ASP ASP A . n 
A 1 126 LEU 126 122 122 LEU LEU A . n 
A 1 127 GLY 127 123 123 GLY GLY A . n 
A 1 128 ALA 128 124 124 ALA ALA A . n 
A 1 129 PHE 129 125 125 PHE PHE A . n 
A 1 130 SER 130 126 126 SER SER A . n 
A 1 131 ARG 131 127 127 ARG ARG A . n 
A 1 132 GLY 132 128 128 GLY GLY A . n 
A 1 133 GLN 133 129 129 GLN GLN A . n 
A 1 134 MET 134 130 130 MET MET A . n 
A 1 135 GLN 135 131 131 GLN GLN A . n 
A 1 136 LYS 136 132 132 LYS LYS A . n 
A 1 137 PRO 137 133 133 PRO PRO A . n 
A 1 138 PHE 138 134 134 PHE PHE A . n 
A 1 139 GLU 139 135 135 GLU GLU A . n 
A 1 140 ASP 140 136 136 ASP ASP A . n 
A 1 141 ALA 141 137 137 ALA ALA A . n 
A 1 142 SER 142 138 138 SER SER A . n 
A 1 143 PHE 143 139 139 PHE PHE A . n 
A 1 144 ALA 144 140 140 ALA ALA A . n 
A 1 145 LEU 145 141 141 LEU LEU A . n 
A 1 146 ARG 146 142 142 ARG ARG A . n 
A 1 147 THR 147 143 143 THR THR A . n 
A 1 148 GLY 148 144 144 GLY GLY A . n 
A 1 149 GLU 149 145 145 GLU GLU A . n 
A 1 150 MET 150 146 146 MET MET A . n 
A 1 151 SER 151 147 147 SER SER A . n 
A 1 152 GLY 152 148 148 GLY GLY A . n 
A 1 153 PRO 153 149 149 PRO PRO A . n 
A 1 154 VAL 154 150 150 VAL VAL A . n 
A 1 155 PHE 155 151 151 PHE PHE A . n 
A 1 156 THR 156 152 152 THR THR A . n 
A 1 157 ASP 157 153 153 ASP ASP A . n 
A 1 158 SER 158 154 154 SER SER A . n 
A 1 159 GLY 159 155 155 GLY GLY A . n 
A 1 160 ILE 160 156 156 ILE ILE A . n 
A 1 161 HIS 161 157 157 HIS HIS A . n 
A 1 162 ILE 162 158 158 ILE ILE A . n 
A 1 163 ILE 163 159 159 ILE ILE A . n 
A 1 164 LEU 164 160 160 LEU LEU A . n 
A 1 165 ARG 165 161 161 ARG ARG A . n 
A 1 166 THR 166 162 162 THR THR A . n 
A 1 167 GLU 167 163 163 GLU GLU A . n 
# 
loop_
_pdbx_nonpoly_scheme.asym_id 
_pdbx_nonpoly_scheme.entity_id 
_pdbx_nonpoly_scheme.mon_id 
_pdbx_nonpoly_scheme.ndb_seq_num 
_pdbx_nonpoly_scheme.pdb_seq_num 
_pdbx_nonpoly_scheme.auth_seq_num 
_pdbx_nonpoly_scheme.pdb_mon_id 
_pdbx_nonpoly_scheme.auth_mon_id 
_pdbx_nonpoly_scheme.pdb_strand_id 
_pdbx_nonpoly_scheme.pdb_ins_code 
B 2 12P 1   164 1   12P 12P A . 
C 3 4BY 1   165 1   4BY 4BG A . 
D 4 HOH 1   166 1   HOH HOH A . 
D 4 HOH 2   167 2   HOH HOH A . 
D 4 HOH 3   168 3   HOH HOH A . 
D 4 HOH 4   169 4   HOH HOH A . 
D 4 HOH 5   170 5   HOH HOH A . 
D 4 HOH 6   171 6   HOH HOH A . 
D 4 HOH 7   172 7   HOH HOH A . 
D 4 HOH 8   173 8   HOH HOH A . 
D 4 HOH 9   174 9   HOH HOH A . 
D 4 HOH 10  175 10  HOH HOH A . 
D 4 HOH 11  176 11  HOH HOH A . 
D 4 HOH 12  177 12  HOH HOH A . 
D 4 HOH 13  178 13  HOH HOH A . 
D 4 HOH 14  179 14  HOH HOH A . 
D 4 HOH 15  180 15  HOH HOH A . 
D 4 HOH 16  181 16  HOH HOH A . 
D 4 HOH 17  182 17  HOH HOH A . 
D 4 HOH 18  183 18  HOH HOH A . 
D 4 HOH 19  184 19  HOH HOH A . 
D 4 HOH 20  185 20  HOH HOH A . 
D 4 HOH 21  186 21  HOH HOH A . 
D 4 HOH 22  187 22  HOH HOH A . 
D 4 HOH 23  188 23  HOH HOH A . 
D 4 HOH 24  189 24  HOH HOH A . 
D 4 HOH 25  190 25  HOH HOH A . 
D 4 HOH 26  191 26  HOH HOH A . 
D 4 HOH 27  192 27  HOH HOH A . 
D 4 HOH 28  193 28  HOH HOH A . 
D 4 HOH 29  194 29  HOH HOH A . 
D 4 HOH 30  195 30  HOH HOH A . 
D 4 HOH 31  196 31  HOH HOH A . 
D 4 HOH 32  197 32  HOH HOH A . 
D 4 HOH 33  198 33  HOH HOH A . 
D 4 HOH 34  199 34  HOH HOH A . 
D 4 HOH 35  200 35  HOH HOH A . 
D 4 HOH 36  201 36  HOH HOH A . 
D 4 HOH 37  202 37  HOH HOH A . 
D 4 HOH 38  203 38  HOH HOH A . 
D 4 HOH 39  204 39  HOH HOH A . 
D 4 HOH 40  205 40  HOH HOH A . 
D 4 HOH 41  206 41  HOH HOH A . 
D 4 HOH 42  207 42  HOH HOH A . 
D 4 HOH 43  208 43  HOH HOH A . 
D 4 HOH 44  209 44  HOH HOH A . 
D 4 HOH 45  210 45  HOH HOH A . 
D 4 HOH 46  211 46  HOH HOH A . 
D 4 HOH 47  212 47  HOH HOH A . 
D 4 HOH 48  213 48  HOH HOH A . 
D 4 HOH 49  214 49  HOH HOH A . 
D 4 HOH 50  215 50  HOH HOH A . 
D 4 HOH 51  216 51  HOH HOH A . 
D 4 HOH 52  217 52  HOH HOH A . 
D 4 HOH 53  218 53  HOH HOH A . 
D 4 HOH 54  219 54  HOH HOH A . 
D 4 HOH 55  220 55  HOH HOH A . 
D 4 HOH 56  221 56  HOH HOH A . 
D 4 HOH 57  222 57  HOH HOH A . 
D 4 HOH 58  223 58  HOH HOH A . 
D 4 HOH 59  224 59  HOH HOH A . 
D 4 HOH 60  225 60  HOH HOH A . 
D 4 HOH 61  226 61  HOH HOH A . 
D 4 HOH 62  227 62  HOH HOH A . 
D 4 HOH 63  228 63  HOH HOH A . 
D 4 HOH 64  229 64  HOH HOH A . 
D 4 HOH 65  230 65  HOH HOH A . 
D 4 HOH 66  231 66  HOH HOH A . 
D 4 HOH 67  232 67  HOH HOH A . 
D 4 HOH 68  233 68  HOH HOH A . 
D 4 HOH 69  234 69  HOH HOH A . 
D 4 HOH 70  235 70  HOH HOH A . 
D 4 HOH 71  236 71  HOH HOH A . 
D 4 HOH 72  237 72  HOH HOH A . 
D 4 HOH 73  238 73  HOH HOH A . 
D 4 HOH 74  239 74  HOH HOH A . 
D 4 HOH 75  240 75  HOH HOH A . 
D 4 HOH 76  241 76  HOH HOH A . 
D 4 HOH 77  242 77  HOH HOH A . 
D 4 HOH 78  243 78  HOH HOH A . 
D 4 HOH 79  244 79  HOH HOH A . 
D 4 HOH 80  245 80  HOH HOH A . 
D 4 HOH 81  246 81  HOH HOH A . 
D 4 HOH 82  247 82  HOH HOH A . 
D 4 HOH 83  248 83  HOH HOH A . 
D 4 HOH 84  249 84  HOH HOH A . 
D 4 HOH 85  250 85  HOH HOH A . 
D 4 HOH 86  251 86  HOH HOH A . 
D 4 HOH 87  252 87  HOH HOH A . 
D 4 HOH 88  253 88  HOH HOH A . 
D 4 HOH 89  254 89  HOH HOH A . 
D 4 HOH 90  255 90  HOH HOH A . 
D 4 HOH 91  256 91  HOH HOH A . 
D 4 HOH 92  257 92  HOH HOH A . 
D 4 HOH 93  258 93  HOH HOH A . 
D 4 HOH 94  259 94  HOH HOH A . 
D 4 HOH 95  260 95  HOH HOH A . 
D 4 HOH 96  261 96  HOH HOH A . 
D 4 HOH 97  262 97  HOH HOH A . 
D 4 HOH 98  263 98  HOH HOH A . 
D 4 HOH 99  264 99  HOH HOH A . 
D 4 HOH 100 265 100 HOH HOH A . 
D 4 HOH 101 266 101 HOH HOH A . 
D 4 HOH 102 267 102 HOH HOH A . 
D 4 HOH 103 268 103 HOH HOH A . 
D 4 HOH 104 269 104 HOH HOH A . 
D 4 HOH 105 270 105 HOH HOH A . 
D 4 HOH 106 271 106 HOH HOH A . 
D 4 HOH 107 272 107 HOH HOH A . 
D 4 HOH 108 273 108 HOH HOH A . 
D 4 HOH 109 274 109 HOH HOH A . 
D 4 HOH 110 275 110 HOH HOH A . 
D 4 HOH 111 276 111 HOH HOH A . 
D 4 HOH 112 277 112 HOH HOH A . 
D 4 HOH 113 278 113 HOH HOH A . 
D 4 HOH 114 279 114 HOH HOH A . 
D 4 HOH 115 280 115 HOH HOH A . 
D 4 HOH 116 281 116 HOH HOH A . 
D 4 HOH 117 282 117 HOH HOH A . 
D 4 HOH 118 283 118 HOH HOH A . 
# 
_pdbx_struct_assembly.id                   1 
_pdbx_struct_assembly.details              author_and_software_defined_assembly 
_pdbx_struct_assembly.method_details       PISA 
_pdbx_struct_assembly.oligomeric_details   monomeric 
_pdbx_struct_assembly.oligomeric_count     1 
# 
_pdbx_struct_assembly_gen.assembly_id       1 
_pdbx_struct_assembly_gen.oper_expression   1 
_pdbx_struct_assembly_gen.asym_id_list      A,B,C,D 
# 
_pdbx_struct_oper_list.id                   1 
_pdbx_struct_oper_list.type                 'identity operation' 
_pdbx_struct_oper_list.name                 1_555 
_pdbx_struct_oper_list.symmetry_operation   x,y,z 
_pdbx_struct_oper_list.matrix[1][1]         1.0000000000 
_pdbx_struct_oper_list.matrix[1][2]         0.0000000000 
_pdbx_struct_oper_list.matrix[1][3]         0.0000000000 
_pdbx_struct_oper_list.vector[1]            0.0000000000 
_pdbx_struct_oper_list.matrix[2][1]         0.0000000000 
_pdbx_struct_oper_list.matrix[2][2]         1.0000000000 
_pdbx_struct_oper_list.matrix[2][3]         0.0000000000 
_pdbx_struct_oper_list.vector[2]            0.0000000000 
_pdbx_struct_oper_list.matrix[3][1]         0.0000000000 
_pdbx_struct_oper_list.matrix[3][2]         0.0000000000 
_pdbx_struct_oper_list.matrix[3][3]         1.0000000000 
_pdbx_struct_oper_list.vector[3]            0.0000000000 
# 
loop_
_pdbx_audit_revision_history.ordinal 
_pdbx_audit_revision_history.data_content_type 
_pdbx_audit_revision_history.major_revision 
_pdbx_audit_revision_history.minor_revision 
_pdbx_audit_revision_history.revision_date 
1 'Structure model' 1 0 2009-12-22 
2 'Structure model' 1 1 2011-07-13 
3 'Structure model' 1 2 2021-11-10 
4 'Structure model' 1 3 2023-11-01 
# 
_pdbx_audit_revision_details.ordinal             1 
_pdbx_audit_revision_details.revision_ordinal    1 
_pdbx_audit_revision_details.data_content_type   'Structure model' 
_pdbx_audit_revision_details.provider            repository 
_pdbx_audit_revision_details.type                'Initial release' 
_pdbx_audit_revision_details.description         ? 
_pdbx_audit_revision_details.details             ? 
# 
loop_
_pdbx_audit_revision_group.ordinal 
_pdbx_audit_revision_group.revision_ordinal 
_pdbx_audit_revision_group.data_content_type 
_pdbx_audit_revision_group.group 
1 2 'Structure model' 'Version format compliance' 
2 3 'Structure model' 'Database references'       
3 3 'Structure model' 'Derived calculations'      
4 4 'Structure model' 'Data collection'           
5 4 'Structure model' 'Refinement description'    
# 
loop_
_pdbx_audit_revision_category.ordinal 
_pdbx_audit_revision_category.revision_ordinal 
_pdbx_audit_revision_category.data_content_type 
_pdbx_audit_revision_category.category 
1 3 'Structure model' database_2                    
2 3 'Structure model' struct_ref_seq_dif            
3 3 'Structure model' struct_site                   
4 4 'Structure model' chem_comp_atom                
5 4 'Structure model' chem_comp_bond                
6 4 'Structure model' pdbx_initial_refinement_model 
# 
loop_
_pdbx_audit_revision_item.ordinal 
_pdbx_audit_revision_item.revision_ordinal 
_pdbx_audit_revision_item.data_content_type 
_pdbx_audit_revision_item.item 
1 3 'Structure model' '_database_2.pdbx_DOI'                
2 3 'Structure model' '_database_2.pdbx_database_accession' 
3 3 'Structure model' '_struct_ref_seq_dif.details'         
4 3 'Structure model' '_struct_site.pdbx_auth_asym_id'      
5 3 'Structure model' '_struct_site.pdbx_auth_comp_id'      
6 3 'Structure model' '_struct_site.pdbx_auth_seq_id'       
# 
loop_
_software.name 
_software.classification 
_software.version 
_software.citation_id 
_software.pdbx_ordinal 
CrystalClear 'data collection' .        ? 1 
AMoRE        phasing           .        ? 2 
REFMAC       refinement        5.2.0019 ? 3 
d*TREK       'data reduction'  .        ? 4 
d*TREK       'data scaling'    .        ? 5 
# 
_pdbx_validate_symm_contact.id                1 
_pdbx_validate_symm_contact.PDB_model_num     1 
_pdbx_validate_symm_contact.auth_atom_id_1    O 
_pdbx_validate_symm_contact.auth_asym_id_1    A 
_pdbx_validate_symm_contact.auth_comp_id_1    HOH 
_pdbx_validate_symm_contact.auth_seq_id_1     266 
_pdbx_validate_symm_contact.PDB_ins_code_1    ? 
_pdbx_validate_symm_contact.label_alt_id_1    ? 
_pdbx_validate_symm_contact.site_symmetry_1   1_555 
_pdbx_validate_symm_contact.auth_atom_id_2    O 
_pdbx_validate_symm_contact.auth_asym_id_2    A 
_pdbx_validate_symm_contact.auth_comp_id_2    HOH 
_pdbx_validate_symm_contact.auth_seq_id_2     266 
_pdbx_validate_symm_contact.PDB_ins_code_2    ? 
_pdbx_validate_symm_contact.label_alt_id_2    ? 
_pdbx_validate_symm_contact.site_symmetry_2   6_555 
_pdbx_validate_symm_contact.dist              2.11 
# 
_pdbx_validate_torsion.id              1 
_pdbx_validate_torsion.PDB_model_num   1 
_pdbx_validate_torsion.auth_comp_id    ASN 
_pdbx_validate_torsion.auth_asym_id    A 
_pdbx_validate_torsion.auth_seq_id     30 
_pdbx_validate_torsion.PDB_ins_code    ? 
_pdbx_validate_torsion.label_alt_id    ? 
_pdbx_validate_torsion.phi             59.26 
_pdbx_validate_torsion.psi             19.81 
# 
loop_
_pdbx_unobs_or_zero_occ_atoms.id 
_pdbx_unobs_or_zero_occ_atoms.PDB_model_num 
_pdbx_unobs_or_zero_occ_atoms.polymer_flag 
_pdbx_unobs_or_zero_occ_atoms.occupancy_flag 
_pdbx_unobs_or_zero_occ_atoms.auth_asym_id 
_pdbx_unobs_or_zero_occ_atoms.auth_comp_id 
_pdbx_unobs_or_zero_occ_atoms.auth_seq_id 
_pdbx_unobs_or_zero_occ_atoms.PDB_ins_code 
_pdbx_unobs_or_zero_occ_atoms.auth_atom_id 
_pdbx_unobs_or_zero_occ_atoms.label_alt_id 
_pdbx_unobs_or_zero_occ_atoms.label_asym_id 
_pdbx_unobs_or_zero_occ_atoms.label_comp_id 
_pdbx_unobs_or_zero_occ_atoms.label_seq_id 
_pdbx_unobs_or_zero_occ_atoms.label_atom_id 
1  1 Y 1 A LYS 6   ? CG  ? A LYS 10 CG  
2  1 Y 1 A LYS 6   ? CD  ? A LYS 10 CD  
3  1 Y 1 A LYS 6   ? CE  ? A LYS 10 CE  
4  1 Y 1 A LYS 6   ? NZ  ? A LYS 10 NZ  
5  1 Y 1 A SER 38  ? OG  ? A SER 42 OG  
6  1 Y 1 A ARG 68  ? CG  ? A ARG 72 CG  
7  1 Y 1 A ARG 68  ? CD  ? A ARG 72 CD  
8  1 Y 1 A ARG 68  ? NE  ? A ARG 72 NE  
9  1 Y 1 A ARG 68  ? CZ  ? A ARG 72 CZ  
10 1 Y 1 A ARG 68  ? NH1 ? A ARG 72 NH1 
11 1 Y 1 A ARG 68  ? NH2 ? A ARG 72 NH2 
12 1 N 1 A 12P 164 ? O37 ? B 12P 1  O37 
13 1 N 1 A 12P 164 ? C12 ? B 12P 1  C12 
14 1 N 1 A 12P 164 ? C11 ? B 12P 1  C11 
15 1 N 1 A 12P 164 ? O10 ? B 12P 1  O10 
16 1 N 1 A 12P 164 ? C9  ? B 12P 1  C9  
17 1 N 1 A 12P 164 ? C8  ? B 12P 1  C8  
18 1 N 1 A 12P 164 ? O7  ? B 12P 1  O7  
19 1 N 1 A 12P 164 ? C6  ? B 12P 1  C6  
20 1 N 1 A 12P 164 ? C5  ? B 12P 1  C5  
21 1 N 1 A 12P 164 ? O4  ? B 12P 1  O4  
22 1 N 1 A 12P 164 ? C3  ? B 12P 1  C3  
23 1 N 1 A 12P 164 ? C2  ? B 12P 1  C2  
24 1 N 1 A 12P 164 ? O1  ? B 12P 1  O1  
# 
loop_
_pdbx_unobs_or_zero_occ_residues.id 
_pdbx_unobs_or_zero_occ_residues.PDB_model_num 
_pdbx_unobs_or_zero_occ_residues.polymer_flag 
_pdbx_unobs_or_zero_occ_residues.occupancy_flag 
_pdbx_unobs_or_zero_occ_residues.auth_asym_id 
_pdbx_unobs_or_zero_occ_residues.auth_comp_id 
_pdbx_unobs_or_zero_occ_residues.auth_seq_id 
_pdbx_unobs_or_zero_occ_residues.PDB_ins_code 
_pdbx_unobs_or_zero_occ_residues.label_asym_id 
_pdbx_unobs_or_zero_occ_residues.label_comp_id 
_pdbx_unobs_or_zero_occ_residues.label_seq_id 
1  1 Y 1 A GLY -3 ? A GLY 1  
2  1 Y 1 A SER -2 ? A SER 2  
3  1 Y 1 A HIS -1 ? A HIS 3  
4  1 Y 1 A GLY 0  ? A GLY 4  
5  1 Y 1 A MET 1  ? A MET 5  
6  1 Y 1 A ALA 2  ? A ALA 6  
7  1 Y 1 A ASP 3  ? A ASP 7  
8  1 Y 1 A GLU 4  ? A GLU 8  
9  1 Y 1 A GLU 5  ? A GLU 9  
10 1 Y 1 A GLY 39 ? A GLY 43 
11 1 Y 1 A ASN 40 ? A ASN 44 
12 1 Y 1 A SER 41 ? A SER 45 
13 1 Y 1 A SER 42 ? A SER 46 
14 1 Y 1 A SER 43 ? A SER 47 
15 1 Y 1 A GLY 44 ? A GLY 48 
16 1 Y 1 A GLY 45 ? A GLY 49 
17 1 Y 1 A LYS 46 ? A LYS 50 
18 1 Y 1 A ASN 47 ? A ASN 51 
19 1 Y 1 A GLY 48 ? A GLY 52 
20 1 Y 1 A GLN 49 ? A GLN 53 
21 1 Y 1 A GLY 50 ? A GLY 54 
# 
loop_
_chem_comp_atom.comp_id 
_chem_comp_atom.atom_id 
_chem_comp_atom.type_symbol 
_chem_comp_atom.pdbx_aromatic_flag 
_chem_comp_atom.pdbx_stereo_config 
_chem_comp_atom.pdbx_ordinal 
12P O37  O N N 1   
12P C36  C N N 2   
12P C35  C N N 3   
12P O34  O N N 4   
12P C33  C N N 5   
12P C32  C N N 6   
12P O31  O N N 7   
12P C30  C N N 8   
12P C29  C N N 9   
12P O28  O N N 10  
12P C27  C N N 11  
12P C26  C N N 12  
12P O25  O N N 13  
12P C24  C N N 14  
12P C23  C N N 15  
12P O22  O N N 16  
12P C21  C N N 17  
12P C20  C N N 18  
12P O19  O N N 19  
12P C18  C N N 20  
12P C17  C N N 21  
12P O16  O N N 22  
12P C15  C N N 23  
12P C14  C N N 24  
12P O13  O N N 25  
12P C12  C N N 26  
12P C11  C N N 27  
12P O10  O N N 28  
12P C9   C N N 29  
12P C8   C N N 30  
12P O7   O N N 31  
12P C6   C N N 32  
12P C5   C N N 33  
12P O4   O N N 34  
12P C3   C N N 35  
12P C2   C N N 36  
12P O1   O N N 37  
12P H37  H N N 38  
12P H361 H N N 39  
12P H362 H N N 40  
12P H351 H N N 41  
12P H352 H N N 42  
12P H331 H N N 43  
12P H332 H N N 44  
12P H321 H N N 45  
12P H322 H N N 46  
12P H301 H N N 47  
12P H302 H N N 48  
12P H291 H N N 49  
12P H292 H N N 50  
12P H271 H N N 51  
12P H272 H N N 52  
12P H261 H N N 53  
12P H262 H N N 54  
12P H241 H N N 55  
12P H242 H N N 56  
12P H231 H N N 57  
12P H232 H N N 58  
12P H211 H N N 59  
12P H212 H N N 60  
12P H201 H N N 61  
12P H202 H N N 62  
12P H181 H N N 63  
12P H182 H N N 64  
12P H171 H N N 65  
12P H172 H N N 66  
12P H151 H N N 67  
12P H152 H N N 68  
12P H141 H N N 69  
12P H142 H N N 70  
12P H121 H N N 71  
12P H122 H N N 72  
12P H111 H N N 73  
12P H112 H N N 74  
12P H91  H N N 75  
12P H92  H N N 76  
12P H81  H N N 77  
12P H82  H N N 78  
12P H61  H N N 79  
12P H62  H N N 80  
12P H51  H N N 81  
12P H52  H N N 82  
12P H31  H N N 83  
12P H32  H N N 84  
12P H21  H N N 85  
12P H22  H N N 86  
12P HO1  H N N 87  
4BY C1   C Y N 88  
4BY N2   N Y N 89  
4BY C3   C Y N 90  
4BY C4   C Y N 91  
4BY C5   C Y N 92  
4BY C6   C N N 93  
4BY C7   C Y N 94  
4BY O8   O N N 95  
4BY C9   C Y N 96  
4BY O10  O N N 97  
4BY C11  C Y N 98  
4BY C12  C Y N 99  
4BY C13  C N N 100 
4BY H3   H N N 101 
4BY H7   H N N 102 
4BY H9   H N N 103 
4BY HO10 H N N 104 
4BY H12  H N N 105 
4BY H13  H N N 106 
4BY H13A H N N 107 
4BY H13B H N N 108 
4BY HN2  H N N 109 
ALA N    N N N 110 
ALA CA   C N S 111 
ALA C    C N N 112 
ALA O    O N N 113 
ALA CB   C N N 114 
ALA OXT  O N N 115 
ALA H    H N N 116 
ALA H2   H N N 117 
ALA HA   H N N 118 
ALA HB1  H N N 119 
ALA HB2  H N N 120 
ALA HB3  H N N 121 
ALA HXT  H N N 122 
ARG N    N N N 123 
ARG CA   C N S 124 
ARG C    C N N 125 
ARG O    O N N 126 
ARG CB   C N N 127 
ARG CG   C N N 128 
ARG CD   C N N 129 
ARG NE   N N N 130 
ARG CZ   C N N 131 
ARG NH1  N N N 132 
ARG NH2  N N N 133 
ARG OXT  O N N 134 
ARG H    H N N 135 
ARG H2   H N N 136 
ARG HA   H N N 137 
ARG HB2  H N N 138 
ARG HB3  H N N 139 
ARG HG2  H N N 140 
ARG HG3  H N N 141 
ARG HD2  H N N 142 
ARG HD3  H N N 143 
ARG HE   H N N 144 
ARG HH11 H N N 145 
ARG HH12 H N N 146 
ARG HH21 H N N 147 
ARG HH22 H N N 148 
ARG HXT  H N N 149 
ASN N    N N N 150 
ASN CA   C N S 151 
ASN C    C N N 152 
ASN O    O N N 153 
ASN CB   C N N 154 
ASN CG   C N N 155 
ASN OD1  O N N 156 
ASN ND2  N N N 157 
ASN OXT  O N N 158 
ASN H    H N N 159 
ASN H2   H N N 160 
ASN HA   H N N 161 
ASN HB2  H N N 162 
ASN HB3  H N N 163 
ASN HD21 H N N 164 
ASN HD22 H N N 165 
ASN HXT  H N N 166 
ASP N    N N N 167 
ASP CA   C N S 168 
ASP C    C N N 169 
ASP O    O N N 170 
ASP CB   C N N 171 
ASP CG   C N N 172 
ASP OD1  O N N 173 
ASP OD2  O N N 174 
ASP OXT  O N N 175 
ASP H    H N N 176 
ASP H2   H N N 177 
ASP HA   H N N 178 
ASP HB2  H N N 179 
ASP HB3  H N N 180 
ASP HD2  H N N 181 
ASP HXT  H N N 182 
CYS N    N N N 183 
CYS CA   C N R 184 
CYS C    C N N 185 
CYS O    O N N 186 
CYS CB   C N N 187 
CYS SG   S N N 188 
CYS OXT  O N N 189 
CYS H    H N N 190 
CYS H2   H N N 191 
CYS HA   H N N 192 
CYS HB2  H N N 193 
CYS HB3  H N N 194 
CYS HG   H N N 195 
CYS HXT  H N N 196 
GLN N    N N N 197 
GLN CA   C N S 198 
GLN C    C N N 199 
GLN O    O N N 200 
GLN CB   C N N 201 
GLN CG   C N N 202 
GLN CD   C N N 203 
GLN OE1  O N N 204 
GLN NE2  N N N 205 
GLN OXT  O N N 206 
GLN H    H N N 207 
GLN H2   H N N 208 
GLN HA   H N N 209 
GLN HB2  H N N 210 
GLN HB3  H N N 211 
GLN HG2  H N N 212 
GLN HG3  H N N 213 
GLN HE21 H N N 214 
GLN HE22 H N N 215 
GLN HXT  H N N 216 
GLU N    N N N 217 
GLU CA   C N S 218 
GLU C    C N N 219 
GLU O    O N N 220 
GLU CB   C N N 221 
GLU CG   C N N 222 
GLU CD   C N N 223 
GLU OE1  O N N 224 
GLU OE2  O N N 225 
GLU OXT  O N N 226 
GLU H    H N N 227 
GLU H2   H N N 228 
GLU HA   H N N 229 
GLU HB2  H N N 230 
GLU HB3  H N N 231 
GLU HG2  H N N 232 
GLU HG3  H N N 233 
GLU HE2  H N N 234 
GLU HXT  H N N 235 
GLY N    N N N 236 
GLY CA   C N N 237 
GLY C    C N N 238 
GLY O    O N N 239 
GLY OXT  O N N 240 
GLY H    H N N 241 
GLY H2   H N N 242 
GLY HA2  H N N 243 
GLY HA3  H N N 244 
GLY HXT  H N N 245 
HIS N    N N N 246 
HIS CA   C N S 247 
HIS C    C N N 248 
HIS O    O N N 249 
HIS CB   C N N 250 
HIS CG   C Y N 251 
HIS ND1  N Y N 252 
HIS CD2  C Y N 253 
HIS CE1  C Y N 254 
HIS NE2  N Y N 255 
HIS OXT  O N N 256 
HIS H    H N N 257 
HIS H2   H N N 258 
HIS HA   H N N 259 
HIS HB2  H N N 260 
HIS HB3  H N N 261 
HIS HD1  H N N 262 
HIS HD2  H N N 263 
HIS HE1  H N N 264 
HIS HE2  H N N 265 
HIS HXT  H N N 266 
HOH O    O N N 267 
HOH H1   H N N 268 
HOH H2   H N N 269 
ILE N    N N N 270 
ILE CA   C N S 271 
ILE C    C N N 272 
ILE O    O N N 273 
ILE CB   C N S 274 
ILE CG1  C N N 275 
ILE CG2  C N N 276 
ILE CD1  C N N 277 
ILE OXT  O N N 278 
ILE H    H N N 279 
ILE H2   H N N 280 
ILE HA   H N N 281 
ILE HB   H N N 282 
ILE HG12 H N N 283 
ILE HG13 H N N 284 
ILE HG21 H N N 285 
ILE HG22 H N N 286 
ILE HG23 H N N 287 
ILE HD11 H N N 288 
ILE HD12 H N N 289 
ILE HD13 H N N 290 
ILE HXT  H N N 291 
LEU N    N N N 292 
LEU CA   C N S 293 
LEU C    C N N 294 
LEU O    O N N 295 
LEU CB   C N N 296 
LEU CG   C N N 297 
LEU CD1  C N N 298 
LEU CD2  C N N 299 
LEU OXT  O N N 300 
LEU H    H N N 301 
LEU H2   H N N 302 
LEU HA   H N N 303 
LEU HB2  H N N 304 
LEU HB3  H N N 305 
LEU HG   H N N 306 
LEU HD11 H N N 307 
LEU HD12 H N N 308 
LEU HD13 H N N 309 
LEU HD21 H N N 310 
LEU HD22 H N N 311 
LEU HD23 H N N 312 
LEU HXT  H N N 313 
LYS N    N N N 314 
LYS CA   C N S 315 
LYS C    C N N 316 
LYS O    O N N 317 
LYS CB   C N N 318 
LYS CG   C N N 319 
LYS CD   C N N 320 
LYS CE   C N N 321 
LYS NZ   N N N 322 
LYS OXT  O N N 323 
LYS H    H N N 324 
LYS H2   H N N 325 
LYS HA   H N N 326 
LYS HB2  H N N 327 
LYS HB3  H N N 328 
LYS HG2  H N N 329 
LYS HG3  H N N 330 
LYS HD2  H N N 331 
LYS HD3  H N N 332 
LYS HE2  H N N 333 
LYS HE3  H N N 334 
LYS HZ1  H N N 335 
LYS HZ2  H N N 336 
LYS HZ3  H N N 337 
LYS HXT  H N N 338 
MET N    N N N 339 
MET CA   C N S 340 
MET C    C N N 341 
MET O    O N N 342 
MET CB   C N N 343 
MET CG   C N N 344 
MET SD   S N N 345 
MET CE   C N N 346 
MET OXT  O N N 347 
MET H    H N N 348 
MET H2   H N N 349 
MET HA   H N N 350 
MET HB2  H N N 351 
MET HB3  H N N 352 
MET HG2  H N N 353 
MET HG3  H N N 354 
MET HE1  H N N 355 
MET HE2  H N N 356 
MET HE3  H N N 357 
MET HXT  H N N 358 
PHE N    N N N 359 
PHE CA   C N S 360 
PHE C    C N N 361 
PHE O    O N N 362 
PHE CB   C N N 363 
PHE CG   C Y N 364 
PHE CD1  C Y N 365 
PHE CD2  C Y N 366 
PHE CE1  C Y N 367 
PHE CE2  C Y N 368 
PHE CZ   C Y N 369 
PHE OXT  O N N 370 
PHE H    H N N 371 
PHE H2   H N N 372 
PHE HA   H N N 373 
PHE HB2  H N N 374 
PHE HB3  H N N 375 
PHE HD1  H N N 376 
PHE HD2  H N N 377 
PHE HE1  H N N 378 
PHE HE2  H N N 379 
PHE HZ   H N N 380 
PHE HXT  H N N 381 
PRO N    N N N 382 
PRO CA   C N S 383 
PRO C    C N N 384 
PRO O    O N N 385 
PRO CB   C N N 386 
PRO CG   C N N 387 
PRO CD   C N N 388 
PRO OXT  O N N 389 
PRO H    H N N 390 
PRO HA   H N N 391 
PRO HB2  H N N 392 
PRO HB3  H N N 393 
PRO HG2  H N N 394 
PRO HG3  H N N 395 
PRO HD2  H N N 396 
PRO HD3  H N N 397 
PRO HXT  H N N 398 
SER N    N N N 399 
SER CA   C N S 400 
SER C    C N N 401 
SER O    O N N 402 
SER CB   C N N 403 
SER OG   O N N 404 
SER OXT  O N N 405 
SER H    H N N 406 
SER H2   H N N 407 
SER HA   H N N 408 
SER HB2  H N N 409 
SER HB3  H N N 410 
SER HG   H N N 411 
SER HXT  H N N 412 
THR N    N N N 413 
THR CA   C N S 414 
THR C    C N N 415 
THR O    O N N 416 
THR CB   C N R 417 
THR OG1  O N N 418 
THR CG2  C N N 419 
THR OXT  O N N 420 
THR H    H N N 421 
THR H2   H N N 422 
THR HA   H N N 423 
THR HB   H N N 424 
THR HG1  H N N 425 
THR HG21 H N N 426 
THR HG22 H N N 427 
THR HG23 H N N 428 
THR HXT  H N N 429 
TRP N    N N N 430 
TRP CA   C N S 431 
TRP C    C N N 432 
TRP O    O N N 433 
TRP CB   C N N 434 
TRP CG   C Y N 435 
TRP CD1  C Y N 436 
TRP CD2  C Y N 437 
TRP NE1  N Y N 438 
TRP CE2  C Y N 439 
TRP CE3  C Y N 440 
TRP CZ2  C Y N 441 
TRP CZ3  C Y N 442 
TRP CH2  C Y N 443 
TRP OXT  O N N 444 
TRP H    H N N 445 
TRP H2   H N N 446 
TRP HA   H N N 447 
TRP HB2  H N N 448 
TRP HB3  H N N 449 
TRP HD1  H N N 450 
TRP HE1  H N N 451 
TRP HE3  H N N 452 
TRP HZ2  H N N 453 
TRP HZ3  H N N 454 
TRP HH2  H N N 455 
TRP HXT  H N N 456 
TYR N    N N N 457 
TYR CA   C N S 458 
TYR C    C N N 459 
TYR O    O N N 460 
TYR CB   C N N 461 
TYR CG   C Y N 462 
TYR CD1  C Y N 463 
TYR CD2  C Y N 464 
TYR CE1  C Y N 465 
TYR CE2  C Y N 466 
TYR CZ   C Y N 467 
TYR OH   O N N 468 
TYR OXT  O N N 469 
TYR H    H N N 470 
TYR H2   H N N 471 
TYR HA   H N N 472 
TYR HB2  H N N 473 
TYR HB3  H N N 474 
TYR HD1  H N N 475 
TYR HD2  H N N 476 
TYR HE1  H N N 477 
TYR HE2  H N N 478 
TYR HH   H N N 479 
TYR HXT  H N N 480 
VAL N    N N N 481 
VAL CA   C N S 482 
VAL C    C N N 483 
VAL O    O N N 484 
VAL CB   C N N 485 
VAL CG1  C N N 486 
VAL CG2  C N N 487 
VAL OXT  O N N 488 
VAL H    H N N 489 
VAL H2   H N N 490 
VAL HA   H N N 491 
VAL HB   H N N 492 
VAL HG11 H N N 493 
VAL HG12 H N N 494 
VAL HG13 H N N 495 
VAL HG21 H N N 496 
VAL HG22 H N N 497 
VAL HG23 H N N 498 
VAL HXT  H N N 499 
# 
loop_
_chem_comp_bond.comp_id 
_chem_comp_bond.atom_id_1 
_chem_comp_bond.atom_id_2 
_chem_comp_bond.value_order 
_chem_comp_bond.pdbx_aromatic_flag 
_chem_comp_bond.pdbx_stereo_config 
_chem_comp_bond.pdbx_ordinal 
12P O37 C36  sing N N 1   
12P O37 H37  sing N N 2   
12P C36 C35  sing N N 3   
12P C36 H361 sing N N 4   
12P C36 H362 sing N N 5   
12P C35 O34  sing N N 6   
12P C35 H351 sing N N 7   
12P C35 H352 sing N N 8   
12P O34 C33  sing N N 9   
12P C33 C32  sing N N 10  
12P C33 H331 sing N N 11  
12P C33 H332 sing N N 12  
12P C32 O31  sing N N 13  
12P C32 H321 sing N N 14  
12P C32 H322 sing N N 15  
12P O31 C30  sing N N 16  
12P C30 C29  sing N N 17  
12P C30 H301 sing N N 18  
12P C30 H302 sing N N 19  
12P C29 O28  sing N N 20  
12P C29 H291 sing N N 21  
12P C29 H292 sing N N 22  
12P O28 C27  sing N N 23  
12P C27 C26  sing N N 24  
12P C27 H271 sing N N 25  
12P C27 H272 sing N N 26  
12P C26 O25  sing N N 27  
12P C26 H261 sing N N 28  
12P C26 H262 sing N N 29  
12P O25 C24  sing N N 30  
12P C24 C23  sing N N 31  
12P C24 H241 sing N N 32  
12P C24 H242 sing N N 33  
12P C23 O22  sing N N 34  
12P C23 H231 sing N N 35  
12P C23 H232 sing N N 36  
12P O22 C21  sing N N 37  
12P C21 C20  sing N N 38  
12P C21 H211 sing N N 39  
12P C21 H212 sing N N 40  
12P C20 O19  sing N N 41  
12P C20 H201 sing N N 42  
12P C20 H202 sing N N 43  
12P O19 C18  sing N N 44  
12P C18 C17  sing N N 45  
12P C18 H181 sing N N 46  
12P C18 H182 sing N N 47  
12P C17 O16  sing N N 48  
12P C17 H171 sing N N 49  
12P C17 H172 sing N N 50  
12P O16 C15  sing N N 51  
12P C15 C14  sing N N 52  
12P C15 H151 sing N N 53  
12P C15 H152 sing N N 54  
12P C14 O13  sing N N 55  
12P C14 H141 sing N N 56  
12P C14 H142 sing N N 57  
12P O13 C12  sing N N 58  
12P C12 C11  sing N N 59  
12P C12 H121 sing N N 60  
12P C12 H122 sing N N 61  
12P C11 O10  sing N N 62  
12P C11 H111 sing N N 63  
12P C11 H112 sing N N 64  
12P O10 C9   sing N N 65  
12P C9  C8   sing N N 66  
12P C9  H91  sing N N 67  
12P C9  H92  sing N N 68  
12P C8  O7   sing N N 69  
12P C8  H81  sing N N 70  
12P C8  H82  sing N N 71  
12P O7  C6   sing N N 72  
12P C6  C5   sing N N 73  
12P C6  H61  sing N N 74  
12P C6  H62  sing N N 75  
12P C5  O4   sing N N 76  
12P C5  H51  sing N N 77  
12P C5  H52  sing N N 78  
12P O4  C3   sing N N 79  
12P C3  C2   sing N N 80  
12P C3  H31  sing N N 81  
12P C3  H32  sing N N 82  
12P C2  O1   sing N N 83  
12P C2  H21  sing N N 84  
12P C2  H22  sing N N 85  
12P O1  HO1  sing N N 86  
4BY N2  C1   sing Y N 87  
4BY C6  C1   sing N N 88  
4BY C1  C3   doub Y N 89  
4BY N2  C5   sing Y N 90  
4BY C4  C3   sing Y N 91  
4BY C3  H3   sing N N 92  
4BY C5  C4   doub Y N 93  
4BY C4  C7   sing Y N 94  
4BY C9  C5   sing Y N 95  
4BY O8  C6   doub N N 96  
4BY C6  O10  sing N N 97  
4BY C11 C7   doub Y N 98  
4BY C7  H7   sing N N 99  
4BY C9  C12  doub Y N 100 
4BY C9  H9   sing N N 101 
4BY O10 HO10 sing N N 102 
4BY C12 C11  sing Y N 103 
4BY C11 C13  sing N N 104 
4BY C12 H12  sing N N 105 
4BY C13 H13  sing N N 106 
4BY C13 H13A sing N N 107 
4BY C13 H13B sing N N 108 
4BY N2  HN2  sing N N 109 
ALA N   CA   sing N N 110 
ALA N   H    sing N N 111 
ALA N   H2   sing N N 112 
ALA CA  C    sing N N 113 
ALA CA  CB   sing N N 114 
ALA CA  HA   sing N N 115 
ALA C   O    doub N N 116 
ALA C   OXT  sing N N 117 
ALA CB  HB1  sing N N 118 
ALA CB  HB2  sing N N 119 
ALA CB  HB3  sing N N 120 
ALA OXT HXT  sing N N 121 
ARG N   CA   sing N N 122 
ARG N   H    sing N N 123 
ARG N   H2   sing N N 124 
ARG CA  C    sing N N 125 
ARG CA  CB   sing N N 126 
ARG CA  HA   sing N N 127 
ARG C   O    doub N N 128 
ARG C   OXT  sing N N 129 
ARG CB  CG   sing N N 130 
ARG CB  HB2  sing N N 131 
ARG CB  HB3  sing N N 132 
ARG CG  CD   sing N N 133 
ARG CG  HG2  sing N N 134 
ARG CG  HG3  sing N N 135 
ARG CD  NE   sing N N 136 
ARG CD  HD2  sing N N 137 
ARG CD  HD3  sing N N 138 
ARG NE  CZ   sing N N 139 
ARG NE  HE   sing N N 140 
ARG CZ  NH1  sing N N 141 
ARG CZ  NH2  doub N N 142 
ARG NH1 HH11 sing N N 143 
ARG NH1 HH12 sing N N 144 
ARG NH2 HH21 sing N N 145 
ARG NH2 HH22 sing N N 146 
ARG OXT HXT  sing N N 147 
ASN N   CA   sing N N 148 
ASN N   H    sing N N 149 
ASN N   H2   sing N N 150 
ASN CA  C    sing N N 151 
ASN CA  CB   sing N N 152 
ASN CA  HA   sing N N 153 
ASN C   O    doub N N 154 
ASN C   OXT  sing N N 155 
ASN CB  CG   sing N N 156 
ASN CB  HB2  sing N N 157 
ASN CB  HB3  sing N N 158 
ASN CG  OD1  doub N N 159 
ASN CG  ND2  sing N N 160 
ASN ND2 HD21 sing N N 161 
ASN ND2 HD22 sing N N 162 
ASN OXT HXT  sing N N 163 
ASP N   CA   sing N N 164 
ASP N   H    sing N N 165 
ASP N   H2   sing N N 166 
ASP CA  C    sing N N 167 
ASP CA  CB   sing N N 168 
ASP CA  HA   sing N N 169 
ASP C   O    doub N N 170 
ASP C   OXT  sing N N 171 
ASP CB  CG   sing N N 172 
ASP CB  HB2  sing N N 173 
ASP CB  HB3  sing N N 174 
ASP CG  OD1  doub N N 175 
ASP CG  OD2  sing N N 176 
ASP OD2 HD2  sing N N 177 
ASP OXT HXT  sing N N 178 
CYS N   CA   sing N N 179 
CYS N   H    sing N N 180 
CYS N   H2   sing N N 181 
CYS CA  C    sing N N 182 
CYS CA  CB   sing N N 183 
CYS CA  HA   sing N N 184 
CYS C   O    doub N N 185 
CYS C   OXT  sing N N 186 
CYS CB  SG   sing N N 187 
CYS CB  HB2  sing N N 188 
CYS CB  HB3  sing N N 189 
CYS SG  HG   sing N N 190 
CYS OXT HXT  sing N N 191 
GLN N   CA   sing N N 192 
GLN N   H    sing N N 193 
GLN N   H2   sing N N 194 
GLN CA  C    sing N N 195 
GLN CA  CB   sing N N 196 
GLN CA  HA   sing N N 197 
GLN C   O    doub N N 198 
GLN C   OXT  sing N N 199 
GLN CB  CG   sing N N 200 
GLN CB  HB2  sing N N 201 
GLN CB  HB3  sing N N 202 
GLN CG  CD   sing N N 203 
GLN CG  HG2  sing N N 204 
GLN CG  HG3  sing N N 205 
GLN CD  OE1  doub N N 206 
GLN CD  NE2  sing N N 207 
GLN NE2 HE21 sing N N 208 
GLN NE2 HE22 sing N N 209 
GLN OXT HXT  sing N N 210 
GLU N   CA   sing N N 211 
GLU N   H    sing N N 212 
GLU N   H2   sing N N 213 
GLU CA  C    sing N N 214 
GLU CA  CB   sing N N 215 
GLU CA  HA   sing N N 216 
GLU C   O    doub N N 217 
GLU C   OXT  sing N N 218 
GLU CB  CG   sing N N 219 
GLU CB  HB2  sing N N 220 
GLU CB  HB3  sing N N 221 
GLU CG  CD   sing N N 222 
GLU CG  HG2  sing N N 223 
GLU CG  HG3  sing N N 224 
GLU CD  OE1  doub N N 225 
GLU CD  OE2  sing N N 226 
GLU OE2 HE2  sing N N 227 
GLU OXT HXT  sing N N 228 
GLY N   CA   sing N N 229 
GLY N   H    sing N N 230 
GLY N   H2   sing N N 231 
GLY CA  C    sing N N 232 
GLY CA  HA2  sing N N 233 
GLY CA  HA3  sing N N 234 
GLY C   O    doub N N 235 
GLY C   OXT  sing N N 236 
GLY OXT HXT  sing N N 237 
HIS N   CA   sing N N 238 
HIS N   H    sing N N 239 
HIS N   H2   sing N N 240 
HIS CA  C    sing N N 241 
HIS CA  CB   sing N N 242 
HIS CA  HA   sing N N 243 
HIS C   O    doub N N 244 
HIS C   OXT  sing N N 245 
HIS CB  CG   sing N N 246 
HIS CB  HB2  sing N N 247 
HIS CB  HB3  sing N N 248 
HIS CG  ND1  sing Y N 249 
HIS CG  CD2  doub Y N 250 
HIS ND1 CE1  doub Y N 251 
HIS ND1 HD1  sing N N 252 
HIS CD2 NE2  sing Y N 253 
HIS CD2 HD2  sing N N 254 
HIS CE1 NE2  sing Y N 255 
HIS CE1 HE1  sing N N 256 
HIS NE2 HE2  sing N N 257 
HIS OXT HXT  sing N N 258 
HOH O   H1   sing N N 259 
HOH O   H2   sing N N 260 
ILE N   CA   sing N N 261 
ILE N   H    sing N N 262 
ILE N   H2   sing N N 263 
ILE CA  C    sing N N 264 
ILE CA  CB   sing N N 265 
ILE CA  HA   sing N N 266 
ILE C   O    doub N N 267 
ILE C   OXT  sing N N 268 
ILE CB  CG1  sing N N 269 
ILE CB  CG2  sing N N 270 
ILE CB  HB   sing N N 271 
ILE CG1 CD1  sing N N 272 
ILE CG1 HG12 sing N N 273 
ILE CG1 HG13 sing N N 274 
ILE CG2 HG21 sing N N 275 
ILE CG2 HG22 sing N N 276 
ILE CG2 HG23 sing N N 277 
ILE CD1 HD11 sing N N 278 
ILE CD1 HD12 sing N N 279 
ILE CD1 HD13 sing N N 280 
ILE OXT HXT  sing N N 281 
LEU N   CA   sing N N 282 
LEU N   H    sing N N 283 
LEU N   H2   sing N N 284 
LEU CA  C    sing N N 285 
LEU CA  CB   sing N N 286 
LEU CA  HA   sing N N 287 
LEU C   O    doub N N 288 
LEU C   OXT  sing N N 289 
LEU CB  CG   sing N N 290 
LEU CB  HB2  sing N N 291 
LEU CB  HB3  sing N N 292 
LEU CG  CD1  sing N N 293 
LEU CG  CD2  sing N N 294 
LEU CG  HG   sing N N 295 
LEU CD1 HD11 sing N N 296 
LEU CD1 HD12 sing N N 297 
LEU CD1 HD13 sing N N 298 
LEU CD2 HD21 sing N N 299 
LEU CD2 HD22 sing N N 300 
LEU CD2 HD23 sing N N 301 
LEU OXT HXT  sing N N 302 
LYS N   CA   sing N N 303 
LYS N   H    sing N N 304 
LYS N   H2   sing N N 305 
LYS CA  C    sing N N 306 
LYS CA  CB   sing N N 307 
LYS CA  HA   sing N N 308 
LYS C   O    doub N N 309 
LYS C   OXT  sing N N 310 
LYS CB  CG   sing N N 311 
LYS CB  HB2  sing N N 312 
LYS CB  HB3  sing N N 313 
LYS CG  CD   sing N N 314 
LYS CG  HG2  sing N N 315 
LYS CG  HG3  sing N N 316 
LYS CD  CE   sing N N 317 
LYS CD  HD2  sing N N 318 
LYS CD  HD3  sing N N 319 
LYS CE  NZ   sing N N 320 
LYS CE  HE2  sing N N 321 
LYS CE  HE3  sing N N 322 
LYS NZ  HZ1  sing N N 323 
LYS NZ  HZ2  sing N N 324 
LYS NZ  HZ3  sing N N 325 
LYS OXT HXT  sing N N 326 
MET N   CA   sing N N 327 
MET N   H    sing N N 328 
MET N   H2   sing N N 329 
MET CA  C    sing N N 330 
MET CA  CB   sing N N 331 
MET CA  HA   sing N N 332 
MET C   O    doub N N 333 
MET C   OXT  sing N N 334 
MET CB  CG   sing N N 335 
MET CB  HB2  sing N N 336 
MET CB  HB3  sing N N 337 
MET CG  SD   sing N N 338 
MET CG  HG2  sing N N 339 
MET CG  HG3  sing N N 340 
MET SD  CE   sing N N 341 
MET CE  HE1  sing N N 342 
MET CE  HE2  sing N N 343 
MET CE  HE3  sing N N 344 
MET OXT HXT  sing N N 345 
PHE N   CA   sing N N 346 
PHE N   H    sing N N 347 
PHE N   H2   sing N N 348 
PHE CA  C    sing N N 349 
PHE CA  CB   sing N N 350 
PHE CA  HA   sing N N 351 
PHE C   O    doub N N 352 
PHE C   OXT  sing N N 353 
PHE CB  CG   sing N N 354 
PHE CB  HB2  sing N N 355 
PHE CB  HB3  sing N N 356 
PHE CG  CD1  doub Y N 357 
PHE CG  CD2  sing Y N 358 
PHE CD1 CE1  sing Y N 359 
PHE CD1 HD1  sing N N 360 
PHE CD2 CE2  doub Y N 361 
PHE CD2 HD2  sing N N 362 
PHE CE1 CZ   doub Y N 363 
PHE CE1 HE1  sing N N 364 
PHE CE2 CZ   sing Y N 365 
PHE CE2 HE2  sing N N 366 
PHE CZ  HZ   sing N N 367 
PHE OXT HXT  sing N N 368 
PRO N   CA   sing N N 369 
PRO N   CD   sing N N 370 
PRO N   H    sing N N 371 
PRO CA  C    sing N N 372 
PRO CA  CB   sing N N 373 
PRO CA  HA   sing N N 374 
PRO C   O    doub N N 375 
PRO C   OXT  sing N N 376 
PRO CB  CG   sing N N 377 
PRO CB  HB2  sing N N 378 
PRO CB  HB3  sing N N 379 
PRO CG  CD   sing N N 380 
PRO CG  HG2  sing N N 381 
PRO CG  HG3  sing N N 382 
PRO CD  HD2  sing N N 383 
PRO CD  HD3  sing N N 384 
PRO OXT HXT  sing N N 385 
SER N   CA   sing N N 386 
SER N   H    sing N N 387 
SER N   H2   sing N N 388 
SER CA  C    sing N N 389 
SER CA  CB   sing N N 390 
SER CA  HA   sing N N 391 
SER C   O    doub N N 392 
SER C   OXT  sing N N 393 
SER CB  OG   sing N N 394 
SER CB  HB2  sing N N 395 
SER CB  HB3  sing N N 396 
SER OG  HG   sing N N 397 
SER OXT HXT  sing N N 398 
THR N   CA   sing N N 399 
THR N   H    sing N N 400 
THR N   H2   sing N N 401 
THR CA  C    sing N N 402 
THR CA  CB   sing N N 403 
THR CA  HA   sing N N 404 
THR C   O    doub N N 405 
THR C   OXT  sing N N 406 
THR CB  OG1  sing N N 407 
THR CB  CG2  sing N N 408 
THR CB  HB   sing N N 409 
THR OG1 HG1  sing N N 410 
THR CG2 HG21 sing N N 411 
THR CG2 HG22 sing N N 412 
THR CG2 HG23 sing N N 413 
THR OXT HXT  sing N N 414 
TRP N   CA   sing N N 415 
TRP N   H    sing N N 416 
TRP N   H2   sing N N 417 
TRP CA  C    sing N N 418 
TRP CA  CB   sing N N 419 
TRP CA  HA   sing N N 420 
TRP C   O    doub N N 421 
TRP C   OXT  sing N N 422 
TRP CB  CG   sing N N 423 
TRP CB  HB2  sing N N 424 
TRP CB  HB3  sing N N 425 
TRP CG  CD1  doub Y N 426 
TRP CG  CD2  sing Y N 427 
TRP CD1 NE1  sing Y N 428 
TRP CD1 HD1  sing N N 429 
TRP CD2 CE2  doub Y N 430 
TRP CD2 CE3  sing Y N 431 
TRP NE1 CE2  sing Y N 432 
TRP NE1 HE1  sing N N 433 
TRP CE2 CZ2  sing Y N 434 
TRP CE3 CZ3  doub Y N 435 
TRP CE3 HE3  sing N N 436 
TRP CZ2 CH2  doub Y N 437 
TRP CZ2 HZ2  sing N N 438 
TRP CZ3 CH2  sing Y N 439 
TRP CZ3 HZ3  sing N N 440 
TRP CH2 HH2  sing N N 441 
TRP OXT HXT  sing N N 442 
TYR N   CA   sing N N 443 
TYR N   H    sing N N 444 
TYR N   H2   sing N N 445 
TYR CA  C    sing N N 446 
TYR CA  CB   sing N N 447 
TYR CA  HA   sing N N 448 
TYR C   O    doub N N 449 
TYR C   OXT  sing N N 450 
TYR CB  CG   sing N N 451 
TYR CB  HB2  sing N N 452 
TYR CB  HB3  sing N N 453 
TYR CG  CD1  doub Y N 454 
TYR CG  CD2  sing Y N 455 
TYR CD1 CE1  sing Y N 456 
TYR CD1 HD1  sing N N 457 
TYR CD2 CE2  doub Y N 458 
TYR CD2 HD2  sing N N 459 
TYR CE1 CZ   doub Y N 460 
TYR CE1 HE1  sing N N 461 
TYR CE2 CZ   sing Y N 462 
TYR CE2 HE2  sing N N 463 
TYR CZ  OH   sing N N 464 
TYR OH  HH   sing N N 465 
TYR OXT HXT  sing N N 466 
VAL N   CA   sing N N 467 
VAL N   H    sing N N 468 
VAL N   H2   sing N N 469 
VAL CA  C    sing N N 470 
VAL CA  CB   sing N N 471 
VAL CA  HA   sing N N 472 
VAL C   O    doub N N 473 
VAL C   OXT  sing N N 474 
VAL CB  CG1  sing N N 475 
VAL CB  CG2  sing N N 476 
VAL CB  HB   sing N N 477 
VAL CG1 HG11 sing N N 478 
VAL CG1 HG12 sing N N 479 
VAL CG1 HG13 sing N N 480 
VAL CG2 HG21 sing N N 481 
VAL CG2 HG22 sing N N 482 
VAL CG2 HG23 sing N N 483 
VAL OXT HXT  sing N N 484 
# 
loop_
_pdbx_entity_nonpoly.entity_id 
_pdbx_entity_nonpoly.name 
_pdbx_entity_nonpoly.comp_id 
2 'DODECAETHYLENE GLYCOL'                12P 
3 '5-methyl-1H-indole-2-carboxylic acid' 4BY 
4 water                                  HOH 
# 
_pdbx_initial_refinement_model.id               1 
_pdbx_initial_refinement_model.entity_id_list   ? 
_pdbx_initial_refinement_model.type             'experimental model' 
_pdbx_initial_refinement_model.source_name      PDB 
_pdbx_initial_refinement_model.accession_code   1PIN 
_pdbx_initial_refinement_model.details          'PDB ENTRY 1PIN' 
# 
